data_2WET
#
_entry.id   2WET
#
_cell.length_a   137.530
_cell.length_b   137.530
_cell.length_c   307.830
_cell.angle_alpha   90.00
_cell.angle_beta   90.00
_cell.angle_gamma   90.00
#
_symmetry.space_group_name_H-M   'P 43 21 2'
#
loop_
_entity.id
_entity.type
_entity.pdbx_description
1 polymer 'TRYPTOPHAN 5-HALOGENASE'
2 non-polymer 'CHLORIDE ION'
3 non-polymer 'FLAVIN-ADENINE DINUCLEOTIDE'
4 non-polymer TRYPTOPHAN
5 non-polymer 'SULFATE ION'
6 water water
#
_entity_poly.entity_id   1
_entity_poly.type   'polypeptide(L)'
_entity_poly.pdbx_seq_one_letter_code
;MIRSVVIVGGGTAGWMTASYLKAAFDDRIDVTLVESGNVRRIGVGEATFSTVRHFFDYLGLDEREWLPRCAGGYKLGIRF
ENWSEPGEYFYHPFERLRVVDGFNMAEWWLAVGDRRTSFSEACYLTHRLCEAKRAPRMLDGSLFASQVDESLGRSTLAEQ
RAQFPYAYHFDADEVARYLSEYAIARGVRHVVDDVQHVGQDERGWISGVHTKQHGEISGDLFVDCTGFRGLLINQTLGGR
FQSFSDVLPNNRAVALRVPRENDEDMRPYTTATAMSAGWMWTIPLFKRDGNGYVYSDEFISPEEAERELRSTVAPGRDDL
EANHIQMRIGRNERTWINNCVAVGLSAAFVEPLESTGIFFIQHAIEQLVKHFPGERWDPVLISAYNERMAHMVDGVKEFL
VLHYKGAQREDTPYWKAAKTRAMPDGLARKLELSASHLLDEQTIYPYYHGFETYSWITMNLGLGIVPERPRPALLHMDPA
PALAEFERLRREGDELIAALPSCYEYLASIQ
;
_entity_poly.pdbx_strand_id   A,B,C,D
#
loop_
_chem_comp.id
_chem_comp.type
_chem_comp.name
_chem_comp.formula
CL non-polymer 'CHLORIDE ION' 'Cl -1'
FAD non-polymer 'FLAVIN-ADENINE DINUCLEOTIDE' 'C27 H33 N9 O15 P2'
SO4 non-polymer 'SULFATE ION' 'O4 S -2'
#
# COMPACT_ATOMS: atom_id res chain seq x y z
N MET A 1 5.80 34.00 -48.42
CA MET A 1 4.71 33.84 -47.40
C MET A 1 3.90 32.56 -47.65
N ILE A 2 3.75 31.71 -46.65
CA ILE A 2 3.02 30.45 -46.85
C ILE A 2 1.50 30.57 -46.58
N ARG A 3 0.72 29.69 -47.19
CA ARG A 3 -0.73 29.89 -47.25
C ARG A 3 -1.49 28.88 -46.38
N SER A 4 -1.05 27.63 -46.39
CA SER A 4 -1.91 26.58 -45.91
C SER A 4 -1.24 25.61 -45.01
N VAL A 5 -2.00 25.22 -43.99
CA VAL A 5 -1.61 24.24 -43.00
C VAL A 5 -2.53 23.02 -43.11
N VAL A 6 -1.92 21.83 -43.10
CA VAL A 6 -2.66 20.59 -42.98
C VAL A 6 -2.32 19.91 -41.67
N ILE A 7 -3.33 19.76 -40.83
CA ILE A 7 -3.19 19.06 -39.54
C ILE A 7 -3.72 17.65 -39.65
N VAL A 8 -2.96 16.69 -39.16
CA VAL A 8 -3.39 15.29 -39.20
C VAL A 8 -3.62 14.86 -37.75
N GLY A 9 -4.89 14.58 -37.44
CA GLY A 9 -5.31 14.17 -36.11
C GLY A 9 -6.29 15.14 -35.48
N GLY A 10 -7.31 14.56 -34.85
CA GLY A 10 -8.37 15.29 -34.19
C GLY A 10 -8.53 15.00 -32.71
N GLY A 11 -7.42 14.78 -32.01
CA GLY A 11 -7.44 14.78 -30.56
C GLY A 11 -7.41 16.21 -30.03
N THR A 12 -7.12 16.36 -28.75
CA THR A 12 -6.97 17.70 -28.16
C THR A 12 -5.86 18.52 -28.87
N ALA A 13 -4.80 17.85 -29.28
CA ALA A 13 -3.68 18.54 -29.99
C ALA A 13 -4.12 19.11 -31.32
N GLY A 14 -4.69 18.27 -32.19
CA GLY A 14 -5.22 18.73 -33.49
C GLY A 14 -6.13 19.94 -33.36
N TRP A 15 -7.13 19.86 -32.48
CA TRP A 15 -8.14 20.91 -32.38
C TRP A 15 -7.65 22.17 -31.65
N MET A 16 -6.74 22.02 -30.68
CA MET A 16 -6.07 23.20 -30.12
C MET A 16 -5.28 23.97 -31.17
N THR A 17 -4.59 23.22 -32.05
CA THR A 17 -3.76 23.81 -33.08
C THR A 17 -4.63 24.55 -34.09
N ALA A 18 -5.71 23.88 -34.52
CA ALA A 18 -6.58 24.41 -35.54
C ALA A 18 -7.20 25.71 -35.02
N SER A 19 -7.73 25.64 -33.81
CA SER A 19 -8.32 26.80 -33.12
C SER A 19 -7.37 27.98 -33.01
N TYR A 20 -6.15 27.71 -32.51
CA TYR A 20 -5.16 28.75 -32.24
C TYR A 20 -4.66 29.43 -33.50
N LEU A 21 -4.45 28.65 -34.55
CA LEU A 21 -4.05 29.19 -35.85
C LEU A 21 -5.08 30.13 -36.43
N LYS A 22 -6.37 29.76 -36.29
CA LYS A 22 -7.42 30.63 -36.79
C LYS A 22 -7.52 31.88 -35.93
N ALA A 23 -7.41 31.72 -34.61
CA ALA A 23 -7.40 32.86 -33.71
C ALA A 23 -6.23 33.81 -34.05
N ALA A 24 -5.07 33.24 -34.35
CA ALA A 24 -3.87 34.05 -34.63
C ALA A 24 -3.92 34.80 -35.93
N PHE A 25 -4.28 34.10 -37.00
CA PHE A 25 -4.10 34.61 -38.35
C PHE A 25 -5.41 34.85 -39.12
N ASP A 26 -6.51 34.38 -38.54
CA ASP A 26 -7.86 34.50 -39.13
C ASP A 26 -7.87 34.10 -40.62
N ASP A 27 -8.22 35.03 -41.52
CA ASP A 27 -8.34 34.69 -42.94
C ASP A 27 -7.01 34.74 -43.68
N ARG A 28 -5.92 34.98 -42.96
CA ARG A 28 -4.59 35.01 -43.61
C ARG A 28 -3.88 33.65 -43.50
N ILE A 29 -4.67 32.61 -43.21
CA ILE A 29 -4.17 31.25 -43.21
C ILE A 29 -5.31 30.31 -43.59
N ASP A 30 -5.01 29.34 -44.44
CA ASP A 30 -5.96 28.28 -44.78
C ASP A 30 -5.58 27.03 -43.97
N VAL A 31 -6.54 26.43 -43.28
CA VAL A 31 -6.30 25.29 -42.42
C VAL A 31 -7.29 24.17 -42.72
N THR A 32 -6.76 22.96 -42.83
CA THR A 32 -7.50 21.75 -43.04
C THR A 32 -7.07 20.78 -41.99
N LEU A 33 -8.03 20.12 -41.35
CA LEU A 33 -7.73 19.08 -40.36
C LEU A 33 -8.37 17.77 -40.80
N VAL A 34 -7.54 16.73 -40.87
CA VAL A 34 -7.91 15.40 -41.30
C VAL A 34 -7.81 14.50 -40.08
N GLU A 35 -8.86 13.71 -39.82
CA GLU A 35 -8.83 12.81 -38.68
C GLU A 35 -9.62 11.55 -38.97
N SER A 36 -9.11 10.44 -38.46
CA SER A 36 -9.71 9.13 -38.66
C SER A 36 -11.07 9.04 -37.96
N GLY A 37 -12.02 8.41 -38.67
CA GLY A 37 -13.31 8.07 -38.12
C GLY A 37 -13.27 6.76 -37.32
N ASN A 38 -12.15 6.03 -37.40
CA ASN A 38 -12.00 4.75 -36.66
C ASN A 38 -10.84 4.58 -35.65
N VAL A 39 -9.84 5.46 -35.68
CA VAL A 39 -8.79 5.38 -34.72
C VAL A 39 -9.19 6.36 -33.63
N ARG A 40 -9.50 5.84 -32.45
N ARG A 40 -9.55 5.86 -32.45
CA ARG A 40 -9.97 6.68 -31.34
CA ARG A 40 -10.03 6.74 -31.39
C ARG A 40 -8.90 7.66 -30.85
C ARG A 40 -8.93 7.65 -30.84
N ARG A 41 -9.35 8.80 -30.31
CA ARG A 41 -8.50 9.69 -29.50
C ARG A 41 -8.08 8.93 -28.24
N ILE A 42 -6.98 9.36 -27.63
CA ILE A 42 -6.47 8.73 -26.43
C ILE A 42 -7.59 8.51 -25.38
N GLY A 43 -8.51 9.46 -25.23
CA GLY A 43 -9.60 9.31 -24.26
C GLY A 43 -9.32 9.88 -22.87
N VAL A 44 -8.06 10.30 -22.61
CA VAL A 44 -7.70 10.90 -21.33
C VAL A 44 -7.08 12.28 -21.56
N GLY A 45 -6.64 12.94 -20.49
CA GLY A 45 -6.05 14.28 -20.57
C GLY A 45 -7.08 15.29 -20.11
N GLU A 46 -7.26 15.35 -18.78
CA GLU A 46 -8.40 16.05 -18.18
C GLU A 46 -8.05 17.11 -17.13
N ALA A 47 -6.76 17.29 -16.87
CA ALA A 47 -6.29 18.30 -15.95
C ALA A 47 -5.32 19.20 -16.68
N THR A 48 -5.23 20.45 -16.25
CA THR A 48 -4.41 21.37 -17.00
C THR A 48 -3.43 22.14 -16.08
N PHE A 49 -2.53 22.88 -16.71
CA PHE A 49 -1.51 23.66 -16.01
C PHE A 49 -1.86 25.14 -16.01
N SER A 50 -1.18 25.93 -15.20
CA SER A 50 -1.59 27.34 -14.99
C SER A 50 -1.55 28.26 -16.22
N THR A 51 -0.82 27.87 -17.25
CA THR A 51 -0.78 28.68 -18.47
C THR A 51 -2.07 28.64 -19.29
N VAL A 52 -2.92 27.64 -19.07
CA VAL A 52 -4.07 27.38 -19.98
C VAL A 52 -5.11 28.53 -20.13
N ARG A 53 -5.30 29.36 -19.11
CA ARG A 53 -6.15 30.54 -19.19
C ARG A 53 -5.76 31.43 -20.36
N HIS A 54 -4.46 31.50 -20.66
CA HIS A 54 -3.97 32.33 -21.77
C HIS A 54 -4.44 31.79 -23.10
N PHE A 55 -4.50 30.47 -23.21
CA PHE A 55 -4.96 29.81 -24.44
C PHE A 55 -6.41 30.22 -24.70
N PHE A 56 -7.25 30.08 -23.68
CA PHE A 56 -8.67 30.45 -23.82
C PHE A 56 -8.89 31.94 -24.02
N ASP A 57 -8.12 32.80 -23.32
CA ASP A 57 -8.15 34.26 -23.56
C ASP A 57 -7.80 34.60 -24.99
N TYR A 58 -6.78 33.96 -25.54
CA TYR A 58 -6.35 34.21 -26.91
C TYR A 58 -7.45 33.88 -27.90
N LEU A 59 -8.18 32.81 -27.61
CA LEU A 59 -9.31 32.38 -28.43
C LEU A 59 -10.52 33.32 -28.30
N GLY A 60 -10.49 34.17 -27.28
CA GLY A 60 -11.62 35.08 -26.98
C GLY A 60 -12.74 34.40 -26.19
N LEU A 61 -12.38 33.42 -25.37
CA LEU A 61 -13.35 32.63 -24.61
C LEU A 61 -13.19 32.83 -23.12
N ASP A 62 -14.23 33.40 -22.50
CA ASP A 62 -14.32 33.50 -21.03
C ASP A 62 -14.60 32.11 -20.44
N GLU A 63 -14.11 31.86 -19.22
CA GLU A 63 -14.31 30.57 -18.56
C GLU A 63 -15.78 30.24 -18.34
N ARG A 64 -16.61 31.28 -18.15
CA ARG A 64 -18.03 31.10 -18.02
C ARG A 64 -18.65 30.50 -19.26
N GLU A 65 -18.03 30.72 -20.42
CA GLU A 65 -18.54 30.20 -21.67
C GLU A 65 -18.02 28.78 -21.91
N TRP A 66 -16.73 28.58 -21.73
CA TRP A 66 -16.16 27.33 -22.20
C TRP A 66 -16.17 26.20 -21.19
N LEU A 67 -16.09 26.53 -19.91
CA LEU A 67 -16.01 25.51 -18.86
C LEU A 67 -17.25 24.60 -18.66
N PRO A 68 -18.47 25.15 -18.53
CA PRO A 68 -19.66 24.27 -18.43
C PRO A 68 -19.81 23.39 -19.67
N ARG A 69 -19.32 23.94 -20.75
CA ARG A 69 -19.49 23.41 -22.06
C ARG A 69 -18.47 22.28 -22.29
N CYS A 70 -17.38 22.30 -21.53
CA CYS A 70 -16.49 21.15 -21.46
C CYS A 70 -16.70 20.34 -20.16
N ALA A 71 -17.82 20.57 -19.49
CA ALA A 71 -18.21 19.78 -18.31
C ALA A 71 -17.12 19.81 -17.21
N GLY A 72 -16.39 20.93 -17.15
CA GLY A 72 -15.18 21.00 -16.33
C GLY A 72 -15.33 21.42 -14.88
N GLY A 73 -14.19 21.53 -14.21
CA GLY A 73 -14.13 22.00 -12.84
C GLY A 73 -12.87 22.83 -12.64
N TYR A 74 -12.58 23.15 -11.39
CA TYR A 74 -11.43 23.97 -11.04
C TYR A 74 -10.24 23.16 -10.54
N LYS A 75 -9.04 23.58 -10.93
CA LYS A 75 -7.84 22.96 -10.39
C LYS A 75 -6.98 23.99 -9.67
N LEU A 76 -7.04 23.99 -8.35
CA LEU A 76 -6.32 24.98 -7.55
C LEU A 76 -4.92 24.51 -7.29
N GLY A 77 -4.70 23.24 -7.58
CA GLY A 77 -3.43 22.59 -7.31
C GLY A 77 -3.55 21.08 -7.38
N ILE A 78 -2.53 20.39 -6.89
CA ILE A 78 -2.53 18.93 -6.82
C ILE A 78 -2.25 18.53 -5.37
N ARG A 79 -3.06 17.59 -4.87
CA ARG A 79 -2.87 17.00 -3.58
C ARG A 79 -2.10 15.69 -3.73
N PHE A 80 -0.93 15.63 -3.11
CA PHE A 80 -0.07 14.45 -3.15
C PHE A 80 -0.26 13.62 -1.88
N GLU A 81 -0.79 12.42 -2.06
CA GLU A 81 -1.16 11.54 -0.95
C GLU A 81 -0.28 10.30 -0.93
N ASN A 82 0.19 9.96 0.28
CA ASN A 82 0.83 8.69 0.56
C ASN A 82 2.19 8.50 -0.09
N TRP A 83 2.81 9.59 -0.55
CA TRP A 83 4.14 9.48 -1.18
C TRP A 83 5.27 9.17 -0.20
N SER A 84 5.12 9.63 1.04
CA SER A 84 6.24 9.52 1.96
C SER A 84 5.71 8.86 3.22
N GLU A 85 5.31 9.66 4.21
CA GLU A 85 4.53 9.07 5.32
C GLU A 85 3.21 8.56 4.78
N PRO A 86 2.78 7.37 5.21
CA PRO A 86 1.45 6.78 4.83
C PRO A 86 0.22 7.44 5.52
N GLY A 87 -0.88 7.61 4.81
CA GLY A 87 -1.97 8.49 5.29
C GLY A 87 -1.69 10.01 5.26
N GLU A 88 -0.47 10.41 4.87
CA GLU A 88 -0.06 11.82 4.89
C GLU A 88 -0.18 12.48 3.53
N TYR A 89 -0.31 13.81 3.51
CA TYR A 89 -0.46 14.51 2.25
C TYR A 89 -0.04 15.95 2.36
N PHE A 90 0.11 16.57 1.18
CA PHE A 90 0.32 18.00 1.09
C PHE A 90 -0.22 18.47 -0.25
N TYR A 91 -0.33 19.78 -0.43
CA TYR A 91 -0.75 20.36 -1.68
C TYR A 91 0.42 20.99 -2.43
N HIS A 92 0.41 20.85 -3.74
CA HIS A 92 1.20 21.70 -4.62
C HIS A 92 0.16 22.60 -5.30
N PRO A 93 0.03 23.84 -4.82
CA PRO A 93 -0.98 24.78 -5.27
C PRO A 93 -0.46 25.73 -6.33
N PHE A 94 -1.35 26.32 -7.11
CA PHE A 94 -1.00 27.38 -8.02
C PHE A 94 -1.09 28.70 -7.27
N GLU A 95 0.01 29.06 -6.62
CA GLU A 95 0.09 30.27 -5.81
C GLU A 95 1.56 30.63 -5.56
N ARG A 96 1.89 31.88 -5.83
CA ARG A 96 3.24 32.36 -5.61
C ARG A 96 3.45 32.68 -4.16
N LEU A 97 4.66 32.42 -3.66
CA LEU A 97 4.99 32.69 -2.27
C LEU A 97 5.14 34.19 -2.10
N ARG A 98 4.64 34.69 -0.99
CA ARG A 98 4.94 36.05 -0.58
C ARG A 98 6.37 36.16 -0.08
N VAL A 99 6.89 37.40 -0.13
CA VAL A 99 8.26 37.72 0.22
C VAL A 99 8.25 38.76 1.33
N VAL A 100 9.01 38.51 2.38
CA VAL A 100 9.10 39.42 3.49
C VAL A 100 10.58 39.71 3.74
N ASP A 101 10.92 41.00 3.72
CA ASP A 101 12.30 41.46 3.95
C ASP A 101 13.33 40.67 3.14
N GLY A 102 13.00 40.40 1.88
CA GLY A 102 13.91 39.75 0.96
C GLY A 102 13.91 38.24 0.91
N PHE A 103 13.19 37.59 1.83
CA PHE A 103 13.09 36.14 1.85
C PHE A 103 11.64 35.65 1.66
N ASN A 104 11.44 34.62 0.83
CA ASN A 104 10.09 34.08 0.66
C ASN A 104 9.60 33.36 1.92
N MET A 105 8.32 33.00 1.94
CA MET A 105 7.69 32.51 3.18
C MET A 105 8.17 31.11 3.52
N ALA A 106 8.67 30.39 2.52
CA ALA A 106 9.25 29.09 2.74
C ALA A 106 10.51 29.22 3.62
N GLU A 107 11.41 30.14 3.28
CA GLU A 107 12.59 30.39 4.13
C GLU A 107 12.19 30.74 5.57
N TRP A 108 11.23 31.64 5.71
CA TRP A 108 10.75 32.03 7.03
C TRP A 108 10.09 30.88 7.78
N TRP A 109 9.30 30.07 7.06
CA TRP A 109 8.66 28.87 7.63
C TRP A 109 9.68 27.95 8.31
N LEU A 110 10.79 27.72 7.62
CA LEU A 110 11.87 26.91 8.15
C LEU A 110 12.48 27.49 9.41
N ALA A 111 12.51 28.83 9.47
CA ALA A 111 13.15 29.51 10.60
C ALA A 111 12.23 29.69 11.81
N VAL A 112 10.97 30.08 11.55
CA VAL A 112 10.07 30.50 12.63
C VAL A 112 8.68 29.83 12.67
N GLY A 113 8.38 28.96 11.70
CA GLY A 113 7.15 28.17 11.75
C GLY A 113 7.06 27.27 12.98
N THR A 117 1.59 22.95 12.17
CA THR A 117 1.34 23.58 10.85
C THR A 117 2.33 23.18 9.72
N SER A 118 1.81 22.54 8.69
CA SER A 118 2.64 22.07 7.59
C SER A 118 3.02 23.25 6.70
N PHE A 119 3.98 23.03 5.79
CA PHE A 119 4.46 24.09 4.91
C PHE A 119 3.36 24.68 4.03
N SER A 120 2.70 23.84 3.23
CA SER A 120 1.64 24.36 2.37
C SER A 120 0.56 25.10 3.19
N GLU A 121 0.21 24.53 4.34
CA GLU A 121 -0.83 25.16 5.16
C GLU A 121 -0.46 26.55 5.71
N ALA A 122 0.79 26.71 6.14
CA ALA A 122 1.25 27.97 6.68
C ALA A 122 1.44 29.04 5.59
N CYS A 123 1.89 28.62 4.40
CA CYS A 123 2.33 29.55 3.37
C CYS A 123 1.34 29.91 2.26
N TYR A 124 0.32 29.08 2.05
CA TYR A 124 -0.56 29.23 0.90
C TYR A 124 -2.04 29.34 1.26
N LEU A 125 -2.69 30.42 0.83
CA LEU A 125 -4.15 30.55 0.94
C LEU A 125 -4.86 29.35 0.28
N THR A 126 -4.40 28.99 -0.90
CA THR A 126 -4.93 27.87 -1.66
C THR A 126 -5.12 26.60 -0.86
N HIS A 127 -4.27 26.37 0.15
CA HIS A 127 -4.37 25.17 0.99
C HIS A 127 -5.75 25.12 1.67
N ARG A 128 -6.18 26.25 2.21
CA ARG A 128 -7.45 26.33 2.90
C ARG A 128 -8.59 26.12 1.91
N LEU A 129 -8.46 26.73 0.75
CA LEU A 129 -9.50 26.67 -0.27
C LEU A 129 -9.71 25.23 -0.70
N CYS A 130 -8.62 24.49 -0.79
CA CYS A 130 -8.72 23.09 -1.16
C CYS A 130 -9.37 22.26 -0.08
N GLU A 131 -8.95 22.47 1.18
CA GLU A 131 -9.48 21.72 2.33
C GLU A 131 -10.98 21.94 2.51
N ALA A 132 -11.42 23.18 2.26
CA ALA A 132 -12.80 23.58 2.46
C ALA A 132 -13.59 23.44 1.17
N LYS A 133 -12.93 22.95 0.12
CA LYS A 133 -13.54 22.68 -1.18
C LYS A 133 -14.18 23.89 -1.83
N ARG A 134 -13.53 25.05 -1.72
CA ARG A 134 -14.03 26.28 -2.28
C ARG A 134 -13.79 26.47 -3.79
N ALA A 135 -14.64 27.28 -4.40
CA ALA A 135 -14.41 27.77 -5.75
C ALA A 135 -13.45 28.96 -5.65
N PRO A 136 -12.70 29.23 -6.73
CA PRO A 136 -11.86 30.43 -6.72
C PRO A 136 -12.65 31.72 -7.04
N ARG A 137 -13.97 31.63 -7.17
CA ARG A 137 -14.77 32.82 -7.45
C ARG A 137 -15.94 32.94 -6.48
N MET A 138 -16.32 34.17 -6.18
CA MET A 138 -17.57 34.49 -5.51
C MET A 138 -18.70 34.29 -6.50
N LEU A 139 -19.93 34.19 -5.99
CA LEU A 139 -21.08 33.97 -6.85
C LEU A 139 -21.25 35.07 -7.92
N ASP A 140 -20.83 36.30 -7.60
CA ASP A 140 -20.90 37.41 -8.56
C ASP A 140 -19.80 37.35 -9.60
N GLY A 141 -18.99 36.31 -9.54
CA GLY A 141 -17.97 36.08 -10.57
C GLY A 141 -16.63 36.73 -10.33
N SER A 142 -16.51 37.46 -9.22
CA SER A 142 -15.24 38.12 -8.89
C SER A 142 -14.22 37.13 -8.33
N LEU A 143 -12.96 37.33 -8.72
CA LEU A 143 -11.87 36.47 -8.31
C LEU A 143 -11.60 36.64 -6.84
N PHE A 144 -11.25 35.57 -6.14
CA PHE A 144 -11.05 35.64 -4.69
C PHE A 144 -9.92 36.57 -4.27
N ALA A 145 -8.86 36.62 -5.07
CA ALA A 145 -7.75 37.54 -4.86
C ALA A 145 -8.29 38.95 -4.61
N SER A 146 -9.35 39.31 -5.34
CA SER A 146 -10.08 40.55 -5.12
C SER A 146 -10.73 40.58 -3.73
N GLU A 159 -1.95 40.75 -13.24
CA GLU A 159 -3.24 40.95 -12.59
C GLU A 159 -3.23 40.17 -11.24
N GLN A 160 -4.39 40.05 -10.62
CA GLN A 160 -4.59 39.13 -9.50
C GLN A 160 -4.71 37.67 -9.98
N ARG A 161 -4.95 37.49 -11.27
CA ARG A 161 -5.02 36.15 -11.84
C ARG A 161 -3.66 35.43 -11.85
N ALA A 162 -2.58 36.23 -11.97
CA ALA A 162 -1.21 35.70 -12.00
C ALA A 162 -0.71 35.26 -10.63
N GLN A 163 -1.21 35.91 -9.58
CA GLN A 163 -0.79 35.65 -8.20
C GLN A 163 -1.34 34.30 -7.70
N PHE A 164 -2.52 33.93 -8.20
CA PHE A 164 -3.13 32.63 -7.95
C PHE A 164 -3.55 32.03 -9.30
N PRO A 165 -2.56 31.56 -10.09
CA PRO A 165 -2.82 31.11 -11.46
C PRO A 165 -3.48 29.72 -11.50
N TYR A 166 -4.68 29.60 -10.92
CA TYR A 166 -5.43 28.33 -10.95
C TYR A 166 -5.69 27.85 -12.38
N ALA A 167 -5.74 26.53 -12.55
CA ALA A 167 -6.12 25.93 -13.82
C ALA A 167 -7.46 25.19 -13.74
N TYR A 168 -7.62 24.16 -14.56
CA TYR A 168 -8.93 23.52 -14.79
C TYR A 168 -8.87 22.01 -14.98
N HIS A 169 -10.03 21.39 -14.72
CA HIS A 169 -10.30 20.02 -15.11
C HIS A 169 -11.34 20.11 -16.18
N PHE A 170 -11.28 19.24 -17.18
CA PHE A 170 -12.40 19.14 -18.11
C PHE A 170 -12.52 17.74 -18.69
N ASP A 171 -13.66 17.48 -19.32
CA ASP A 171 -13.92 16.21 -19.97
C ASP A 171 -13.20 16.19 -21.30
N ALA A 172 -12.43 15.13 -21.54
CA ALA A 172 -11.58 15.03 -22.71
C ALA A 172 -12.35 14.95 -24.03
N ASP A 173 -13.45 14.18 -24.02
CA ASP A 173 -14.39 14.15 -25.16
C ASP A 173 -14.96 15.52 -25.47
N GLU A 174 -15.41 16.22 -24.44
CA GLU A 174 -16.13 17.48 -24.64
C GLU A 174 -15.24 18.58 -25.17
N VAL A 175 -14.05 18.70 -24.60
CA VAL A 175 -13.10 19.74 -25.05
C VAL A 175 -12.74 19.60 -26.54
N ALA A 176 -12.48 18.37 -27.00
CA ALA A 176 -12.25 18.14 -28.45
C ALA A 176 -13.46 18.54 -29.30
N ARG A 177 -14.63 18.13 -28.81
CA ARG A 177 -15.90 18.42 -29.47
C ARG A 177 -16.12 19.93 -29.55
N TYR A 178 -15.88 20.61 -28.42
CA TYR A 178 -16.05 22.06 -28.32
C TYR A 178 -15.09 22.86 -29.21
N LEU A 179 -13.81 22.55 -29.14
CA LEU A 179 -12.79 23.18 -30.01
C LEU A 179 -12.94 22.88 -31.49
N SER A 180 -13.34 21.66 -31.85
CA SER A 180 -13.63 21.42 -33.30
C SER A 180 -14.74 22.32 -33.82
N GLU A 181 -15.73 22.61 -32.99
CA GLU A 181 -16.79 23.48 -33.38
C GLU A 181 -16.29 24.92 -33.51
N TYR A 182 -15.44 25.31 -32.56
CA TYR A 182 -14.81 26.63 -32.57
C TYR A 182 -14.04 26.85 -33.86
N ALA A 183 -13.18 25.88 -34.17
CA ALA A 183 -12.34 25.89 -35.37
C ALA A 183 -13.13 25.85 -36.67
N ILE A 184 -14.10 24.94 -36.76
CA ILE A 184 -14.94 24.79 -37.95
C ILE A 184 -15.77 26.06 -38.18
N ALA A 185 -16.27 26.65 -37.10
CA ALA A 185 -17.04 27.91 -37.22
C ALA A 185 -16.18 29.01 -37.81
N ARG A 186 -14.86 28.85 -37.69
CA ARG A 186 -13.92 29.86 -38.18
C ARG A 186 -13.28 29.52 -39.50
N GLY A 187 -13.75 28.47 -40.16
CA GLY A 187 -13.36 28.16 -41.55
C GLY A 187 -12.31 27.06 -41.71
N VAL A 188 -11.98 26.35 -40.64
CA VAL A 188 -11.17 25.16 -40.77
C VAL A 188 -11.91 24.10 -41.58
N ARG A 189 -11.31 23.63 -42.66
CA ARG A 189 -11.87 22.55 -43.45
C ARG A 189 -11.64 21.25 -42.68
N HIS A 190 -12.71 20.48 -42.47
CA HIS A 190 -12.65 19.26 -41.68
C HIS A 190 -12.83 18.07 -42.62
N VAL A 191 -11.93 17.09 -42.53
CA VAL A 191 -12.04 15.87 -43.34
C VAL A 191 -11.99 14.67 -42.39
N VAL A 192 -12.99 13.78 -42.48
CA VAL A 192 -12.99 12.57 -41.67
C VAL A 192 -12.61 11.41 -42.56
N ASP A 193 -11.37 10.96 -42.42
CA ASP A 193 -10.79 9.92 -43.28
C ASP A 193 -9.47 9.42 -42.67
N ASP A 194 -9.02 8.28 -43.15
CA ASP A 194 -7.71 7.76 -42.77
C ASP A 194 -6.68 8.18 -43.79
N VAL A 195 -5.57 8.70 -43.29
CA VAL A 195 -4.38 8.87 -44.09
C VAL A 195 -3.73 7.48 -44.22
N GLN A 196 -3.58 7.06 -45.46
CA GLN A 196 -2.99 5.76 -45.77
C GLN A 196 -1.49 5.86 -46.09
N HIS A 197 -1.07 7.02 -46.57
N HIS A 197 -1.09 7.01 -46.63
CA HIS A 197 0.30 7.22 -47.06
CA HIS A 197 0.30 7.23 -47.01
C HIS A 197 0.59 8.71 -47.00
C HIS A 197 0.57 8.72 -46.85
N VAL A 198 1.85 9.05 -46.69
CA VAL A 198 2.29 10.44 -46.68
C VAL A 198 3.33 10.61 -47.79
N GLY A 199 3.03 11.44 -48.77
CA GLY A 199 3.95 11.69 -49.88
C GLY A 199 5.10 12.59 -49.47
N GLN A 200 6.23 12.39 -50.14
CA GLN A 200 7.42 13.22 -49.93
C GLN A 200 8.03 13.58 -51.30
N ASP A 201 8.48 14.83 -51.43
CA ASP A 201 9.10 15.31 -52.69
C ASP A 201 10.53 14.83 -52.74
N GLU A 202 11.29 15.30 -53.72
CA GLU A 202 12.64 14.77 -53.90
C GLU A 202 13.62 15.21 -52.80
N ARG A 203 13.22 16.16 -51.98
CA ARG A 203 14.06 16.60 -50.88
C ARG A 203 13.62 16.00 -49.53
N GLY A 204 12.59 15.17 -49.53
CA GLY A 204 12.16 14.55 -48.29
C GLY A 204 11.11 15.36 -47.55
N TRP A 205 10.78 16.51 -48.11
CA TRP A 205 9.70 17.36 -47.61
C TRP A 205 8.34 16.70 -47.92
N ILE A 206 7.38 16.87 -47.01
CA ILE A 206 6.06 16.31 -47.19
C ILE A 206 5.36 17.10 -48.31
N SER A 207 4.83 16.37 -49.29
CA SER A 207 4.07 16.98 -50.38
C SER A 207 2.56 16.91 -50.20
N GLY A 208 2.09 15.90 -49.47
CA GLY A 208 0.66 15.71 -49.21
C GLY A 208 0.43 14.42 -48.46
N VAL A 209 -0.81 14.28 -47.96
CA VAL A 209 -1.28 13.09 -47.26
C VAL A 209 -2.38 12.44 -48.10
N HIS A 210 -2.26 11.14 -48.33
CA HIS A 210 -3.19 10.42 -49.19
C HIS A 210 -4.23 9.70 -48.35
N THR A 211 -5.49 10.05 -48.60
CA THR A 211 -6.57 9.50 -47.81
C THR A 211 -7.30 8.39 -48.54
N LYS A 212 -8.00 7.56 -47.77
CA LYS A 212 -8.73 6.43 -48.31
C LYS A 212 -9.84 6.87 -49.31
N GLN A 213 -10.52 7.97 -49.04
CA GLN A 213 -11.67 8.37 -49.84
C GLN A 213 -11.68 9.82 -50.34
N HIS A 214 -10.73 10.64 -49.90
CA HIS A 214 -10.70 12.06 -50.30
C HIS A 214 -9.48 12.44 -51.16
N GLY A 215 -8.78 11.45 -51.71
CA GLY A 215 -7.56 11.68 -52.49
C GLY A 215 -6.41 12.33 -51.71
N GLU A 216 -5.53 12.99 -52.46
CA GLU A 216 -4.42 13.72 -51.83
C GLU A 216 -4.82 15.07 -51.23
N ILE A 217 -4.44 15.31 -49.97
CA ILE A 217 -4.57 16.63 -49.36
C ILE A 217 -3.18 17.24 -49.13
N SER A 218 -2.89 18.32 -49.87
CA SER A 218 -1.60 18.98 -49.84
C SER A 218 -1.70 20.31 -49.08
N GLY A 219 -0.54 20.88 -48.77
CA GLY A 219 -0.45 22.20 -48.16
C GLY A 219 1.00 22.52 -47.95
N ASP A 220 1.29 23.68 -47.40
CA ASP A 220 2.66 24.13 -47.21
C ASP A 220 3.26 23.54 -45.94
N LEU A 221 2.54 23.68 -44.84
CA LEU A 221 2.98 23.20 -43.54
C LEU A 221 2.09 22.06 -43.03
N PHE A 222 2.72 21.00 -42.52
CA PHE A 222 2.01 19.86 -41.97
C PHE A 222 2.21 19.77 -40.49
N VAL A 223 1.13 19.62 -39.73
CA VAL A 223 1.23 19.46 -38.31
C VAL A 223 0.83 18.03 -37.94
N ASP A 224 1.77 17.30 -37.36
CA ASP A 224 1.53 15.92 -36.92
C ASP A 224 0.88 15.89 -35.53
N CYS A 225 -0.41 15.56 -35.51
CA CYS A 225 -1.17 15.43 -34.28
C CYS A 225 -1.79 14.03 -34.15
N THR A 226 -1.03 13.04 -34.60
CA THR A 226 -1.48 11.65 -34.67
C THR A 226 -1.30 10.86 -33.36
N GLY A 227 -0.82 11.50 -32.28
CA GLY A 227 -0.56 10.81 -31.01
C GLY A 227 0.75 10.03 -31.02
N PHE A 228 0.89 9.11 -30.07
CA PHE A 228 2.08 8.28 -29.90
C PHE A 228 2.65 7.69 -31.20
N ARG A 229 1.76 7.41 -32.12
CA ARG A 229 1.99 6.88 -33.45
C ARG A 229 3.05 7.69 -34.26
N GLY A 230 3.03 9.01 -34.12
CA GLY A 230 3.98 9.90 -34.83
C GLY A 230 4.10 9.57 -36.32
N LEU A 231 2.97 9.62 -36.99
CA LEU A 231 2.84 9.07 -38.34
C LEU A 231 3.64 9.88 -39.38
N LEU A 232 3.70 11.19 -39.22
CA LEU A 232 4.51 12.04 -40.09
C LEU A 232 5.94 12.16 -39.55
N ILE A 233 6.08 12.61 -38.30
CA ILE A 233 7.36 12.99 -37.72
C ILE A 233 8.32 11.79 -37.51
N ASN A 234 7.74 10.65 -37.12
CA ASN A 234 8.52 9.43 -36.89
C ASN A 234 8.44 8.42 -38.04
N GLN A 235 7.23 8.05 -38.45
CA GLN A 235 7.09 6.96 -39.42
C GLN A 235 7.39 7.37 -40.85
N THR A 236 7.21 8.66 -41.18
CA THR A 236 7.52 9.16 -42.49
C THR A 236 8.92 9.82 -42.56
N LEU A 237 9.19 10.73 -41.62
CA LEU A 237 10.41 11.55 -41.65
C LEU A 237 11.61 10.97 -40.91
N GLY A 238 11.40 9.90 -40.15
CA GLY A 238 12.50 9.20 -39.50
C GLY A 238 13.03 9.95 -38.30
N GLY A 239 12.24 10.86 -37.76
CA GLY A 239 12.62 11.57 -36.54
C GLY A 239 13.04 10.58 -35.47
N ARG A 240 14.06 10.91 -34.70
CA ARG A 240 14.51 10.01 -33.64
C ARG A 240 13.85 10.34 -32.33
N PHE A 241 13.33 9.33 -31.66
CA PHE A 241 12.63 9.51 -30.43
C PHE A 241 13.59 9.13 -29.30
N GLN A 242 13.73 10.03 -28.34
CA GLN A 242 14.55 9.79 -27.17
C GLN A 242 13.66 9.35 -26.01
N SER A 243 13.81 8.09 -25.63
CA SER A 243 13.09 7.52 -24.49
C SER A 243 13.61 8.03 -23.12
N PHE A 244 12.70 8.23 -22.15
CA PHE A 244 13.11 8.56 -20.78
C PHE A 244 12.91 7.37 -19.82
N SER A 245 12.74 6.17 -20.34
CA SER A 245 12.47 5.00 -19.49
C SER A 245 13.57 4.66 -18.50
N ASP A 246 14.80 5.09 -18.79
CA ASP A 246 15.90 4.85 -17.90
C ASP A 246 15.73 5.60 -16.59
N VAL A 247 15.17 6.80 -16.62
CA VAL A 247 14.98 7.55 -15.37
C VAL A 247 13.52 7.61 -14.86
N LEU A 248 12.56 7.37 -15.77
CA LEU A 248 11.13 7.43 -15.49
C LEU A 248 10.46 6.22 -16.14
N PRO A 249 10.48 5.06 -15.47
CA PRO A 249 10.05 3.79 -16.05
C PRO A 249 8.54 3.62 -16.31
N ASN A 250 7.67 4.47 -15.74
CA ASN A 250 6.23 4.20 -15.87
C ASN A 250 5.86 4.17 -17.35
N ASN A 251 5.29 3.07 -17.82
CA ASN A 251 5.12 2.92 -19.23
C ASN A 251 3.69 2.58 -19.65
N ARG A 252 2.80 2.41 -18.67
CA ARG A 252 1.41 2.11 -18.93
C ARG A 252 0.47 2.81 -17.99
N ALA A 253 -0.80 2.86 -18.39
CA ALA A 253 -1.83 3.42 -17.57
C ALA A 253 -3.11 2.58 -17.74
N VAL A 254 -3.97 2.64 -16.75
CA VAL A 254 -5.29 2.09 -16.88
C VAL A 254 -6.22 3.14 -16.32
N ALA A 255 -7.25 3.46 -17.12
CA ALA A 255 -8.17 4.57 -16.83
C ALA A 255 -9.62 4.14 -16.72
N LEU A 256 -10.36 4.90 -15.93
CA LEU A 256 -11.77 4.68 -15.68
C LEU A 256 -12.45 6.03 -15.64
N ARG A 257 -13.78 6.00 -15.81
CA ARG A 257 -14.65 7.15 -15.69
C ARG A 257 -15.66 6.80 -14.60
N VAL A 258 -15.48 7.38 -13.43
CA VAL A 258 -16.16 6.92 -12.24
C VAL A 258 -17.10 8.01 -11.79
N PRO A 259 -18.42 7.72 -11.78
CA PRO A 259 -19.41 8.68 -11.25
C PRO A 259 -19.21 8.90 -9.76
N ARG A 260 -19.37 10.13 -9.31
CA ARG A 260 -19.32 10.46 -7.89
C ARG A 260 -20.68 10.07 -7.29
N GLU A 261 -20.68 9.41 -6.13
CA GLU A 261 -21.93 9.11 -5.46
C GLU A 261 -22.71 10.42 -5.20
N ASN A 262 -21.99 11.43 -4.76
CA ASN A 262 -22.52 12.78 -4.54
C ASN A 262 -21.81 13.81 -5.44
N ASP A 263 -22.48 14.26 -6.49
CA ASP A 263 -21.94 15.28 -7.39
C ASP A 263 -21.52 16.56 -6.66
N GLU A 264 -22.31 16.99 -5.69
CA GLU A 264 -22.04 18.18 -4.90
C GLU A 264 -20.70 18.15 -4.17
N ASP A 265 -20.19 16.95 -3.88
CA ASP A 265 -18.94 16.75 -3.14
C ASP A 265 -17.75 16.77 -4.12
N MET A 266 -17.38 17.97 -4.53
CA MET A 266 -16.50 18.17 -5.65
C MET A 266 -15.25 18.93 -5.21
N ARG A 267 -14.11 18.27 -5.33
CA ARG A 267 -12.84 18.88 -4.96
C ARG A 267 -12.28 19.74 -6.06
N PRO A 268 -11.80 20.95 -5.69
CA PRO A 268 -11.17 21.88 -6.65
C PRO A 268 -9.67 21.60 -6.80
N TYR A 269 -9.31 20.33 -6.98
CA TYR A 269 -7.93 19.92 -7.17
C TYR A 269 -7.88 18.50 -7.70
N THR A 270 -6.77 18.19 -8.36
CA THR A 270 -6.41 16.84 -8.74
C THR A 270 -5.75 16.14 -7.54
N THR A 271 -5.94 14.84 -7.43
CA THR A 271 -5.25 14.07 -6.40
C THR A 271 -4.30 13.10 -7.06
N ALA A 272 -3.05 13.12 -6.62
CA ALA A 272 -2.07 12.13 -7.04
C ALA A 272 -1.76 11.27 -5.84
N THR A 273 -2.17 10.02 -5.90
CA THR A 273 -2.01 9.12 -4.74
C THR A 273 -1.01 8.04 -5.07
N ALA A 274 0.03 7.94 -4.26
CA ALA A 274 1.05 6.92 -4.54
C ALA A 274 0.46 5.53 -4.32
N MET A 275 0.70 4.63 -5.28
CA MET A 275 0.17 3.27 -5.16
C MET A 275 1.34 2.29 -5.04
N SER A 276 1.08 1.00 -5.20
CA SER A 276 2.11 0.03 -4.88
C SER A 276 3.17 -0.09 -5.96
N ALA A 277 2.84 0.31 -7.17
CA ALA A 277 3.75 0.23 -8.29
C ALA A 277 3.58 1.41 -9.25
N GLY A 278 3.27 2.56 -8.69
CA GLY A 278 3.02 3.73 -9.48
C GLY A 278 2.18 4.68 -8.67
N TRP A 279 1.31 5.40 -9.35
CA TRP A 279 0.46 6.35 -8.69
C TRP A 279 -0.85 6.49 -9.46
N MET A 280 -1.86 7.04 -8.79
CA MET A 280 -3.22 7.12 -9.32
C MET A 280 -3.71 8.56 -9.36
N TRP A 281 -4.38 8.95 -10.44
CA TRP A 281 -4.96 10.29 -10.50
C TRP A 281 -6.46 10.26 -10.17
N THR A 282 -6.93 11.33 -9.54
CA THR A 282 -8.36 11.56 -9.36
C THR A 282 -8.58 12.97 -9.80
N ILE A 283 -9.45 13.11 -10.81
CA ILE A 283 -9.75 14.41 -11.43
C ILE A 283 -11.25 14.60 -11.38
N PRO A 284 -11.71 15.44 -10.45
CA PRO A 284 -13.16 15.69 -10.34
C PRO A 284 -13.72 16.59 -11.48
N LEU A 285 -14.61 16.04 -12.29
CA LEU A 285 -15.31 16.82 -13.32
C LEU A 285 -16.70 17.19 -12.81
N PHE A 286 -17.44 17.96 -13.60
CA PHE A 286 -18.78 18.38 -13.18
C PHE A 286 -19.73 17.18 -12.91
N LYS A 287 -19.68 16.17 -13.77
CA LYS A 287 -20.63 15.06 -13.68
C LYS A 287 -20.04 13.78 -13.08
N ARG A 288 -18.71 13.66 -13.09
CA ARG A 288 -18.06 12.41 -12.74
C ARG A 288 -16.61 12.70 -12.33
N ASP A 289 -15.90 11.67 -11.87
CA ASP A 289 -14.47 11.73 -11.69
C ASP A 289 -13.78 11.05 -12.88
N GLY A 290 -12.56 11.49 -13.17
CA GLY A 290 -11.63 10.74 -14.00
C GLY A 290 -10.61 10.08 -13.07
N ASN A 291 -10.32 8.82 -13.34
CA ASN A 291 -9.40 8.05 -12.52
C ASN A 291 -8.46 7.23 -13.37
N GLY A 292 -7.22 7.11 -12.92
CA GLY A 292 -6.27 6.25 -13.60
C GLY A 292 -5.09 5.87 -12.74
N TYR A 293 -4.52 4.73 -13.07
CA TYR A 293 -3.34 4.22 -12.39
C TYR A 293 -2.20 4.25 -13.41
N VAL A 294 -1.18 5.08 -13.14
CA VAL A 294 0.03 5.12 -13.94
C VAL A 294 1.06 4.20 -13.29
N TYR A 295 1.55 3.23 -14.07
CA TYR A 295 2.41 2.22 -13.49
C TYR A 295 3.53 1.76 -14.44
N SER A 296 4.48 0.99 -13.91
CA SER A 296 5.47 0.33 -14.73
C SER A 296 5.15 -1.16 -14.74
N ASP A 297 5.11 -1.74 -15.94
CA ASP A 297 4.80 -3.14 -16.10
C ASP A 297 5.96 -4.05 -15.78
N GLU A 298 7.11 -3.49 -15.40
CA GLU A 298 8.17 -4.29 -14.81
C GLU A 298 7.80 -4.72 -13.39
N PHE A 299 6.96 -3.95 -12.72
CA PHE A 299 6.64 -4.22 -11.33
C PHE A 299 5.24 -4.82 -11.07
N ILE A 300 4.32 -4.62 -12.01
CA ILE A 300 2.94 -5.03 -11.86
C ILE A 300 2.36 -5.27 -13.26
N SER A 301 1.50 -6.29 -13.39
CA SER A 301 0.87 -6.60 -14.67
C SER A 301 -0.32 -5.67 -14.95
N PRO A 302 -0.72 -5.54 -16.23
CA PRO A 302 -1.93 -4.76 -16.52
C PRO A 302 -3.21 -5.19 -15.75
N GLU A 303 -3.45 -6.49 -15.51
CA GLU A 303 -4.61 -6.87 -14.71
C GLU A 303 -4.47 -6.52 -13.25
N GLU A 304 -3.28 -6.77 -12.69
CA GLU A 304 -3.03 -6.46 -11.30
C GLU A 304 -3.30 -4.97 -11.08
N ALA A 305 -2.83 -4.12 -12.00
CA ALA A 305 -3.04 -2.68 -11.89
C ALA A 305 -4.51 -2.30 -11.99
N GLU A 306 -5.20 -2.89 -12.96
CA GLU A 306 -6.64 -2.73 -13.06
C GLU A 306 -7.34 -3.17 -11.78
N ARG A 307 -6.97 -4.31 -11.22
CA ARG A 307 -7.55 -4.80 -9.97
C ARG A 307 -7.28 -3.86 -8.81
N GLU A 308 -6.04 -3.37 -8.70
CA GLU A 308 -5.67 -2.40 -7.67
C GLU A 308 -6.46 -1.10 -7.81
N LEU A 309 -6.66 -0.65 -9.05
CA LEU A 309 -7.38 0.58 -9.30
C LEU A 309 -8.85 0.45 -8.91
N ARG A 310 -9.52 -0.57 -9.45
CA ARG A 310 -10.94 -0.80 -9.20
C ARG A 310 -11.23 -0.94 -7.69
N SER A 311 -10.35 -1.64 -6.99
CA SER A 311 -10.50 -1.91 -5.57
C SER A 311 -10.49 -0.64 -4.75
N THR A 312 -9.74 0.35 -5.22
CA THR A 312 -9.55 1.59 -4.50
C THR A 312 -10.69 2.58 -4.79
N VAL A 313 -11.08 2.74 -6.05
CA VAL A 313 -11.97 3.83 -6.38
C VAL A 313 -13.34 3.41 -6.89
N ALA A 314 -13.50 2.15 -7.28
CA ALA A 314 -14.78 1.66 -7.80
C ALA A 314 -15.09 0.21 -7.43
N PRO A 315 -15.06 -0.14 -6.13
CA PRO A 315 -15.37 -1.52 -5.72
C PRO A 315 -16.71 -2.05 -6.30
N GLY A 316 -16.69 -3.22 -6.93
CA GLY A 316 -17.92 -3.90 -7.38
C GLY A 316 -18.56 -3.33 -8.64
N ARG A 317 -17.94 -2.30 -9.20
CA ARG A 317 -18.52 -1.59 -10.35
C ARG A 317 -17.97 -2.08 -11.69
N ASP A 318 -18.22 -3.34 -11.99
CA ASP A 318 -17.63 -4.02 -13.16
C ASP A 318 -18.29 -3.65 -14.47
N ASP A 319 -19.40 -2.93 -14.41
CA ASP A 319 -20.02 -2.29 -15.58
C ASP A 319 -19.15 -1.17 -16.18
N LEU A 320 -18.18 -0.68 -15.42
CA LEU A 320 -17.31 0.40 -15.88
C LEU A 320 -16.15 -0.13 -16.69
N GLU A 321 -16.07 0.24 -17.95
CA GLU A 321 -15.04 -0.27 -18.85
C GLU A 321 -13.70 0.43 -18.60
N ALA A 322 -12.64 -0.37 -18.49
CA ALA A 322 -11.29 0.13 -18.25
C ALA A 322 -10.62 0.43 -19.59
N ASN A 323 -9.87 1.53 -19.67
CA ASN A 323 -9.14 1.84 -20.89
C ASN A 323 -7.64 1.67 -20.59
N HIS A 324 -7.05 0.63 -21.18
CA HIS A 324 -5.64 0.32 -21.00
C HIS A 324 -4.81 1.08 -22.02
N ILE A 325 -3.80 1.80 -21.56
CA ILE A 325 -2.97 2.61 -22.46
C ILE A 325 -1.50 2.25 -22.33
N GLN A 326 -0.84 2.06 -23.47
CA GLN A 326 0.61 1.95 -23.49
C GLN A 326 1.17 3.34 -23.79
N MET A 327 2.04 3.83 -22.91
CA MET A 327 2.56 5.22 -23.04
C MET A 327 3.92 5.26 -23.75
N ARG A 328 4.11 6.22 -24.64
CA ARG A 328 5.44 6.48 -25.22
C ARG A 328 6.09 7.67 -24.50
N ILE A 329 7.02 7.36 -23.61
CA ILE A 329 7.60 8.37 -22.69
C ILE A 329 8.95 8.87 -23.18
N GLY A 330 9.04 10.16 -23.46
CA GLY A 330 10.29 10.79 -23.86
C GLY A 330 9.97 11.91 -24.84
N ARG A 331 10.88 12.17 -25.80
CA ARG A 331 10.63 13.23 -26.76
C ARG A 331 11.36 12.97 -28.04
N ASN A 332 10.80 13.50 -29.11
CA ASN A 332 11.52 13.56 -30.37
C ASN A 332 12.73 14.49 -30.19
N GLU A 333 13.86 14.11 -30.79
CA GLU A 333 15.04 14.97 -30.83
C GLU A 333 14.66 16.32 -31.39
N ARG A 334 13.88 16.30 -32.46
CA ARG A 334 13.38 17.51 -33.09
C ARG A 334 11.91 17.31 -33.39
N THR A 335 11.10 18.29 -32.99
CA THR A 335 9.67 18.17 -33.21
C THR A 335 9.28 18.86 -34.49
N TRP A 336 10.21 19.65 -35.04
CA TRP A 336 10.03 20.29 -36.35
C TRP A 336 11.15 19.83 -37.29
N ILE A 337 10.76 19.06 -38.30
CA ILE A 337 11.64 18.54 -39.32
C ILE A 337 11.06 18.86 -40.69
N ASN A 338 11.85 19.51 -41.55
CA ASN A 338 11.39 19.96 -42.86
C ASN A 338 10.16 20.85 -42.73
N ASN A 339 9.09 20.51 -43.43
CA ASN A 339 7.84 21.24 -43.31
C ASN A 339 6.82 20.57 -42.38
N CYS A 340 7.30 19.82 -41.40
CA CYS A 340 6.42 19.13 -40.49
C CYS A 340 6.73 19.45 -39.03
N VAL A 341 5.70 19.77 -38.25
CA VAL A 341 5.84 20.05 -36.84
C VAL A 341 4.92 19.10 -36.05
N ALA A 342 5.49 18.40 -35.09
CA ALA A 342 4.74 17.53 -34.24
C ALA A 342 4.23 18.34 -33.03
N VAL A 343 2.94 18.17 -32.72
CA VAL A 343 2.31 18.80 -31.58
C VAL A 343 1.51 17.74 -30.79
N GLY A 344 1.68 17.68 -29.48
CA GLY A 344 0.96 16.71 -28.65
C GLY A 344 1.77 15.45 -28.41
N LEU A 345 1.08 14.31 -28.27
CA LEU A 345 1.74 13.05 -27.94
C LEU A 345 2.74 12.60 -29.02
N SER A 346 2.53 13.03 -30.25
CA SER A 346 3.45 12.74 -31.35
C SER A 346 4.80 13.39 -31.17
N ALA A 347 4.83 14.55 -30.50
CA ALA A 347 6.09 15.27 -30.19
C ALA A 347 6.88 14.69 -29.01
N ALA A 348 6.17 14.38 -27.91
CA ALA A 348 6.79 14.08 -26.60
C ALA A 348 5.70 13.73 -25.61
N PHE A 349 6.08 13.07 -24.50
CA PHE A 349 5.16 12.83 -23.42
C PHE A 349 5.91 12.38 -22.19
N VAL A 350 5.50 12.91 -21.03
CA VAL A 350 5.92 12.42 -19.74
C VAL A 350 4.67 12.03 -18.96
N GLU A 351 4.79 11.13 -18.00
CA GLU A 351 3.63 10.66 -17.26
C GLU A 351 2.91 11.87 -16.66
N PRO A 352 1.57 11.79 -16.50
CA PRO A 352 0.81 12.98 -16.12
C PRO A 352 0.89 13.41 -14.66
N LEU A 353 2.02 13.15 -14.01
CA LEU A 353 2.14 13.48 -12.60
C LEU A 353 2.00 14.98 -12.29
N GLU A 354 2.35 15.85 -13.24
CA GLU A 354 2.18 17.29 -13.05
C GLU A 354 1.32 17.96 -14.12
N SER A 355 0.48 17.18 -14.80
CA SER A 355 -0.45 17.68 -15.80
C SER A 355 0.19 18.59 -16.85
N THR A 356 1.06 18.02 -17.66
CA THR A 356 1.86 18.84 -18.58
C THR A 356 1.59 18.62 -20.05
N GLY A 357 0.84 17.56 -20.37
CA GLY A 357 0.56 17.21 -21.75
C GLY A 357 -0.10 18.34 -22.54
N ILE A 358 -1.08 18.99 -21.94
CA ILE A 358 -1.83 20.03 -22.62
C ILE A 358 -1.03 21.34 -22.63
N PHE A 359 -0.27 21.55 -21.55
CA PHE A 359 0.73 22.61 -21.50
C PHE A 359 1.74 22.52 -22.66
N PHE A 360 2.28 21.33 -22.91
CA PHE A 360 3.21 21.10 -24.02
C PHE A 360 2.58 21.47 -25.35
N ILE A 361 1.29 21.12 -25.52
CA ILE A 361 0.55 21.41 -26.72
C ILE A 361 0.46 22.92 -26.85
N GLN A 362 -0.07 23.59 -25.81
CA GLN A 362 -0.25 25.04 -25.88
C GLN A 362 1.06 25.77 -26.19
N HIS A 363 2.13 25.36 -25.53
CA HIS A 363 3.40 26.02 -25.70
C HIS A 363 3.99 25.76 -27.08
N ALA A 364 3.87 24.52 -27.56
CA ALA A 364 4.23 24.16 -28.94
C ALA A 364 3.50 25.01 -29.97
N ILE A 365 2.24 25.33 -29.72
CA ILE A 365 1.45 26.05 -30.71
C ILE A 365 1.74 27.54 -30.61
N GLU A 366 1.88 28.06 -29.39
CA GLU A 366 2.20 29.47 -29.22
C GLU A 366 3.56 29.79 -29.85
N GLN A 367 4.53 28.90 -29.67
CA GLN A 367 5.85 29.09 -30.23
C GLN A 367 5.89 28.81 -31.72
N LEU A 368 4.97 27.98 -32.21
CA LEU A 368 4.81 27.79 -33.66
C LEU A 368 4.37 29.09 -34.35
N VAL A 369 3.43 29.78 -33.73
CA VAL A 369 2.99 31.06 -34.26
C VAL A 369 4.17 32.03 -34.27
N LYS A 370 4.93 32.09 -33.18
CA LYS A 370 6.13 32.95 -33.10
C LYS A 370 7.22 32.58 -34.10
N HIS A 371 7.36 31.29 -34.35
CA HIS A 371 8.37 30.79 -35.26
C HIS A 371 7.75 30.43 -36.59
N PHE A 372 6.61 31.02 -36.92
CA PHE A 372 5.92 30.69 -38.16
C PHE A 372 6.84 30.95 -39.34
N PRO A 373 6.91 29.99 -40.27
CA PRO A 373 7.81 30.13 -41.42
C PRO A 373 7.27 31.08 -42.46
N GLY A 374 8.17 31.75 -43.18
CA GLY A 374 7.82 32.52 -44.35
C GLY A 374 8.16 31.63 -45.54
N GLU A 375 7.97 32.14 -46.76
CA GLU A 375 8.20 31.32 -47.95
C GLU A 375 9.64 30.75 -47.96
N ARG A 376 10.57 31.30 -47.16
CA ARG A 376 11.99 30.84 -47.15
C ARG A 376 12.40 29.68 -46.21
N TRP A 377 11.57 29.34 -45.24
CA TRP A 377 11.82 28.19 -44.36
C TRP A 377 13.17 28.21 -43.57
N ASP A 378 13.58 29.44 -43.21
CA ASP A 378 14.74 29.75 -42.38
C ASP A 378 15.08 28.66 -41.35
N PRO A 379 16.16 27.86 -41.56
CA PRO A 379 16.63 26.78 -40.65
C PRO A 379 17.05 27.24 -39.25
N VAL A 380 17.49 28.49 -39.10
CA VAL A 380 17.97 28.99 -37.81
C VAL A 380 16.76 29.23 -36.90
N LEU A 381 15.69 29.76 -37.49
CA LEU A 381 14.43 29.94 -36.76
C LEU A 381 13.80 28.59 -36.34
N ILE A 382 13.81 27.62 -37.25
CA ILE A 382 13.37 26.25 -36.93
C ILE A 382 14.20 25.63 -35.78
N SER A 383 15.51 25.76 -35.88
CA SER A 383 16.47 25.30 -34.87
C SER A 383 16.19 25.88 -33.48
N ALA A 384 15.82 27.16 -33.42
CA ALA A 384 15.49 27.85 -32.18
C ALA A 384 14.17 27.33 -31.60
N TYR A 385 13.20 27.02 -32.48
CA TYR A 385 11.96 26.35 -32.08
C TYR A 385 12.25 24.98 -31.45
N ASN A 386 13.04 24.16 -32.14
CA ASN A 386 13.43 22.84 -31.62
C ASN A 386 14.13 22.85 -30.25
N GLU A 387 14.99 23.84 -30.05
CA GLU A 387 15.63 24.02 -28.76
C GLU A 387 14.67 24.29 -27.62
N ARG A 388 13.73 25.20 -27.86
CA ARG A 388 12.69 25.53 -26.90
C ARG A 388 11.88 24.30 -26.51
N MET A 389 11.50 23.46 -27.49
CA MET A 389 10.62 22.32 -27.21
C MET A 389 11.39 21.27 -26.44
N ALA A 390 12.67 21.15 -26.75
CA ALA A 390 13.56 20.22 -26.06
C ALA A 390 13.69 20.62 -24.61
N HIS A 391 13.98 21.89 -24.36
CA HIS A 391 14.13 22.41 -23.00
C HIS A 391 12.85 22.26 -22.20
N MET A 392 11.73 22.52 -22.88
CA MET A 392 10.40 22.48 -22.27
C MET A 392 10.18 21.12 -21.63
N VAL A 393 10.42 20.06 -22.39
CA VAL A 393 10.22 18.72 -21.90
C VAL A 393 11.33 18.27 -20.93
N ASP A 394 12.60 18.54 -21.27
CA ASP A 394 13.70 18.15 -20.38
C ASP A 394 13.58 18.77 -18.98
N GLY A 395 13.13 20.01 -18.88
CA GLY A 395 12.91 20.60 -17.57
C GLY A 395 11.88 19.84 -16.72
N VAL A 396 10.79 19.42 -17.36
CA VAL A 396 9.72 18.72 -16.66
C VAL A 396 10.21 17.34 -16.26
N LYS A 397 10.93 16.72 -17.18
CA LYS A 397 11.48 15.39 -16.94
C LYS A 397 12.28 15.40 -15.64
N GLU A 398 13.13 16.40 -15.51
CA GLU A 398 13.97 16.53 -14.31
C GLU A 398 13.15 16.79 -13.05
N PHE A 399 12.17 17.68 -13.17
CA PHE A 399 11.26 17.99 -12.10
C PHE A 399 10.50 16.73 -11.61
N LEU A 400 10.13 15.87 -12.54
CA LEU A 400 9.40 14.65 -12.24
C LEU A 400 10.29 13.64 -11.51
N VAL A 401 11.53 13.48 -11.95
CA VAL A 401 12.44 12.55 -11.28
C VAL A 401 12.62 12.98 -9.82
N LEU A 402 12.69 14.29 -9.60
CA LEU A 402 12.70 14.86 -8.26
C LEU A 402 11.51 14.41 -7.42
N HIS A 403 10.36 14.12 -8.02
CA HIS A 403 9.21 13.62 -7.26
C HIS A 403 9.53 12.24 -6.69
N TYR A 404 10.04 11.36 -7.54
CA TYR A 404 10.42 10.01 -7.12
C TYR A 404 11.62 9.96 -6.16
N LYS A 405 12.52 10.93 -6.26
CA LYS A 405 13.65 10.97 -5.35
C LYS A 405 13.24 11.49 -4.00
N GLY A 406 12.25 12.38 -3.98
CA GLY A 406 11.76 12.91 -2.72
C GLY A 406 10.79 11.99 -1.98
N ALA A 407 10.18 11.04 -2.69
CA ALA A 407 9.17 10.15 -2.11
C ALA A 407 9.82 9.25 -1.07
N GLN A 408 9.32 9.24 0.16
CA GLN A 408 10.04 8.55 1.22
C GLN A 408 9.57 7.13 1.40
N ARG A 409 8.47 6.77 0.75
CA ARG A 409 8.03 5.41 0.95
C ARG A 409 8.96 4.43 0.25
N GLU A 410 9.16 3.28 0.90
CA GLU A 410 10.12 2.26 0.48
C GLU A 410 9.56 0.89 0.71
N ASP A 411 8.26 0.74 0.47
CA ASP A 411 7.54 -0.43 0.96
C ASP A 411 7.34 -1.52 -0.07
N THR A 412 7.68 -1.27 -1.32
CA THR A 412 7.58 -2.29 -2.39
C THR A 412 8.82 -2.29 -3.28
N PRO A 413 9.03 -3.37 -4.05
CA PRO A 413 10.13 -3.38 -5.01
C PRO A 413 10.16 -2.12 -5.88
N TYR A 414 9.00 -1.64 -6.29
CA TYR A 414 8.89 -0.41 -7.05
C TYR A 414 9.48 0.78 -6.35
N TRP A 415 9.13 0.98 -5.08
CA TRP A 415 9.56 2.19 -4.36
C TRP A 415 11.03 2.12 -3.96
N LYS A 416 11.50 0.92 -3.67
CA LYS A 416 12.91 0.63 -3.42
C LYS A 416 13.77 0.94 -4.65
N ALA A 417 13.26 0.57 -5.83
CA ALA A 417 13.99 0.80 -7.07
C ALA A 417 13.99 2.27 -7.48
N ALA A 418 12.92 3.00 -7.12
CA ALA A 418 12.88 4.42 -7.42
C ALA A 418 13.98 5.16 -6.69
N LYS A 419 14.32 4.70 -5.48
CA LYS A 419 15.30 5.35 -4.63
C LYS A 419 16.72 5.32 -5.24
N THR A 420 17.09 4.23 -5.90
CA THR A 420 18.44 4.04 -6.43
C THR A 420 18.58 4.25 -7.93
N ARG A 421 17.46 4.42 -8.63
CA ARG A 421 17.48 4.56 -10.08
C ARG A 421 18.33 5.76 -10.50
N ALA A 422 18.95 5.66 -11.68
CA ALA A 422 19.75 6.75 -12.25
C ALA A 422 18.92 8.04 -12.44
N MET A 423 19.62 9.18 -12.40
CA MET A 423 18.99 10.50 -12.50
C MET A 423 19.47 11.22 -13.75
N PRO A 424 18.69 12.20 -14.25
CA PRO A 424 19.25 13.05 -15.31
C PRO A 424 20.40 13.87 -14.79
N ASP A 425 21.25 14.33 -15.70
CA ASP A 425 22.32 15.26 -15.37
C ASP A 425 21.75 16.51 -14.75
N GLY A 426 22.36 16.98 -13.68
CA GLY A 426 21.89 18.22 -13.11
C GLY A 426 21.13 18.04 -11.81
N LEU A 427 20.45 16.93 -11.67
CA LEU A 427 19.60 16.74 -10.50
C LEU A 427 20.42 16.50 -9.26
N ALA A 428 21.53 15.74 -9.38
CA ALA A 428 22.41 15.49 -8.22
C ALA A 428 22.73 16.80 -7.53
N ARG A 429 23.12 17.79 -8.33
CA ARG A 429 23.49 19.08 -7.82
C ARG A 429 22.32 19.76 -7.12
N LYS A 430 21.13 19.64 -7.71
CA LYS A 430 19.92 20.21 -7.13
C LYS A 430 19.58 19.61 -5.80
N LEU A 431 19.75 18.28 -5.68
CA LEU A 431 19.59 17.57 -4.40
C LEU A 431 20.66 17.90 -3.37
N GLU A 432 21.92 18.05 -3.80
CA GLU A 432 22.96 18.48 -2.87
C GLU A 432 22.63 19.86 -2.31
N LEU A 433 22.23 20.77 -3.20
CA LEU A 433 21.86 22.12 -2.80
C LEU A 433 20.73 22.11 -1.79
N SER A 434 19.68 21.32 -2.09
CA SER A 434 18.44 21.30 -1.35
C SER A 434 18.61 20.81 0.07
N ALA A 435 19.65 20.01 0.33
CA ALA A 435 19.95 19.51 1.68
C ALA A 435 20.60 20.60 2.51
N SER A 436 21.08 21.62 1.80
CA SER A 436 21.70 22.75 2.47
C SER A 436 20.75 23.94 2.59
N HIS A 437 20.04 24.27 1.52
CA HIS A 437 19.17 25.44 1.48
C HIS A 437 18.21 25.35 0.32
N LEU A 438 17.24 26.25 0.23
CA LEU A 438 16.21 26.11 -0.83
C LEU A 438 16.70 26.47 -2.21
N LEU A 439 16.22 25.72 -3.21
CA LEU A 439 16.42 26.07 -4.59
C LEU A 439 15.75 27.40 -4.93
N ASP A 440 16.31 28.10 -5.92
CA ASP A 440 15.79 29.39 -6.31
C ASP A 440 15.83 29.54 -7.82
N GLU A 441 15.51 30.73 -8.31
CA GLU A 441 15.51 31.04 -9.73
C GLU A 441 16.82 30.67 -10.45
N GLN A 442 17.94 30.79 -9.74
CA GLN A 442 19.25 30.50 -10.33
C GLN A 442 19.64 29.02 -10.27
N THR A 443 18.94 28.20 -9.49
CA THR A 443 19.40 26.82 -9.31
C THR A 443 18.40 25.76 -9.76
N ILE A 444 17.20 26.18 -10.13
CA ILE A 444 16.29 25.24 -10.76
C ILE A 444 16.69 25.10 -12.24
N TYR A 445 16.01 24.26 -12.98
CA TYR A 445 16.25 24.16 -14.39
C TYR A 445 16.09 25.55 -15.04
N PRO A 446 17.13 26.02 -15.79
CA PRO A 446 17.22 27.44 -16.15
C PRO A 446 16.42 27.86 -17.38
N TYR A 447 15.97 26.91 -18.18
CA TYR A 447 15.18 27.27 -19.36
C TYR A 447 13.70 27.05 -19.15
N TYR A 448 12.89 27.73 -19.96
CA TYR A 448 11.44 27.66 -19.78
C TYR A 448 10.91 26.23 -19.81
N HIS A 449 10.22 25.82 -18.74
CA HIS A 449 9.60 24.49 -18.67
C HIS A 449 8.25 24.55 -17.91
N GLY A 450 7.60 25.71 -17.95
CA GLY A 450 6.30 25.88 -17.33
C GLY A 450 6.39 26.25 -15.85
N PHE A 451 7.10 25.42 -15.09
CA PHE A 451 7.19 25.57 -13.65
C PHE A 451 8.14 26.64 -13.16
N GLU A 452 7.72 27.28 -12.06
CA GLU A 452 8.50 28.32 -11.40
C GLU A 452 9.17 27.77 -10.18
N THR A 453 9.96 28.61 -9.51
CA THR A 453 10.66 28.23 -8.30
C THR A 453 9.75 27.69 -7.24
N TYR A 454 8.61 28.34 -6.96
CA TYR A 454 7.77 27.90 -5.84
C TYR A 454 7.37 26.43 -5.98
N SER A 455 7.19 25.97 -7.21
CA SER A 455 6.82 24.60 -7.49
C SER A 455 7.91 23.60 -7.15
N TRP A 456 9.15 23.91 -7.55
CA TRP A 456 10.32 23.13 -7.13
C TRP A 456 10.40 23.08 -5.58
N ILE A 457 10.33 24.23 -4.93
CA ILE A 457 10.44 24.31 -3.45
C ILE A 457 9.31 23.51 -2.77
N THR A 458 8.08 23.75 -3.22
CA THR A 458 6.89 23.13 -2.64
C THR A 458 6.93 21.60 -2.69
N MET A 459 7.30 21.04 -3.83
CA MET A 459 7.50 19.60 -3.91
C MET A 459 8.59 19.13 -2.95
N ASN A 460 9.73 19.82 -2.90
CA ASN A 460 10.81 19.41 -2.02
C ASN A 460 10.37 19.37 -0.56
N LEU A 461 9.75 20.45 -0.11
CA LEU A 461 9.31 20.53 1.27
C LEU A 461 8.18 19.55 1.59
N GLY A 462 7.22 19.37 0.67
CA GLY A 462 6.11 18.42 0.89
C GLY A 462 6.56 16.97 0.98
N LEU A 463 7.45 16.61 0.09
CA LEU A 463 7.97 15.27 -0.01
C LEU A 463 8.98 14.94 1.07
N GLY A 464 9.67 15.93 1.62
CA GLY A 464 10.62 15.69 2.71
C GLY A 464 12.11 16.01 2.46
N ILE A 465 12.39 16.73 1.37
CA ILE A 465 13.75 17.16 1.03
C ILE A 465 13.91 18.58 1.56
N VAL A 466 14.44 18.65 2.77
CA VAL A 466 14.37 19.83 3.62
C VAL A 466 15.81 20.28 3.97
N PRO A 467 16.06 21.59 3.95
CA PRO A 467 17.40 22.01 4.40
C PRO A 467 17.65 21.53 5.81
N GLU A 468 18.87 21.11 6.11
CA GLU A 468 19.25 20.59 7.41
C GLU A 468 18.91 21.63 8.49
N ARG A 469 19.12 22.91 8.18
CA ARG A 469 18.87 23.98 9.13
C ARG A 469 18.31 25.16 8.38
N PRO A 470 17.66 26.10 9.08
CA PRO A 470 17.15 27.33 8.45
C PRO A 470 18.28 28.17 7.87
N ARG A 471 17.93 29.17 7.08
CA ARG A 471 18.94 30.03 6.52
C ARG A 471 19.60 30.91 7.59
N PRO A 472 20.94 30.84 7.70
CA PRO A 472 21.58 31.45 8.85
C PRO A 472 21.32 32.95 8.96
N ALA A 473 21.10 33.61 7.82
CA ALA A 473 20.87 35.05 7.80
C ALA A 473 19.67 35.44 8.65
N LEU A 474 18.67 34.56 8.68
CA LEU A 474 17.42 34.83 9.35
C LEU A 474 17.56 34.98 10.84
N LEU A 475 18.54 34.31 11.44
CA LEU A 475 18.79 34.46 12.87
C LEU A 475 19.27 35.87 13.23
N HIS A 476 19.82 36.59 12.24
CA HIS A 476 20.29 37.96 12.45
C HIS A 476 19.19 38.97 12.21
N MET A 477 17.99 38.50 11.94
CA MET A 477 16.92 39.38 11.48
C MET A 477 15.69 39.35 12.38
N ASP A 478 14.95 40.46 12.36
CA ASP A 478 13.71 40.57 13.14
C ASP A 478 12.63 39.65 12.59
N PRO A 479 12.14 38.69 13.39
CA PRO A 479 11.17 37.72 12.87
C PRO A 479 9.73 38.27 12.87
N ALA A 480 9.52 39.44 13.47
CA ALA A 480 8.19 40.03 13.61
C ALA A 480 7.41 40.20 12.30
N PRO A 481 8.03 40.83 11.28
CA PRO A 481 7.34 41.01 9.98
C PRO A 481 6.88 39.73 9.31
N ALA A 482 7.64 38.65 9.46
CA ALA A 482 7.26 37.38 8.84
C ALA A 482 6.16 36.69 9.64
N LEU A 483 6.22 36.80 10.96
CA LEU A 483 5.21 36.23 11.85
C LEU A 483 3.88 36.94 11.68
N ALA A 484 3.93 38.24 11.36
CA ALA A 484 2.73 39.02 11.11
C ALA A 484 2.17 38.66 9.75
N GLU A 485 3.04 38.17 8.86
CA GLU A 485 2.59 37.71 7.57
C GLU A 485 1.94 36.36 7.66
N PHE A 486 2.47 35.46 8.50
CA PHE A 486 1.88 34.12 8.65
C PHE A 486 0.49 34.24 9.22
N GLU A 487 0.34 35.15 10.19
CA GLU A 487 -0.93 35.47 10.81
C GLU A 487 -1.88 36.11 9.81
N ARG A 488 -1.37 37.01 8.99
CA ARG A 488 -2.17 37.65 7.95
C ARG A 488 -2.73 36.59 6.99
N LEU A 489 -1.89 35.66 6.53
CA LEU A 489 -2.32 34.56 5.68
C LEU A 489 -3.40 33.71 6.35
N ARG A 490 -3.21 33.43 7.64
CA ARG A 490 -4.12 32.58 8.39
C ARG A 490 -5.50 33.22 8.50
N ARG A 491 -5.50 34.54 8.65
CA ARG A 491 -6.73 35.31 8.77
C ARG A 491 -7.44 35.52 7.44
N GLU A 492 -6.67 35.78 6.38
CA GLU A 492 -7.22 35.90 5.05
C GLU A 492 -7.86 34.57 4.63
N GLY A 493 -7.23 33.46 5.03
CA GLY A 493 -7.75 32.11 4.77
C GLY A 493 -9.08 31.86 5.44
N ASP A 494 -9.16 32.18 6.73
CA ASP A 494 -10.40 32.12 7.51
C ASP A 494 -11.56 32.85 6.82
N GLU A 495 -11.28 34.06 6.35
CA GLU A 495 -12.30 34.92 5.74
C GLU A 495 -12.76 34.40 4.39
N LEU A 496 -11.83 33.79 3.65
CA LEU A 496 -12.10 33.34 2.30
C LEU A 496 -13.03 32.11 2.31
N ILE A 497 -12.74 31.12 3.14
CA ILE A 497 -13.56 29.92 3.19
C ILE A 497 -14.97 30.21 3.74
N ALA A 498 -15.11 31.28 4.53
CA ALA A 498 -16.41 31.73 5.00
C ALA A 498 -17.22 32.44 3.92
N ALA A 499 -16.55 33.13 3.00
CA ALA A 499 -17.21 33.97 1.98
C ALA A 499 -17.40 33.29 0.61
N LEU A 500 -16.50 32.39 0.27
CA LEU A 500 -16.53 31.71 -1.01
C LEU A 500 -17.57 30.57 -1.05
N PRO A 501 -18.23 30.36 -2.19
CA PRO A 501 -19.12 29.22 -2.32
C PRO A 501 -18.30 27.98 -2.58
N SER A 502 -18.92 26.80 -2.51
CA SER A 502 -18.19 25.57 -2.83
C SER A 502 -17.83 25.49 -4.32
N CYS A 503 -16.91 24.60 -4.66
CA CYS A 503 -16.54 24.35 -6.06
C CYS A 503 -17.77 24.03 -6.90
N TYR A 504 -18.60 23.10 -6.43
CA TYR A 504 -19.79 22.70 -7.17
C TYR A 504 -20.82 23.83 -7.24
N GLU A 505 -21.06 24.49 -6.11
CA GLU A 505 -22.02 25.58 -6.02
C GLU A 505 -21.77 26.62 -7.12
N TYR A 506 -20.54 27.08 -7.24
CA TYR A 506 -20.25 28.11 -8.23
C TYR A 506 -20.46 27.58 -9.66
N LEU A 507 -19.99 26.36 -9.91
CA LEU A 507 -20.12 25.77 -11.22
C LEU A 507 -21.58 25.56 -11.59
N ALA A 508 -22.40 25.14 -10.61
CA ALA A 508 -23.85 25.01 -10.85
C ALA A 508 -24.44 26.33 -11.29
N SER A 509 -24.00 27.43 -10.67
CA SER A 509 -24.59 28.74 -10.92
C SER A 509 -24.27 29.32 -12.28
N ILE A 510 -23.26 28.77 -12.96
CA ILE A 510 -22.89 29.22 -14.31
C ILE A 510 -23.24 28.25 -15.43
N GLN A 511 -23.82 27.10 -15.10
CA GLN A 511 -24.22 26.11 -16.12
C GLN A 511 -25.38 26.71 -16.91
N MET B 1 -7.61 -32.24 48.66
CA MET B 1 -7.15 -31.03 47.91
C MET B 1 -5.63 -30.80 48.06
N ILE B 2 -4.90 -30.83 46.95
CA ILE B 2 -3.47 -30.48 46.98
C ILE B 2 -3.33 -28.96 46.93
N ARG B 3 -2.36 -28.44 47.68
CA ARG B 3 -2.28 -27.01 47.92
C ARG B 3 -1.18 -26.33 47.14
N SER B 4 -0.09 -27.03 46.84
CA SER B 4 1.09 -26.30 46.39
C SER B 4 1.83 -26.90 45.20
N VAL B 5 2.31 -25.99 44.35
CA VAL B 5 2.97 -26.36 43.11
C VAL B 5 4.38 -25.76 43.06
N VAL B 6 5.35 -26.57 42.66
CA VAL B 6 6.70 -26.05 42.43
C VAL B 6 7.08 -26.24 40.98
N ILE B 7 7.39 -25.14 40.31
CA ILE B 7 7.84 -25.15 38.95
C ILE B 7 9.35 -24.94 38.95
N VAL B 8 10.05 -25.83 38.25
CA VAL B 8 11.49 -25.73 38.12
C VAL B 8 11.78 -25.32 36.71
N GLY B 9 12.24 -24.09 36.54
CA GLY B 9 12.58 -23.57 35.23
C GLY B 9 11.69 -22.40 34.96
N GLY B 10 12.26 -21.33 34.42
CA GLY B 10 11.50 -20.10 34.26
C GLY B 10 11.71 -19.48 32.91
N GLY B 11 11.18 -20.14 31.88
CA GLY B 11 11.16 -19.55 30.56
C GLY B 11 9.71 -19.42 30.14
N THR B 12 9.47 -19.60 28.85
CA THR B 12 8.10 -19.59 28.38
C THR B 12 7.28 -20.69 29.09
N ALA B 13 7.82 -21.89 29.23
CA ALA B 13 7.08 -22.98 29.83
C ALA B 13 6.78 -22.70 31.29
N GLY B 14 7.80 -22.25 32.01
CA GLY B 14 7.69 -22.03 33.43
C GLY B 14 6.70 -20.93 33.73
N TRP B 15 6.89 -19.79 33.11
CA TRP B 15 6.03 -18.66 33.41
C TRP B 15 4.62 -18.77 32.80
N MET B 16 4.48 -19.49 31.68
CA MET B 16 3.14 -19.72 31.16
C MET B 16 2.36 -20.55 32.16
N THR B 17 3.03 -21.55 32.73
CA THR B 17 2.43 -22.43 33.71
C THR B 17 2.05 -21.71 35.00
N ALA B 18 2.96 -20.89 35.51
CA ALA B 18 2.72 -20.16 36.73
C ALA B 18 1.54 -19.20 36.52
N SER B 19 1.55 -18.48 35.41
CA SER B 19 0.47 -17.55 35.09
C SER B 19 -0.90 -18.23 35.08
N TYR B 20 -0.99 -19.31 34.30
CA TYR B 20 -2.24 -20.02 34.08
C TYR B 20 -2.83 -20.60 35.35
N LEU B 21 -1.98 -21.06 36.27
CA LEU B 21 -2.45 -21.68 37.51
C LEU B 21 -3.01 -20.65 38.43
N LYS B 22 -2.37 -19.49 38.47
CA LYS B 22 -2.87 -18.37 39.26
C LYS B 22 -4.17 -17.83 38.66
N ALA B 23 -4.23 -17.74 37.33
CA ALA B 23 -5.46 -17.30 36.71
C ALA B 23 -6.57 -18.32 36.98
N ALA B 24 -6.24 -19.61 36.88
CA ALA B 24 -7.23 -20.67 37.10
C ALA B 24 -7.73 -20.77 38.53
N PHE B 25 -6.81 -20.80 39.50
CA PHE B 25 -7.18 -21.13 40.88
C PHE B 25 -6.98 -19.96 41.85
N ASP B 26 -6.40 -18.86 41.37
CA ASP B 26 -6.17 -17.69 42.21
C ASP B 26 -5.54 -18.06 43.56
N ASP B 27 -6.18 -17.71 44.68
CA ASP B 27 -5.59 -18.03 45.98
C ASP B 27 -5.98 -19.40 46.51
N ARG B 28 -6.56 -20.25 45.65
CA ARG B 28 -6.83 -21.63 46.07
C ARG B 28 -5.72 -22.60 45.59
N ILE B 29 -4.56 -22.04 45.26
CA ILE B 29 -3.34 -22.81 44.98
C ILE B 29 -2.11 -21.95 45.24
N ASP B 30 -1.12 -22.52 45.91
CA ASP B 30 0.17 -21.86 46.15
C ASP B 30 1.19 -22.27 45.10
N VAL B 31 1.86 -21.29 44.51
CA VAL B 31 2.80 -21.56 43.42
C VAL B 31 4.17 -20.95 43.70
N THR B 32 5.20 -21.76 43.54
CA THR B 32 6.58 -21.32 43.61
C THR B 32 7.29 -21.72 42.34
N LEU B 33 8.08 -20.79 41.80
CA LEU B 33 8.89 -21.07 40.62
C LEU B 33 10.38 -20.81 40.91
N VAL B 34 11.19 -21.85 40.69
CA VAL B 34 12.62 -21.77 40.87
C VAL B 34 13.28 -21.76 39.50
N GLU B 35 14.08 -20.73 39.22
CA GLU B 35 14.83 -20.69 37.97
C GLU B 35 16.28 -20.27 38.22
N SER B 36 17.17 -20.81 37.41
CA SER B 36 18.57 -20.52 37.55
C SER B 36 18.93 -19.09 37.13
N GLY B 37 20.02 -18.60 37.70
CA GLY B 37 20.57 -17.28 37.35
C GLY B 37 21.54 -17.37 36.19
N ASN B 38 22.29 -18.48 36.09
CA ASN B 38 23.27 -18.65 35.00
C ASN B 38 22.69 -19.37 33.78
N VAL B 39 22.36 -20.66 33.94
CA VAL B 39 21.81 -21.50 32.85
C VAL B 39 20.79 -20.72 32.01
N ARG B 40 21.19 -20.32 30.81
CA ARG B 40 20.35 -19.52 29.94
C ARG B 40 19.18 -20.35 29.33
N ARG B 41 18.03 -19.70 29.20
CA ARG B 41 16.90 -20.29 28.47
C ARG B 41 17.33 -20.53 27.01
N ILE B 42 16.60 -21.38 26.31
CA ILE B 42 16.93 -21.72 24.92
C ILE B 42 17.21 -20.49 23.98
N GLY B 43 16.44 -19.40 24.12
CA GLY B 43 16.66 -18.10 23.38
C GLY B 43 15.78 -17.90 22.14
N VAL B 44 15.18 -19.01 21.73
CA VAL B 44 14.35 -19.07 20.53
C VAL B 44 13.00 -19.67 20.94
N GLY B 45 11.99 -19.43 20.11
CA GLY B 45 10.63 -19.84 20.43
C GLY B 45 9.62 -18.75 20.13
N GLU B 46 9.63 -18.26 18.89
CA GLU B 46 9.08 -16.97 18.63
C GLU B 46 7.82 -16.88 17.72
N ALA B 47 7.25 -18.01 17.26
CA ALA B 47 5.97 -18.01 16.53
C ALA B 47 4.90 -18.88 17.23
N THR B 48 3.62 -18.61 16.98
CA THR B 48 2.55 -19.32 17.69
C THR B 48 1.39 -19.78 16.79
N PHE B 49 0.41 -20.47 17.37
CA PHE B 49 -0.88 -20.85 16.75
C PHE B 49 -1.85 -19.75 17.02
N SER B 50 -2.90 -19.66 16.21
CA SER B 50 -3.96 -18.67 16.45
C SER B 50 -4.60 -18.96 17.78
N THR B 51 -4.64 -20.23 18.15
CA THR B 51 -5.26 -20.61 19.42
C THR B 51 -4.53 -20.21 20.68
N VAL B 52 -3.32 -19.65 20.56
CA VAL B 52 -2.67 -19.01 21.71
C VAL B 52 -3.56 -17.89 22.28
N ARG B 53 -4.46 -17.36 21.44
CA ARG B 53 -5.49 -16.38 21.84
C ARG B 53 -6.24 -16.82 23.09
N HIS B 54 -6.56 -18.11 23.20
CA HIS B 54 -7.37 -18.58 24.34
C HIS B 54 -6.60 -18.43 25.64
N PHE B 55 -5.28 -18.60 25.55
CA PHE B 55 -4.41 -18.49 26.73
C PHE B 55 -4.34 -17.05 27.20
N PHE B 56 -4.01 -16.13 26.29
CA PHE B 56 -4.01 -14.72 26.66
C PHE B 56 -5.35 -14.20 27.20
N ASP B 57 -6.46 -14.53 26.53
CA ASP B 57 -7.81 -14.19 27.07
C ASP B 57 -8.03 -14.78 28.42
N TYR B 58 -7.66 -16.04 28.59
CA TYR B 58 -7.77 -16.66 29.90
C TYR B 58 -7.07 -15.85 31.01
N LEU B 59 -5.92 -15.26 30.68
CA LEU B 59 -5.15 -14.46 31.64
C LEU B 59 -5.78 -13.10 31.87
N GLY B 60 -6.64 -12.68 30.92
CA GLY B 60 -7.31 -11.37 30.92
C GLY B 60 -6.47 -10.28 30.26
N LEU B 61 -5.66 -10.69 29.27
CA LEU B 61 -4.65 -9.85 28.66
C LEU B 61 -5.05 -9.37 27.28
N ASP B 62 -4.87 -8.07 27.05
CA ASP B 62 -5.14 -7.50 25.73
C ASP B 62 -3.84 -7.36 24.92
N GLU B 63 -3.91 -7.65 23.62
CA GLU B 63 -2.70 -7.67 22.80
C GLU B 63 -2.01 -6.33 22.82
N ARG B 64 -2.79 -5.25 22.68
CA ARG B 64 -2.28 -3.89 22.68
C ARG B 64 -1.35 -3.64 23.85
N GLU B 65 -1.51 -4.44 24.89
CA GLU B 65 -0.81 -4.21 26.14
C GLU B 65 0.47 -5.03 26.22
N TRP B 66 0.39 -6.30 25.83
CA TRP B 66 1.58 -7.16 25.94
C TRP B 66 2.43 -7.21 24.68
N LEU B 67 1.79 -7.34 23.51
CA LEU B 67 2.48 -7.51 22.23
C LEU B 67 3.66 -6.53 21.96
N PRO B 68 3.45 -5.20 22.18
CA PRO B 68 4.55 -4.24 22.01
C PRO B 68 5.64 -4.46 23.04
N ARG B 69 5.25 -4.91 24.22
CA ARG B 69 6.23 -5.13 25.26
C ARG B 69 7.13 -6.29 24.87
N CYS B 70 6.58 -7.21 24.07
CA CYS B 70 7.33 -8.38 23.63
C CYS B 70 7.87 -8.32 22.20
N ALA B 71 8.14 -7.11 21.69
CA ALA B 71 8.69 -6.93 20.35
C ALA B 71 7.89 -7.67 19.28
N GLY B 72 6.57 -7.77 19.51
CA GLY B 72 5.72 -8.69 18.77
C GLY B 72 5.38 -8.25 17.36
N GLY B 73 4.99 -9.24 16.55
CA GLY B 73 4.36 -9.03 15.28
C GLY B 73 3.21 -10.00 15.07
N TYR B 74 2.62 -9.95 13.88
CA TYR B 74 1.46 -10.76 13.55
C TYR B 74 1.82 -11.89 12.63
N LYS B 75 1.10 -13.00 12.75
CA LYS B 75 1.35 -14.15 11.91
C LYS B 75 0.02 -14.65 11.32
N LEU B 76 -0.06 -14.64 9.98
CA LEU B 76 -1.27 -15.00 9.27
C LEU B 76 -1.12 -16.38 8.69
N GLY B 77 0.10 -16.89 8.78
CA GLY B 77 0.37 -18.24 8.36
C GLY B 77 1.84 -18.44 8.18
N ILE B 78 2.20 -19.51 7.47
CA ILE B 78 3.58 -19.79 7.10
C ILE B 78 3.67 -19.85 5.59
N ARG B 79 4.70 -19.22 5.04
CA ARG B 79 5.04 -19.31 3.63
C ARG B 79 6.09 -20.41 3.42
N PHE B 80 5.76 -21.41 2.61
CA PHE B 80 6.68 -22.51 2.36
C PHE B 80 7.35 -22.33 1.01
N GLU B 81 8.65 -22.01 1.03
CA GLU B 81 9.45 -21.66 -0.16
C GLU B 81 10.40 -22.77 -0.55
N ASN B 82 10.46 -23.08 -1.85
CA ASN B 82 11.51 -23.92 -2.44
C ASN B 82 11.48 -25.39 -2.03
N TRP B 83 10.39 -25.83 -1.41
CA TRP B 83 10.26 -27.25 -1.04
C TRP B 83 10.10 -28.16 -2.27
N SER B 84 9.53 -27.63 -3.35
CA SER B 84 9.29 -28.47 -4.51
C SER B 84 9.87 -27.82 -5.76
N GLU B 85 9.08 -27.12 -6.56
CA GLU B 85 9.66 -26.32 -7.64
C GLU B 85 10.52 -25.19 -7.06
N PRO B 86 11.71 -24.96 -7.63
CA PRO B 86 12.56 -23.86 -7.16
C PRO B 86 11.95 -22.48 -7.44
N GLY B 87 12.07 -21.55 -6.49
CA GLY B 87 11.42 -20.24 -6.61
C GLY B 87 9.92 -20.21 -6.28
N GLU B 88 9.31 -21.38 -6.12
CA GLU B 88 7.88 -21.43 -5.87
C GLU B 88 7.54 -21.48 -4.39
N TYR B 89 6.41 -20.88 -4.04
CA TYR B 89 5.92 -20.85 -2.68
C TYR B 89 4.41 -20.96 -2.66
N PHE B 90 3.88 -21.16 -1.46
CA PHE B 90 2.46 -21.14 -1.17
C PHE B 90 2.36 -20.86 0.33
N TYR B 91 1.19 -20.43 0.79
CA TYR B 91 0.96 -20.18 2.20
C TYR B 91 0.14 -21.31 2.85
N HIS B 92 0.49 -21.63 4.10
CA HIS B 92 -0.38 -22.39 4.99
C HIS B 92 -0.94 -21.34 5.99
N PRO B 93 -2.24 -21.03 5.88
CA PRO B 93 -2.87 -19.89 6.57
C PRO B 93 -3.71 -20.26 7.79
N PHE B 94 -4.00 -19.28 8.64
CA PHE B 94 -5.04 -19.41 9.66
C PHE B 94 -6.35 -19.02 9.02
N GLU B 95 -6.84 -19.88 8.13
CA GLU B 95 -8.09 -19.62 7.45
C GLU B 95 -8.68 -20.95 7.01
N ARG B 96 -9.95 -21.17 7.31
CA ARG B 96 -10.63 -22.37 6.83
C ARG B 96 -11.06 -22.25 5.39
N LEU B 97 -11.16 -23.40 4.72
CA LEU B 97 -11.73 -23.46 3.38
C LEU B 97 -13.24 -23.24 3.46
N ARG B 98 -13.77 -22.49 2.51
CA ARG B 98 -15.21 -22.31 2.40
C ARG B 98 -15.78 -23.56 1.75
N VAL B 99 -17.06 -23.83 2.00
CA VAL B 99 -17.73 -24.99 1.43
C VAL B 99 -18.82 -24.48 0.52
N VAL B 100 -18.88 -24.99 -0.70
CA VAL B 100 -19.94 -24.66 -1.64
C VAL B 100 -20.58 -25.96 -2.09
N ASP B 101 -21.89 -26.08 -1.84
CA ASP B 101 -22.71 -27.24 -2.24
C ASP B 101 -22.18 -28.59 -1.74
N GLY B 102 -21.79 -28.63 -0.46
CA GLY B 102 -21.33 -29.85 0.12
C GLY B 102 -19.86 -30.16 -0.09
N PHE B 103 -19.18 -29.42 -0.95
CA PHE B 103 -17.73 -29.64 -1.11
C PHE B 103 -16.89 -28.39 -0.86
N ASN B 104 -15.73 -28.59 -0.25
CA ASN B 104 -14.81 -27.49 0.05
C ASN B 104 -14.09 -26.98 -1.22
N MET B 105 -13.53 -25.78 -1.14
CA MET B 105 -12.91 -25.12 -2.31
C MET B 105 -11.70 -25.86 -2.89
N ALA B 106 -10.98 -26.59 -2.05
CA ALA B 106 -9.91 -27.44 -2.53
C ALA B 106 -10.42 -28.46 -3.57
N GLU B 107 -11.56 -29.11 -3.31
CA GLU B 107 -12.14 -30.05 -4.26
C GLU B 107 -12.59 -29.34 -5.54
N TRP B 108 -13.32 -28.23 -5.38
CA TRP B 108 -13.66 -27.38 -6.53
C TRP B 108 -12.46 -26.92 -7.32
N TRP B 109 -11.40 -26.52 -6.61
CA TRP B 109 -10.20 -26.05 -7.25
C TRP B 109 -9.60 -27.12 -8.14
N LEU B 110 -9.69 -28.38 -7.71
CA LEU B 110 -9.23 -29.49 -8.53
C LEU B 110 -10.07 -29.67 -9.80
N ALA B 111 -11.36 -29.38 -9.71
CA ALA B 111 -12.27 -29.64 -10.82
C ALA B 111 -12.38 -28.46 -11.81
N VAL B 112 -12.36 -27.23 -11.29
CA VAL B 112 -12.67 -26.05 -12.12
C VAL B 112 -11.74 -24.87 -11.85
N GLY B 113 -10.64 -25.10 -11.13
CA GLY B 113 -9.60 -24.10 -11.04
C GLY B 113 -9.00 -23.83 -12.40
N SER B 118 -2.43 -21.17 -8.68
CA SER B 118 -2.01 -21.72 -7.39
C SER B 118 -3.14 -21.85 -6.36
N PHE B 119 -3.06 -22.96 -5.63
CA PHE B 119 -4.10 -23.39 -4.73
C PHE B 119 -4.36 -22.36 -3.64
N SER B 120 -3.31 -21.89 -2.97
CA SER B 120 -3.47 -21.01 -1.83
C SER B 120 -3.93 -19.62 -2.25
N GLU B 121 -3.42 -19.18 -3.39
CA GLU B 121 -3.87 -17.94 -4.01
C GLU B 121 -5.34 -17.98 -4.36
N ALA B 122 -5.80 -19.07 -4.97
CA ALA B 122 -7.21 -19.17 -5.33
C ALA B 122 -8.14 -19.35 -4.13
N CYS B 123 -7.67 -20.06 -3.10
CA CYS B 123 -8.60 -20.54 -2.06
C CYS B 123 -8.66 -19.71 -0.77
N TYR B 124 -7.70 -18.83 -0.58
CA TYR B 124 -7.54 -18.17 0.71
C TYR B 124 -7.32 -16.66 0.55
N LEU B 125 -8.11 -15.87 1.25
CA LEU B 125 -7.83 -14.42 1.40
C LEU B 125 -6.46 -14.13 1.99
N THR B 126 -6.05 -14.97 2.93
CA THR B 126 -4.77 -14.81 3.61
C THR B 126 -3.58 -14.72 2.65
N HIS B 127 -3.66 -15.41 1.51
CA HIS B 127 -2.61 -15.31 0.50
C HIS B 127 -2.35 -13.85 0.07
N ARG B 128 -3.39 -13.14 -0.35
N ARG B 128 -3.39 -13.14 -0.35
CA ARG B 128 -3.21 -11.75 -0.80
CA ARG B 128 -3.25 -11.74 -0.75
C ARG B 128 -2.84 -10.78 0.32
C ARG B 128 -2.72 -10.88 0.35
N LEU B 129 -3.28 -11.04 1.54
CA LEU B 129 -2.93 -10.22 2.70
C LEU B 129 -1.44 -10.35 3.01
N CYS B 130 -0.93 -11.56 2.87
CA CYS B 130 0.47 -11.81 3.08
C CYS B 130 1.30 -11.19 1.94
N GLU B 131 0.93 -11.41 0.68
CA GLU B 131 1.62 -10.73 -0.44
C GLU B 131 1.74 -9.23 -0.22
N ALA B 132 0.67 -8.57 0.24
CA ALA B 132 0.72 -7.10 0.41
C ALA B 132 1.17 -6.66 1.81
N LYS B 133 1.59 -7.61 2.62
CA LYS B 133 2.09 -7.35 3.98
C LYS B 133 1.09 -6.58 4.86
N ARG B 134 -0.16 -7.00 4.85
CA ARG B 134 -1.19 -6.33 5.65
C ARG B 134 -1.19 -6.76 7.12
N ALA B 135 -1.59 -5.86 8.01
CA ALA B 135 -1.99 -6.23 9.35
C ALA B 135 -3.42 -6.82 9.27
N PRO B 136 -3.78 -7.70 10.20
CA PRO B 136 -5.14 -8.25 10.26
C PRO B 136 -6.16 -7.30 10.91
N ARG B 137 -5.72 -6.09 11.21
CA ARG B 137 -6.59 -5.11 11.89
C ARG B 137 -6.50 -3.75 11.21
N MET B 138 -7.65 -3.11 11.05
CA MET B 138 -7.76 -1.71 10.63
C MET B 138 -7.13 -0.82 11.66
N LEU B 139 -6.84 0.42 11.31
CA LEU B 139 -6.16 1.32 12.23
C LEU B 139 -6.98 1.66 13.47
N ASP B 140 -8.31 1.54 13.37
CA ASP B 140 -9.18 1.81 14.51
C ASP B 140 -9.23 0.64 15.50
N GLY B 141 -8.67 -0.50 15.10
CA GLY B 141 -8.51 -1.65 15.99
C GLY B 141 -9.40 -2.80 15.62
N SER B 142 -10.20 -2.62 14.57
CA SER B 142 -11.16 -3.63 14.17
C SER B 142 -10.52 -4.73 13.34
N LEU B 143 -10.94 -5.95 13.60
CA LEU B 143 -10.50 -7.10 12.88
C LEU B 143 -11.01 -7.09 11.44
N PHE B 144 -10.18 -7.57 10.50
CA PHE B 144 -10.53 -7.51 9.07
C PHE B 144 -11.81 -8.28 8.72
N ALA B 145 -12.10 -9.31 9.50
CA ALA B 145 -13.41 -10.00 9.45
C ALA B 145 -14.62 -9.09 9.80
N LEU B 152 -13.11 -13.88 24.93
CA LEU B 152 -13.52 -15.26 25.20
C LEU B 152 -13.67 -15.56 26.69
N GLY B 153 -12.96 -14.80 27.51
CA GLY B 153 -12.92 -15.03 28.97
C GLY B 153 -12.14 -16.28 29.32
N ARG B 154 -12.66 -17.05 30.26
CA ARG B 154 -12.02 -18.29 30.69
C ARG B 154 -12.45 -19.48 29.81
N SER B 155 -11.59 -19.83 28.85
CA SER B 155 -11.88 -20.93 27.89
C SER B 155 -10.62 -21.66 27.38
N THR B 156 -10.78 -22.94 27.06
CA THR B 156 -9.67 -23.81 26.63
C THR B 156 -9.66 -23.98 25.11
N LEU B 157 -8.57 -24.56 24.57
CA LEU B 157 -8.44 -24.92 23.14
C LEU B 157 -9.67 -25.68 22.61
N ALA B 158 -10.25 -26.55 23.45
CA ALA B 158 -11.47 -27.30 23.15
C ALA B 158 -12.68 -26.44 22.77
N GLU B 159 -12.62 -25.15 23.07
CA GLU B 159 -13.72 -24.22 22.75
C GLU B 159 -13.46 -23.38 21.49
N GLN B 160 -12.38 -23.68 20.75
CA GLN B 160 -12.15 -23.03 19.46
C GLN B 160 -13.37 -23.25 18.58
N ARG B 161 -13.97 -22.15 18.12
CA ARG B 161 -15.13 -22.24 17.21
C ARG B 161 -14.77 -21.86 15.78
N ALA B 162 -15.02 -20.61 15.41
CA ALA B 162 -14.58 -20.07 14.13
C ALA B 162 -13.07 -19.91 14.14
N GLN B 163 -12.47 -20.00 12.96
CA GLN B 163 -11.03 -19.86 12.85
C GLN B 163 -10.68 -18.42 13.04
N PHE B 164 -10.08 -18.13 14.19
CA PHE B 164 -9.49 -16.84 14.38
C PHE B 164 -8.34 -16.70 13.34
N PRO B 165 -8.22 -15.50 12.75
CA PRO B 165 -7.45 -15.37 11.53
C PRO B 165 -5.95 -15.03 11.69
N TYR B 166 -5.45 -14.97 12.93
CA TYR B 166 -4.04 -14.74 13.11
C TYR B 166 -3.46 -15.25 14.43
N ALA B 167 -2.13 -15.42 14.43
CA ALA B 167 -1.30 -15.65 15.62
C ALA B 167 -0.22 -14.57 15.73
N TYR B 168 0.82 -14.86 16.50
CA TYR B 168 1.84 -13.87 16.85
C TYR B 168 3.26 -14.35 16.62
N HIS B 169 4.14 -13.39 16.36
CA HIS B 169 5.58 -13.56 16.54
C HIS B 169 5.92 -12.67 17.74
N PHE B 170 6.79 -13.17 18.62
CA PHE B 170 7.27 -12.37 19.74
C PHE B 170 8.66 -12.80 20.20
N ASP B 171 9.28 -11.98 21.04
CA ASP B 171 10.51 -12.32 21.72
C ASP B 171 10.15 -13.14 22.95
N ALA B 172 10.54 -14.42 22.95
CA ALA B 172 10.08 -15.32 24.04
C ALA B 172 10.69 -14.99 25.40
N ASP B 173 11.87 -14.35 25.37
CA ASP B 173 12.46 -13.74 26.56
C ASP B 173 11.51 -12.74 27.17
N GLU B 174 11.09 -11.76 26.36
CA GLU B 174 10.22 -10.69 26.83
C GLU B 174 8.85 -11.17 27.28
N VAL B 175 8.33 -12.20 26.62
CA VAL B 175 7.06 -12.81 27.03
C VAL B 175 7.23 -13.46 28.41
N ALA B 176 8.28 -14.24 28.57
CA ALA B 176 8.63 -14.77 29.90
C ALA B 176 8.72 -13.65 30.94
N ARG B 177 9.54 -12.64 30.66
CA ARG B 177 9.68 -11.47 31.55
C ARG B 177 8.30 -10.90 31.92
N TYR B 178 7.47 -10.70 30.89
CA TYR B 178 6.13 -10.14 31.04
C TYR B 178 5.23 -11.04 31.86
N LEU B 179 5.24 -12.33 31.55
CA LEU B 179 4.40 -13.26 32.26
C LEU B 179 4.88 -13.40 33.70
N SER B 180 6.18 -13.20 33.92
CA SER B 180 6.71 -13.26 35.28
C SER B 180 6.18 -12.11 36.13
N GLU B 181 6.11 -10.92 35.54
CA GLU B 181 5.52 -9.77 36.22
C GLU B 181 4.06 -10.01 36.56
N TYR B 182 3.32 -10.53 35.58
CA TYR B 182 1.93 -10.93 35.77
C TYR B 182 1.79 -11.90 36.96
N ALA B 183 2.58 -12.98 36.91
CA ALA B 183 2.45 -14.10 37.85
C ALA B 183 2.85 -13.74 39.28
N ILE B 184 3.94 -13.00 39.41
CA ILE B 184 4.41 -12.55 40.73
C ILE B 184 3.42 -11.59 41.37
N ALA B 185 2.84 -10.67 40.57
CA ALA B 185 1.77 -9.76 41.04
C ALA B 185 0.60 -10.54 41.62
N ARG B 186 0.45 -11.79 41.18
CA ARG B 186 -0.64 -12.63 41.65
C ARG B 186 -0.26 -13.63 42.73
N GLY B 187 0.91 -13.45 43.33
CA GLY B 187 1.31 -14.26 44.49
C GLY B 187 2.19 -15.45 44.17
N VAL B 188 2.82 -15.44 43.01
CA VAL B 188 3.83 -16.45 42.73
C VAL B 188 5.15 -16.13 43.45
N ARG B 189 5.63 -17.08 44.23
CA ARG B 189 6.94 -16.96 44.87
C ARG B 189 8.04 -17.28 43.85
N HIS B 190 8.91 -16.31 43.62
CA HIS B 190 10.01 -16.40 42.66
C HIS B 190 11.33 -16.62 43.43
N VAL B 191 12.02 -17.72 43.12
CA VAL B 191 13.34 -18.02 43.67
C VAL B 191 14.34 -18.06 42.51
N VAL B 192 15.34 -17.18 42.52
CA VAL B 192 16.41 -17.26 41.50
C VAL B 192 17.60 -17.94 42.15
N ASP B 193 17.79 -19.22 41.83
CA ASP B 193 18.82 -20.06 42.49
C ASP B 193 19.00 -21.29 41.60
N ASP B 194 20.00 -22.11 41.91
CA ASP B 194 20.22 -23.37 41.17
C ASP B 194 19.72 -24.55 41.97
N VAL B 195 18.97 -25.43 41.32
CA VAL B 195 18.58 -26.68 41.95
C VAL B 195 19.78 -27.65 41.87
N GLN B 196 20.35 -27.99 43.01
CA GLN B 196 21.51 -28.86 43.04
C GLN B 196 21.12 -30.32 43.08
N HIS B 197 19.99 -30.60 43.70
CA HIS B 197 19.59 -31.95 44.00
C HIS B 197 18.08 -32.01 44.09
N VAL B 198 17.48 -33.04 43.50
CA VAL B 198 16.05 -33.31 43.63
C VAL B 198 15.85 -34.54 44.51
N GLY B 199 15.10 -34.37 45.60
CA GLY B 199 14.83 -35.44 46.58
C GLY B 199 13.70 -36.37 46.17
N GLN B 200 13.83 -37.64 46.53
CA GLN B 200 12.78 -38.62 46.28
C GLN B 200 12.52 -39.41 47.54
N ASP B 201 11.24 -39.61 47.86
CA ASP B 201 10.94 -40.37 49.06
C ASP B 201 11.09 -41.87 48.76
N GLU B 202 10.72 -42.72 49.71
CA GLU B 202 10.84 -44.16 49.56
C GLU B 202 10.04 -44.75 48.38
N ARG B 203 9.06 -44.02 47.87
CA ARG B 203 8.27 -44.57 46.81
C ARG B 203 8.59 -43.93 45.46
N GLY B 204 9.55 -43.02 45.46
CA GLY B 204 10.05 -42.45 44.22
C GLY B 204 9.42 -41.13 43.88
N TRP B 205 8.54 -40.63 44.75
CA TRP B 205 7.85 -39.36 44.52
C TRP B 205 8.79 -38.22 44.90
N ILE B 206 8.65 -37.09 44.24
CA ILE B 206 9.55 -35.98 44.55
C ILE B 206 9.21 -35.31 45.89
N SER B 207 10.20 -35.17 46.76
CA SER B 207 9.96 -34.60 48.08
C SER B 207 10.32 -33.11 48.12
N GLY B 208 11.20 -32.68 47.23
CA GLY B 208 11.64 -31.30 47.24
C GLY B 208 12.81 -31.10 46.32
N VAL B 209 13.10 -29.84 46.05
CA VAL B 209 14.29 -29.45 45.30
C VAL B 209 15.24 -28.65 46.20
N HIS B 210 16.48 -29.12 46.30
CA HIS B 210 17.48 -28.50 47.17
C HIS B 210 18.23 -27.44 46.37
N THR B 211 18.28 -26.23 46.92
CA THR B 211 18.91 -25.11 46.22
C THR B 211 20.18 -24.67 46.92
N LYS B 212 20.99 -23.90 46.21
CA LYS B 212 22.28 -23.41 46.73
C LYS B 212 22.08 -22.52 47.94
N GLN B 213 21.14 -21.58 47.86
CA GLN B 213 20.98 -20.55 48.89
C GLN B 213 19.60 -20.49 49.59
N HIS B 214 18.60 -21.20 49.07
CA HIS B 214 17.26 -21.16 49.68
C HIS B 214 16.81 -22.49 50.29
N GLY B 215 17.79 -23.33 50.62
CA GLY B 215 17.54 -24.64 51.22
C GLY B 215 16.65 -25.52 50.34
N GLU B 216 15.87 -26.37 51.00
CA GLU B 216 14.92 -27.28 50.35
C GLU B 216 13.58 -26.58 50.10
N ILE B 217 13.14 -26.63 48.85
CA ILE B 217 11.81 -26.13 48.49
C ILE B 217 10.90 -27.31 48.17
N SER B 218 9.90 -27.54 49.02
CA SER B 218 8.94 -28.65 48.84
C SER B 218 7.57 -28.19 48.41
N GLY B 219 6.77 -29.14 47.99
CA GLY B 219 5.41 -28.89 47.53
C GLY B 219 4.70 -30.18 47.17
N ASP B 220 3.49 -30.06 46.65
CA ASP B 220 2.67 -31.23 46.36
C ASP B 220 2.92 -31.72 44.96
N LEU B 221 2.75 -30.82 43.99
CA LEU B 221 2.98 -31.14 42.60
C LEU B 221 4.24 -30.44 42.08
N PHE B 222 5.04 -31.16 41.29
CA PHE B 222 6.20 -30.56 40.63
C PHE B 222 6.02 -30.53 39.13
N VAL B 223 6.36 -29.39 38.54
CA VAL B 223 6.33 -29.21 37.11
C VAL B 223 7.76 -29.04 36.61
N ASP B 224 8.20 -29.94 35.74
CA ASP B 224 9.52 -29.86 35.14
C ASP B 224 9.47 -28.92 33.96
N CYS B 225 10.06 -27.75 34.12
CA CYS B 225 10.17 -26.83 32.99
C CYS B 225 11.65 -26.54 32.72
N THR B 226 12.48 -27.57 32.83
CA THR B 226 13.93 -27.40 32.73
C THR B 226 14.51 -27.51 31.32
N GLY B 227 13.67 -27.69 30.30
CA GLY B 227 14.15 -27.78 28.91
C GLY B 227 14.55 -29.18 28.50
N PHE B 228 15.40 -29.29 27.48
CA PHE B 228 15.84 -30.58 26.93
C PHE B 228 16.45 -31.51 28.00
N ARG B 229 17.11 -30.87 28.94
CA ARG B 229 17.67 -31.42 30.16
C ARG B 229 16.76 -32.45 30.86
N GLY B 230 15.46 -32.13 30.95
CA GLY B 230 14.48 -32.97 31.67
C GLY B 230 14.96 -33.36 33.06
N LEU B 231 15.31 -32.35 33.86
CA LEU B 231 15.96 -32.57 35.16
C LEU B 231 15.15 -33.44 36.13
N LEU B 232 13.84 -33.25 36.18
CA LEU B 232 12.97 -34.02 37.06
C LEU B 232 12.46 -35.24 36.35
N ILE B 233 11.77 -35.03 35.23
CA ILE B 233 11.12 -36.12 34.49
C ILE B 233 12.10 -37.21 33.99
N ASN B 234 13.23 -36.79 33.41
CA ASN B 234 14.22 -37.75 32.91
C ASN B 234 15.36 -38.01 33.87
N GLN B 235 16.00 -36.98 34.39
CA GLN B 235 17.19 -37.20 35.20
C GLN B 235 16.87 -37.71 36.60
N THR B 236 15.80 -37.23 37.21
CA THR B 236 15.44 -37.71 38.51
C THR B 236 14.55 -38.96 38.46
N LEU B 237 13.53 -38.94 37.61
CA LEU B 237 12.49 -39.99 37.60
C LEU B 237 12.73 -41.14 36.63
N GLY B 238 13.73 -40.99 35.76
CA GLY B 238 14.07 -42.02 34.80
C GLY B 238 13.02 -42.28 33.73
N GLY B 239 12.13 -41.33 33.45
CA GLY B 239 11.19 -41.45 32.31
C GLY B 239 11.90 -41.83 31.01
N ARG B 240 11.30 -42.67 30.18
CA ARG B 240 11.90 -43.04 28.88
C ARG B 240 11.59 -41.97 27.85
N PHE B 241 12.59 -41.53 27.12
CA PHE B 241 12.37 -40.60 26.01
C PHE B 241 12.36 -41.36 24.69
N GLN B 242 11.36 -41.06 23.85
CA GLN B 242 11.20 -41.73 22.57
C GLN B 242 11.61 -40.76 21.47
N SER B 243 12.74 -41.09 20.83
CA SER B 243 13.32 -40.25 19.78
C SER B 243 12.57 -40.43 18.48
N PHE B 244 12.45 -39.33 17.72
CA PHE B 244 11.80 -39.35 16.40
C PHE B 244 12.82 -39.29 15.25
N SER B 245 14.10 -39.39 15.59
CA SER B 245 15.19 -39.31 14.60
C SER B 245 15.09 -40.28 13.43
N ASP B 246 14.57 -41.48 13.66
CA ASP B 246 14.37 -42.45 12.56
C ASP B 246 13.48 -41.86 11.43
N VAL B 247 12.54 -40.99 11.78
CA VAL B 247 11.65 -40.44 10.74
C VAL B 247 11.86 -38.93 10.48
N LEU B 248 12.36 -38.21 11.48
CA LEU B 248 12.69 -36.79 11.28
C LEU B 248 14.08 -36.53 11.82
N PRO B 249 15.09 -36.70 10.95
CA PRO B 249 16.50 -36.69 11.33
C PRO B 249 17.06 -35.33 11.74
N ASN B 250 16.37 -34.22 11.45
CA ASN B 250 16.96 -32.94 11.82
C ASN B 250 17.28 -32.87 13.31
N ASN B 251 18.52 -32.52 13.65
CA ASN B 251 18.92 -32.60 15.07
C ASN B 251 19.65 -31.39 15.61
N ARG B 252 19.84 -30.38 14.79
CA ARG B 252 20.59 -29.18 15.20
C ARG B 252 20.02 -27.95 14.54
N ALA B 253 20.31 -26.79 15.10
CA ALA B 253 19.90 -25.55 14.48
C ALA B 253 20.96 -24.52 14.79
N VAL B 254 21.14 -23.60 13.86
CA VAL B 254 21.96 -22.43 14.06
C VAL B 254 21.04 -21.22 13.78
N ALA B 255 21.08 -20.20 14.65
CA ALA B 255 20.17 -19.07 14.57
C ALA B 255 20.89 -17.72 14.61
N LEU B 256 20.26 -16.73 13.98
CA LEU B 256 20.73 -15.37 13.98
C LEU B 256 19.61 -14.38 14.27
N ARG B 257 20.00 -13.22 14.80
CA ARG B 257 19.11 -12.07 14.95
C ARG B 257 19.54 -10.95 13.97
N VAL B 258 18.72 -10.72 12.95
CA VAL B 258 19.03 -9.71 11.95
C VAL B 258 18.18 -8.46 12.15
N PRO B 259 18.77 -7.37 12.67
CA PRO B 259 18.01 -6.12 12.74
C PRO B 259 17.52 -5.70 11.34
N ARG B 260 16.35 -5.07 11.28
CA ARG B 260 15.75 -4.70 10.00
C ARG B 260 15.95 -3.22 9.74
N GLU B 261 16.70 -2.89 8.68
CA GLU B 261 16.92 -1.49 8.29
C GLU B 261 15.62 -0.82 7.78
N ASN B 262 14.82 -1.55 7.00
CA ASN B 262 13.59 -0.97 6.41
C ASN B 262 12.35 -1.50 7.11
N ASP B 263 11.75 -0.67 7.95
CA ASP B 263 10.57 -1.04 8.74
C ASP B 263 9.47 -1.76 7.98
N GLU B 264 9.28 -1.35 6.73
CA GLU B 264 8.16 -1.80 5.94
C GLU B 264 8.48 -3.11 5.26
N ASP B 265 9.70 -3.59 5.44
CA ASP B 265 10.04 -4.95 5.05
C ASP B 265 9.39 -6.00 5.98
N MET B 266 8.83 -5.58 7.11
CA MET B 266 8.15 -6.50 8.06
C MET B 266 6.98 -7.29 7.47
N ARG B 267 7.11 -8.61 7.46
CA ARG B 267 6.09 -9.55 6.93
C ARG B 267 5.20 -10.12 8.06
N PRO B 268 3.88 -10.18 7.81
CA PRO B 268 2.92 -10.76 8.76
C PRO B 268 2.78 -12.28 8.63
N TYR B 269 3.90 -12.97 8.42
CA TYR B 269 3.91 -14.44 8.41
C TYR B 269 5.30 -14.95 8.73
N THR B 270 5.42 -16.21 9.14
CA THR B 270 6.68 -16.91 9.24
C THR B 270 6.95 -17.51 7.86
N THR B 271 8.22 -17.58 7.48
CA THR B 271 8.60 -18.23 6.22
C THR B 271 9.38 -19.48 6.57
N ALA B 272 9.10 -20.57 5.86
CA ALA B 272 9.88 -21.81 5.97
C ALA B 272 10.48 -22.11 4.59
N THR B 273 11.79 -21.90 4.45
CA THR B 273 12.50 -21.97 3.19
C THR B 273 13.35 -23.23 3.16
N ALA B 274 13.03 -24.16 2.28
CA ALA B 274 13.82 -25.38 2.17
C ALA B 274 15.21 -25.00 1.68
N MET B 275 16.20 -25.61 2.33
CA MET B 275 17.62 -25.30 2.13
C MET B 275 18.33 -26.59 1.69
N SER B 276 19.64 -26.55 1.54
CA SER B 276 20.32 -27.67 0.90
C SER B 276 20.21 -28.98 1.69
N ALA B 277 20.15 -28.87 3.02
CA ALA B 277 20.17 -30.02 3.93
C ALA B 277 19.31 -29.80 5.17
N GLY B 278 18.12 -29.25 4.97
CA GLY B 278 17.26 -28.85 6.09
C GLY B 278 16.40 -27.69 5.61
N TRP B 279 15.96 -26.84 6.54
CA TRP B 279 15.13 -25.70 6.15
C TRP B 279 15.44 -24.50 7.05
N MET B 280 15.03 -23.32 6.61
CA MET B 280 15.32 -22.07 7.32
C MET B 280 14.04 -21.32 7.71
N TRP B 281 13.95 -20.91 8.97
CA TRP B 281 12.85 -20.11 9.44
C TRP B 281 13.22 -18.64 9.36
N THR B 282 12.22 -17.82 9.03
CA THR B 282 12.27 -16.39 9.25
C THR B 282 11.07 -15.98 10.07
N ILE B 283 11.34 -15.40 11.25
CA ILE B 283 10.29 -14.90 12.16
C ILE B 283 10.46 -13.41 12.37
N PRO B 284 9.57 -12.61 11.76
CA PRO B 284 9.61 -11.13 11.82
C PRO B 284 9.07 -10.52 13.13
N LEU B 285 9.95 -9.95 13.93
CA LEU B 285 9.60 -9.24 15.16
C LEU B 285 9.53 -7.74 14.86
N PHE B 286 9.19 -6.92 15.86
CA PHE B 286 8.93 -5.51 15.57
C PHE B 286 10.11 -4.76 14.93
N LYS B 287 11.34 -5.06 15.34
CA LYS B 287 12.50 -4.32 14.84
C LYS B 287 13.60 -5.22 14.27
N ARG B 288 13.34 -6.52 14.23
CA ARG B 288 14.36 -7.47 13.80
C ARG B 288 13.69 -8.69 13.23
N ASP B 289 14.42 -9.44 12.42
CA ASP B 289 13.98 -10.79 12.07
C ASP B 289 14.84 -11.79 12.82
N GLY B 290 14.22 -12.86 13.32
CA GLY B 290 14.94 -14.05 13.73
C GLY B 290 15.02 -15.02 12.57
N ASN B 291 16.23 -15.50 12.26
CA ASN B 291 16.46 -16.50 11.21
C ASN B 291 17.17 -17.69 11.81
N GLY B 292 16.92 -18.88 11.27
CA GLY B 292 17.55 -20.08 11.80
C GLY B 292 17.53 -21.21 10.81
N TYR B 293 18.61 -21.96 10.76
CA TYR B 293 18.69 -23.09 9.85
C TYR B 293 18.60 -24.37 10.64
N VAL B 294 17.56 -25.16 10.40
CA VAL B 294 17.33 -26.45 11.05
C VAL B 294 17.84 -27.55 10.12
N TYR B 295 18.72 -28.41 10.58
CA TYR B 295 19.43 -29.35 9.68
C TYR B 295 19.78 -30.69 10.33
N SER B 296 20.23 -31.65 9.52
CA SER B 296 20.75 -32.90 10.06
C SER B 296 22.26 -32.97 9.95
N ASP B 297 22.97 -33.12 11.08
CA ASP B 297 24.44 -33.15 11.01
C ASP B 297 25.01 -34.33 10.23
N GLU B 298 24.13 -35.23 9.82
CA GLU B 298 24.50 -36.35 8.97
C GLU B 298 24.81 -35.89 7.54
N PHE B 299 24.26 -34.74 7.13
CA PHE B 299 24.37 -34.26 5.74
C PHE B 299 25.12 -32.94 5.57
N ILE B 300 25.35 -32.26 6.68
CA ILE B 300 25.98 -30.96 6.66
C ILE B 300 26.52 -30.69 8.06
N SER B 301 27.77 -30.21 8.11
CA SER B 301 28.41 -29.88 9.37
C SER B 301 27.79 -28.58 9.92
N PRO B 302 27.91 -28.34 11.23
CA PRO B 302 27.50 -27.07 11.83
C PRO B 302 28.11 -25.83 11.15
N GLU B 303 29.37 -25.92 10.76
CA GLU B 303 30.01 -24.77 10.13
C GLU B 303 29.51 -24.51 8.69
N GLU B 304 29.34 -25.57 7.89
CA GLU B 304 28.69 -25.44 6.57
C GLU B 304 27.29 -24.83 6.69
N ALA B 305 26.51 -25.31 7.67
CA ALA B 305 25.18 -24.76 7.92
C ALA B 305 25.21 -23.28 8.28
N GLU B 306 26.17 -22.88 9.13
CA GLU B 306 26.35 -21.45 9.44
C GLU B 306 26.68 -20.63 8.18
N ARG B 307 27.65 -21.08 7.39
CA ARG B 307 27.97 -20.35 6.13
C ARG B 307 26.73 -20.18 5.24
N GLU B 308 25.95 -21.26 5.09
CA GLU B 308 24.83 -21.24 4.17
C GLU B 308 23.77 -20.31 4.70
N LEU B 309 23.55 -20.34 6.02
CA LEU B 309 22.63 -19.41 6.67
C LEU B 309 23.08 -17.97 6.42
N ARG B 310 24.37 -17.70 6.66
CA ARG B 310 24.96 -16.37 6.49
C ARG B 310 24.91 -15.83 5.06
N SER B 311 25.26 -16.66 4.08
CA SER B 311 25.08 -16.31 2.66
C SER B 311 23.68 -15.84 2.36
N THR B 312 22.70 -16.54 2.92
CA THR B 312 21.32 -16.33 2.50
C THR B 312 20.75 -15.05 3.11
N VAL B 313 20.90 -14.87 4.42
CA VAL B 313 20.19 -13.78 5.10
C VAL B 313 21.06 -12.62 5.53
N ALA B 314 22.36 -12.86 5.71
CA ALA B 314 23.21 -11.80 6.20
C ALA B 314 24.66 -11.90 5.72
N PRO B 315 24.89 -11.82 4.40
CA PRO B 315 26.27 -11.90 3.94
C PRO B 315 27.07 -10.75 4.52
N GLY B 316 28.32 -11.01 4.89
CA GLY B 316 29.23 -9.97 5.33
C GLY B 316 29.00 -9.46 6.74
N ARG B 317 28.03 -10.02 7.45
CA ARG B 317 27.69 -9.48 8.75
C ARG B 317 28.26 -10.27 9.91
N ASP B 318 29.60 -10.20 10.00
CA ASP B 318 30.38 -10.83 11.06
C ASP B 318 30.11 -10.25 12.46
N ASP B 319 29.55 -9.04 12.50
CA ASP B 319 29.13 -8.43 13.77
C ASP B 319 28.02 -9.25 14.47
N LEU B 320 27.34 -10.10 13.70
CA LEU B 320 26.22 -10.87 14.22
C LEU B 320 26.64 -12.27 14.66
N GLU B 321 26.25 -12.63 15.89
CA GLU B 321 26.62 -13.91 16.50
C GLU B 321 25.64 -15.04 16.17
N ALA B 322 26.18 -16.18 15.74
CA ALA B 322 25.38 -17.36 15.49
C ALA B 322 25.21 -18.16 16.78
N ASN B 323 23.99 -18.63 17.00
CA ASN B 323 23.64 -19.44 18.15
C ASN B 323 23.44 -20.86 17.67
N HIS B 324 24.34 -21.77 18.08
CA HIS B 324 24.26 -23.16 17.68
C HIS B 324 23.54 -23.97 18.74
N ILE B 325 22.60 -24.82 18.31
CA ILE B 325 21.68 -25.52 19.19
C ILE B 325 21.57 -26.97 18.76
N GLN B 326 21.78 -27.88 19.71
CA GLN B 326 21.44 -29.30 19.54
C GLN B 326 20.03 -29.46 20.09
N MET B 327 19.18 -30.16 19.34
CA MET B 327 17.77 -30.34 19.72
C MET B 327 17.54 -31.79 20.12
N ARG B 328 16.65 -32.00 21.07
CA ARG B 328 16.26 -33.33 21.48
C ARG B 328 14.86 -33.57 20.87
N ILE B 329 14.78 -34.45 19.88
CA ILE B 329 13.57 -34.59 19.10
C ILE B 329 12.88 -35.87 19.46
N GLY B 330 11.67 -35.72 19.97
CA GLY B 330 10.83 -36.84 20.33
C GLY B 330 9.92 -36.42 21.47
N ARG B 331 9.51 -37.40 22.26
CA ARG B 331 8.66 -37.16 23.40
C ARG B 331 8.93 -38.22 24.44
N ASN B 332 8.72 -37.81 25.69
CA ASN B 332 8.59 -38.72 26.78
C ASN B 332 7.41 -39.66 26.56
N GLU B 333 7.61 -40.95 26.81
N GLU B 333 7.68 -40.94 26.79
CA GLU B 333 6.51 -41.89 26.79
CA GLU B 333 6.69 -42.00 26.94
C GLU B 333 5.41 -41.33 27.69
C GLU B 333 5.48 -41.51 27.74
N ARG B 334 5.78 -40.92 28.90
CA ARG B 334 4.82 -40.29 29.79
C ARG B 334 5.37 -38.94 30.22
N THR B 335 4.58 -37.89 30.15
CA THR B 335 5.05 -36.60 30.63
C THR B 335 4.61 -36.35 32.07
N TRP B 336 3.76 -37.21 32.61
CA TRP B 336 3.37 -37.13 34.00
C TRP B 336 3.72 -38.45 34.71
N ILE B 337 4.70 -38.39 35.62
CA ILE B 337 5.14 -39.58 36.37
C ILE B 337 5.15 -39.21 37.84
N ASN B 338 4.52 -40.06 38.66
CA ASN B 338 4.37 -39.77 40.10
C ASN B 338 3.74 -38.40 40.31
N ASN B 339 4.40 -37.52 41.07
CA ASN B 339 3.89 -36.16 41.31
C ASN B 339 4.64 -35.13 40.49
N CYS B 340 5.10 -35.54 39.31
CA CYS B 340 5.81 -34.61 38.40
C CYS B 340 5.24 -34.58 36.99
N VAL B 341 5.00 -33.36 36.50
CA VAL B 341 4.52 -33.12 35.12
C VAL B 341 5.53 -32.30 34.33
N ALA B 342 5.99 -32.81 33.21
CA ALA B 342 6.85 -32.02 32.31
C ALA B 342 6.01 -31.15 31.37
N VAL B 343 6.37 -29.88 31.25
CA VAL B 343 5.73 -28.95 30.32
C VAL B 343 6.82 -28.28 29.48
N GLY B 344 6.67 -28.32 28.15
CA GLY B 344 7.68 -27.71 27.25
C GLY B 344 8.71 -28.69 26.71
N LEU B 345 9.95 -28.25 26.55
CA LEU B 345 11.03 -29.06 25.92
C LEU B 345 11.38 -30.27 26.78
N SER B 346 11.17 -30.14 28.08
CA SER B 346 11.27 -31.28 28.98
C SER B 346 10.30 -32.43 28.63
N ALA B 347 9.16 -32.10 28.03
CA ALA B 347 8.14 -33.09 27.71
C ALA B 347 8.28 -33.66 26.33
N ALA B 348 8.49 -32.77 25.36
CA ALA B 348 8.52 -33.14 23.95
C ALA B 348 9.08 -32.00 23.15
N PHE B 349 9.57 -32.32 21.97
CA PHE B 349 9.91 -31.32 21.00
C PHE B 349 10.01 -31.92 19.59
N VAL B 350 9.51 -31.18 18.62
CA VAL B 350 9.73 -31.47 17.23
C VAL B 350 10.28 -30.17 16.61
N GLU B 351 10.94 -30.28 15.46
CA GLU B 351 11.47 -29.12 14.77
C GLU B 351 10.31 -28.11 14.57
N PRO B 352 10.62 -26.81 14.64
CA PRO B 352 9.61 -25.78 14.62
C PRO B 352 9.01 -25.46 13.23
N LEU B 353 8.93 -26.48 12.37
CA LEU B 353 8.42 -26.32 11.01
C LEU B 353 6.96 -25.85 10.95
N GLU B 354 6.17 -26.22 11.96
CA GLU B 354 4.81 -25.71 12.01
C GLU B 354 4.55 -24.96 13.29
N SER B 355 5.62 -24.42 13.87
CA SER B 355 5.61 -23.71 15.14
C SER B 355 4.67 -24.27 16.22
N THR B 356 5.04 -25.46 16.72
CA THR B 356 4.21 -26.14 17.72
C THR B 356 4.62 -25.98 19.17
N GLY B 357 5.79 -25.39 19.42
CA GLY B 357 6.39 -25.34 20.74
C GLY B 357 5.50 -24.75 21.81
N ILE B 358 5.03 -23.53 21.56
CA ILE B 358 4.17 -22.84 22.50
C ILE B 358 2.81 -23.51 22.64
N PHE B 359 2.33 -24.10 21.54
CA PHE B 359 1.06 -24.86 21.52
C PHE B 359 1.14 -26.10 22.46
N PHE B 360 2.21 -26.89 22.33
CA PHE B 360 2.47 -27.99 23.25
C PHE B 360 2.46 -27.50 24.70
N ILE B 361 3.06 -26.34 24.96
CA ILE B 361 3.09 -25.80 26.31
C ILE B 361 1.69 -25.47 26.76
N GLN B 362 0.99 -24.65 25.98
CA GLN B 362 -0.40 -24.28 26.26
C GLN B 362 -1.32 -25.49 26.45
N HIS B 363 -1.28 -26.43 25.52
CA HIS B 363 -2.15 -27.60 25.62
C HIS B 363 -1.81 -28.47 26.86
N ALA B 364 -0.53 -28.64 27.14
CA ALA B 364 -0.12 -29.38 28.32
C ALA B 364 -0.62 -28.71 29.61
N ILE B 365 -0.59 -27.38 29.64
CA ILE B 365 -1.04 -26.62 30.83
C ILE B 365 -2.56 -26.56 31.00
N GLU B 366 -3.28 -26.35 29.90
CA GLU B 366 -4.74 -26.30 29.93
C GLU B 366 -5.26 -27.64 30.38
N GLN B 367 -4.68 -28.71 29.82
CA GLN B 367 -5.03 -30.07 30.18
C GLN B 367 -4.59 -30.50 31.58
N LEU B 368 -3.53 -29.87 32.12
CA LEU B 368 -3.11 -30.11 33.51
C LEU B 368 -4.13 -29.50 34.44
N VAL B 369 -4.68 -28.35 34.06
CA VAL B 369 -5.74 -27.75 34.87
C VAL B 369 -6.94 -28.70 34.89
N LYS B 370 -7.35 -29.17 33.72
CA LYS B 370 -8.45 -30.13 33.62
C LYS B 370 -8.20 -31.47 34.34
N HIS B 371 -6.95 -31.93 34.32
CA HIS B 371 -6.57 -33.18 34.93
C HIS B 371 -5.87 -32.92 36.28
N PHE B 372 -6.15 -31.77 36.87
CA PHE B 372 -5.52 -31.42 38.13
C PHE B 372 -5.86 -32.44 39.19
N PRO B 373 -4.85 -32.87 39.99
CA PRO B 373 -5.06 -33.95 40.94
C PRO B 373 -5.63 -33.51 42.29
N GLY B 374 -6.37 -34.42 42.90
CA GLY B 374 -6.78 -34.27 44.30
C GLY B 374 -5.78 -35.08 45.10
N GLU B 375 -5.99 -35.13 46.42
CA GLU B 375 -5.11 -35.83 47.35
C GLU B 375 -4.98 -37.34 47.06
N ARG B 376 -5.98 -37.88 46.39
CA ARG B 376 -6.04 -39.26 45.93
C ARG B 376 -5.08 -39.57 44.77
N TRP B 377 -4.63 -38.54 44.03
CA TRP B 377 -3.77 -38.75 42.84
C TRP B 377 -4.29 -39.88 41.95
N ASP B 378 -5.59 -39.81 41.67
CA ASP B 378 -6.27 -40.73 40.78
C ASP B 378 -5.40 -41.10 39.56
N PRO B 379 -4.90 -42.35 39.51
CA PRO B 379 -3.99 -42.72 38.42
C PRO B 379 -4.68 -42.88 37.07
N VAL B 380 -5.99 -43.09 37.06
CA VAL B 380 -6.74 -43.17 35.79
C VAL B 380 -6.80 -41.80 35.13
N LEU B 381 -6.99 -40.76 35.94
CA LEU B 381 -6.98 -39.38 35.45
C LEU B 381 -5.60 -39.02 34.92
N ILE B 382 -4.58 -39.49 35.60
CA ILE B 382 -3.20 -39.30 35.16
C ILE B 382 -2.92 -39.95 33.81
N SER B 383 -3.37 -41.20 33.62
CA SER B 383 -3.06 -41.87 32.37
C SER B 383 -3.87 -41.32 31.20
N ALA B 384 -5.03 -40.74 31.48
CA ALA B 384 -5.77 -40.05 30.44
C ALA B 384 -5.01 -38.79 30.02
N TYR B 385 -4.38 -38.10 30.97
CA TYR B 385 -3.54 -36.95 30.66
C TYR B 385 -2.41 -37.35 29.71
N ASN B 386 -1.71 -38.43 30.09
CA ASN B 386 -0.58 -38.96 29.34
C ASN B 386 -0.90 -39.40 27.92
N GLU B 387 -2.06 -40.03 27.73
CA GLU B 387 -2.54 -40.40 26.39
C GLU B 387 -2.76 -39.18 25.51
N ARG B 388 -3.41 -38.15 26.05
CA ARG B 388 -3.63 -36.88 25.37
C ARG B 388 -2.34 -36.22 24.88
N MET B 389 -1.35 -36.12 25.76
CA MET B 389 -0.07 -35.51 25.41
C MET B 389 0.68 -36.36 24.39
N ALA B 390 0.61 -37.68 24.53
CA ALA B 390 1.18 -38.56 23.52
C ALA B 390 0.54 -38.33 22.13
N HIS B 391 -0.79 -38.32 22.08
CA HIS B 391 -1.50 -38.13 20.81
C HIS B 391 -1.15 -36.78 20.19
N MET B 392 -1.08 -35.75 21.03
CA MET B 392 -0.86 -34.40 20.58
C MET B 392 0.42 -34.34 19.75
N VAL B 393 1.49 -34.97 20.25
CA VAL B 393 2.77 -34.95 19.60
C VAL B 393 2.87 -35.92 18.42
N ASP B 394 2.32 -37.12 18.57
CA ASP B 394 2.40 -38.12 17.51
C ASP B 394 1.66 -37.66 16.25
N GLY B 395 0.58 -36.89 16.44
CA GLY B 395 -0.19 -36.34 15.34
C GLY B 395 0.64 -35.34 14.55
N VAL B 396 1.35 -34.45 15.26
CA VAL B 396 2.22 -33.49 14.62
C VAL B 396 3.38 -34.21 13.93
N LYS B 397 3.91 -35.24 14.57
CA LYS B 397 5.04 -35.99 14.02
C LYS B 397 4.64 -36.53 12.65
N GLU B 398 3.45 -37.12 12.59
CA GLU B 398 2.93 -37.62 11.33
C GLU B 398 2.71 -36.49 10.30
N PHE B 399 2.14 -35.37 10.74
CA PHE B 399 1.94 -34.18 9.94
C PHE B 399 3.27 -33.69 9.37
N LEU B 400 4.31 -33.65 10.21
CA LEU B 400 5.63 -33.22 9.75
C LEU B 400 6.30 -34.11 8.72
N VAL B 401 6.27 -35.43 8.95
CA VAL B 401 6.85 -36.37 8.00
C VAL B 401 6.20 -36.14 6.61
N LEU B 402 4.91 -35.84 6.61
CA LEU B 402 4.14 -35.48 5.42
C LEU B 402 4.74 -34.32 4.62
N HIS B 403 5.30 -33.35 5.30
CA HIS B 403 5.97 -32.22 4.66
C HIS B 403 7.19 -32.72 3.85
N TYR B 404 8.02 -33.57 4.48
CA TYR B 404 9.21 -34.12 3.83
C TYR B 404 8.81 -35.07 2.70
N LYS B 405 7.73 -35.82 2.88
CA LYS B 405 7.27 -36.70 1.81
C LYS B 405 6.61 -35.92 0.67
N GLY B 406 6.09 -34.74 0.97
CA GLY B 406 5.47 -33.89 -0.02
C GLY B 406 6.46 -33.07 -0.85
N ALA B 407 7.59 -32.71 -0.26
CA ALA B 407 8.58 -31.95 -0.99
C ALA B 407 8.99 -32.70 -2.27
N GLN B 408 8.85 -32.05 -3.41
N GLN B 408 8.87 -32.04 -3.41
CA GLN B 408 9.18 -32.72 -4.68
CA GLN B 408 9.18 -32.72 -4.68
C GLN B 408 10.68 -32.65 -5.05
C GLN B 408 10.64 -32.57 -5.13
N ARG B 409 11.42 -31.69 -4.48
CA ARG B 409 12.84 -31.49 -4.82
C ARG B 409 13.69 -32.71 -4.45
N GLU B 410 14.69 -33.01 -5.27
CA GLU B 410 15.57 -34.16 -5.04
C GLU B 410 17.03 -33.82 -5.39
N ASP B 411 17.36 -32.53 -5.35
CA ASP B 411 18.66 -32.02 -5.81
C ASP B 411 19.89 -32.40 -4.98
N THR B 412 19.71 -32.65 -3.68
CA THR B 412 20.86 -32.95 -2.79
C THR B 412 20.67 -34.29 -2.10
N PRO B 413 21.77 -34.89 -1.56
CA PRO B 413 21.64 -36.17 -0.84
C PRO B 413 20.58 -36.14 0.29
N TYR B 414 20.39 -34.97 0.92
CA TYR B 414 19.39 -34.83 1.96
C TYR B 414 17.99 -35.00 1.40
N TRP B 415 17.72 -34.38 0.25
CA TRP B 415 16.37 -34.43 -0.29
C TRP B 415 16.07 -35.81 -0.90
N LYS B 416 17.08 -36.43 -1.48
CA LYS B 416 16.96 -37.80 -1.95
C LYS B 416 16.66 -38.77 -0.80
N ALA B 417 17.33 -38.61 0.34
CA ALA B 417 17.15 -39.51 1.46
C ALA B 417 15.78 -39.32 2.16
N ALA B 418 15.27 -38.08 2.13
CA ALA B 418 13.98 -37.73 2.68
C ALA B 418 12.87 -38.46 1.94
N LYS B 419 13.14 -38.86 0.70
CA LYS B 419 12.13 -39.43 -0.19
C LYS B 419 11.89 -40.90 0.10
N THR B 420 12.95 -41.59 0.53
CA THR B 420 12.93 -43.01 0.81
C THR B 420 12.93 -43.34 2.31
N ARG B 421 12.98 -42.32 3.15
CA ARG B 421 13.07 -42.57 4.58
C ARG B 421 11.77 -43.20 5.08
N ALA B 422 11.92 -43.99 6.16
CA ALA B 422 10.83 -44.72 6.76
C ALA B 422 9.83 -43.71 7.33
N MET B 423 8.59 -44.15 7.47
CA MET B 423 7.46 -43.30 7.86
C MET B 423 6.82 -43.84 9.12
N PRO B 424 6.10 -42.99 9.88
CA PRO B 424 5.27 -43.56 10.97
C PRO B 424 4.19 -44.46 10.42
N ASP B 425 3.70 -45.37 11.25
CA ASP B 425 2.60 -46.25 10.87
C ASP B 425 1.40 -45.39 10.53
N GLY B 426 0.72 -45.72 9.44
CA GLY B 426 -0.52 -45.04 9.10
C GLY B 426 -0.37 -44.00 8.02
N LEU B 427 0.85 -43.46 7.89
CA LEU B 427 1.07 -42.44 6.90
C LEU B 427 0.93 -42.96 5.49
N ALA B 428 1.46 -44.14 5.20
CA ALA B 428 1.37 -44.72 3.87
C ALA B 428 -0.06 -44.80 3.32
N ARG B 429 -1.01 -45.17 4.19
CA ARG B 429 -2.40 -45.26 3.83
C ARG B 429 -2.93 -43.87 3.48
N LYS B 430 -2.51 -42.88 4.25
CA LYS B 430 -2.84 -41.48 3.98
C LYS B 430 -2.29 -41.00 2.63
N LEU B 431 -1.09 -41.41 2.23
CA LEU B 431 -0.60 -41.03 0.90
C LEU B 431 -1.29 -41.83 -0.20
N GLU B 432 -1.58 -43.11 0.08
CA GLU B 432 -2.31 -43.92 -0.89
C GLU B 432 -3.67 -43.29 -1.20
N LEU B 433 -4.29 -42.73 -0.17
CA LEU B 433 -5.60 -42.11 -0.27
C LEU B 433 -5.46 -40.82 -1.07
N SER B 434 -4.42 -40.07 -0.72
CA SER B 434 -4.15 -38.75 -1.31
C SER B 434 -3.84 -38.76 -2.80
N ALA B 435 -3.45 -39.91 -3.33
CA ALA B 435 -3.27 -40.02 -4.79
C ALA B 435 -4.62 -40.18 -5.48
N SER B 436 -5.62 -40.64 -4.71
CA SER B 436 -6.99 -40.89 -5.18
C SER B 436 -7.92 -39.71 -4.99
N HIS B 437 -7.87 -39.08 -3.81
CA HIS B 437 -8.81 -38.05 -3.41
C HIS B 437 -8.33 -37.41 -2.12
N LEU B 438 -8.89 -36.26 -1.76
CA LEU B 438 -8.44 -35.47 -0.61
C LEU B 438 -8.65 -36.13 0.74
N LEU B 439 -7.70 -35.93 1.65
CA LEU B 439 -7.86 -36.36 3.04
C LEU B 439 -9.01 -35.55 3.63
N ASP B 440 -9.66 -36.13 4.62
CA ASP B 440 -10.72 -35.43 5.33
C ASP B 440 -10.64 -35.68 6.81
N GLU B 441 -11.62 -35.16 7.54
CA GLU B 441 -11.77 -35.36 8.99
C GLU B 441 -11.69 -36.84 9.42
N GLN B 442 -12.13 -37.75 8.57
CA GLN B 442 -12.18 -39.16 8.91
C GLN B 442 -10.86 -39.89 8.59
N THR B 443 -10.00 -39.25 7.78
CA THR B 443 -8.79 -39.91 7.32
C THR B 443 -7.46 -39.24 7.74
N ILE B 444 -7.53 -38.06 8.31
CA ILE B 444 -6.31 -37.48 8.94
C ILE B 444 -6.09 -38.12 10.29
N TYR B 445 -5.05 -37.69 11.01
CA TYR B 445 -4.80 -38.19 12.36
C TYR B 445 -6.02 -37.90 13.26
N PRO B 446 -6.56 -38.95 13.89
CA PRO B 446 -7.90 -38.84 14.50
C PRO B 446 -7.96 -38.25 15.93
N TYR B 447 -6.83 -38.07 16.60
CA TYR B 447 -6.85 -37.51 17.94
C TYR B 447 -6.35 -36.09 17.90
N TYR B 448 -6.70 -35.30 18.91
CA TYR B 448 -6.34 -33.91 18.85
C TYR B 448 -4.83 -33.68 18.78
N HIS B 449 -4.37 -32.92 17.79
CA HIS B 449 -2.94 -32.64 17.62
C HIS B 449 -2.77 -31.20 17.15
N GLY B 450 -3.78 -30.35 17.41
CA GLY B 450 -3.67 -28.94 16.99
C GLY B 450 -4.03 -28.64 15.55
N PHE B 451 -3.98 -29.61 14.65
CA PHE B 451 -4.25 -29.27 13.26
C PHE B 451 -5.56 -29.88 12.79
N GLU B 452 -6.23 -29.19 11.86
CA GLU B 452 -7.46 -29.68 11.18
C GLU B 452 -7.20 -30.15 9.76
N THR B 453 -8.26 -30.65 9.12
CA THR B 453 -8.24 -31.13 7.77
C THR B 453 -7.60 -30.16 6.79
N TYR B 454 -8.01 -28.88 6.80
CA TYR B 454 -7.49 -27.92 5.79
C TYR B 454 -5.96 -27.81 5.81
N SER B 455 -5.37 -27.95 6.99
CA SER B 455 -3.93 -27.89 7.17
C SER B 455 -3.26 -29.08 6.47
N TRP B 456 -3.84 -30.26 6.65
CA TRP B 456 -3.38 -31.47 5.94
C TRP B 456 -3.56 -31.35 4.42
N ILE B 457 -4.71 -30.85 4.00
CA ILE B 457 -5.02 -30.69 2.57
C ILE B 457 -4.05 -29.70 1.95
N THR B 458 -3.89 -28.56 2.64
CA THR B 458 -3.12 -27.43 2.15
C THR B 458 -1.67 -27.77 1.96
N MET B 459 -1.09 -28.55 2.89
CA MET B 459 0.29 -28.97 2.74
C MET B 459 0.44 -29.94 1.56
N ASN B 460 -0.41 -30.97 1.49
CA ASN B 460 -0.44 -31.83 0.31
C ASN B 460 -0.56 -31.07 -1.01
N LEU B 461 -1.56 -30.19 -1.14
CA LEU B 461 -1.77 -29.48 -2.40
C LEU B 461 -0.66 -28.44 -2.66
N GLY B 462 -0.12 -27.85 -1.59
CA GLY B 462 0.98 -26.88 -1.71
C GLY B 462 2.24 -27.53 -2.23
N LEU B 463 2.59 -28.69 -1.69
CA LEU B 463 3.84 -29.37 -1.99
C LEU B 463 3.81 -30.17 -3.27
N GLY B 464 2.64 -30.67 -3.63
CA GLY B 464 2.51 -31.46 -4.86
C GLY B 464 1.87 -32.83 -4.75
N ILE B 465 1.26 -33.17 -3.61
CA ILE B 465 0.56 -34.46 -3.50
C ILE B 465 -0.94 -34.25 -3.78
N VAL B 466 -1.30 -34.51 -5.04
CA VAL B 466 -2.55 -34.04 -5.63
C VAL B 466 -3.31 -35.28 -6.16
N PRO B 467 -4.64 -35.33 -5.98
CA PRO B 467 -5.29 -36.54 -6.52
C PRO B 467 -5.10 -36.65 -8.03
N GLU B 468 -4.99 -37.88 -8.51
CA GLU B 468 -4.85 -38.16 -9.93
C GLU B 468 -5.97 -37.51 -10.76
N ARG B 469 -7.20 -37.52 -10.26
CA ARG B 469 -8.28 -36.79 -10.92
C ARG B 469 -9.19 -36.06 -9.94
N PRO B 470 -9.95 -35.07 -10.39
CA PRO B 470 -10.87 -34.44 -9.44
C PRO B 470 -11.98 -35.40 -8.97
N ARG B 471 -12.75 -35.02 -7.96
CA ARG B 471 -13.77 -35.88 -7.43
C ARG B 471 -14.90 -36.06 -8.45
N PRO B 472 -15.22 -37.34 -8.78
CA PRO B 472 -16.09 -37.55 -9.91
C PRO B 472 -17.48 -37.00 -9.71
N ALA B 473 -17.93 -36.93 -8.46
CA ALA B 473 -19.25 -36.35 -8.19
C ALA B 473 -19.32 -34.95 -8.77
N LEU B 474 -18.20 -34.24 -8.76
CA LEU B 474 -18.16 -32.83 -9.21
C LEU B 474 -18.59 -32.61 -10.65
N LEU B 475 -18.33 -33.60 -11.50
CA LEU B 475 -18.73 -33.51 -12.90
C LEU B 475 -20.22 -33.72 -13.14
N HIS B 476 -20.93 -34.21 -12.14
CA HIS B 476 -22.40 -34.32 -12.26
C HIS B 476 -23.10 -33.04 -11.75
N MET B 477 -22.31 -32.04 -11.36
CA MET B 477 -22.86 -30.88 -10.66
C MET B 477 -22.61 -29.55 -11.37
N ASP B 478 -23.44 -28.55 -11.09
CA ASP B 478 -23.29 -27.19 -11.62
C ASP B 478 -22.00 -26.54 -11.04
N PRO B 479 -21.04 -26.13 -11.90
CA PRO B 479 -19.83 -25.47 -11.39
C PRO B 479 -19.98 -23.97 -11.06
N ALA B 480 -21.07 -23.35 -11.52
CA ALA B 480 -21.26 -21.89 -11.42
C ALA B 480 -21.15 -21.33 -10.03
N PRO B 481 -21.82 -21.95 -9.01
CA PRO B 481 -21.68 -21.48 -7.61
C PRO B 481 -20.25 -21.40 -7.08
N ALA B 482 -19.41 -22.35 -7.49
CA ALA B 482 -18.03 -22.42 -7.03
C ALA B 482 -17.19 -21.45 -7.82
N LEU B 483 -17.55 -21.23 -9.07
CA LEU B 483 -16.82 -20.23 -9.86
C LEU B 483 -17.12 -18.84 -9.33
N ALA B 484 -18.37 -18.62 -8.94
CA ALA B 484 -18.78 -17.40 -8.27
C ALA B 484 -17.94 -17.15 -7.01
N GLU B 485 -17.73 -18.21 -6.22
CA GLU B 485 -17.02 -18.13 -4.95
C GLU B 485 -15.51 -17.84 -5.12
N PHE B 486 -14.88 -18.47 -6.11
CA PHE B 486 -13.50 -18.16 -6.41
C PHE B 486 -13.39 -16.69 -6.74
N GLU B 487 -14.41 -16.15 -7.43
CA GLU B 487 -14.46 -14.73 -7.78
C GLU B 487 -14.62 -13.82 -6.58
N ARG B 488 -15.56 -14.13 -5.66
CA ARG B 488 -15.67 -13.39 -4.39
C ARG B 488 -14.36 -13.32 -3.57
N LEU B 489 -13.63 -14.43 -3.54
CA LEU B 489 -12.35 -14.53 -2.83
C LEU B 489 -11.30 -13.57 -3.44
N ARG B 490 -11.19 -13.60 -4.78
CA ARG B 490 -10.27 -12.75 -5.53
C ARG B 490 -10.62 -11.29 -5.25
N ARG B 491 -11.91 -11.00 -5.27
CA ARG B 491 -12.42 -9.65 -5.12
C ARG B 491 -12.27 -9.15 -3.67
N GLU B 492 -12.66 -9.95 -2.70
CA GLU B 492 -12.49 -9.60 -1.28
C GLU B 492 -11.02 -9.32 -0.84
N GLY B 493 -10.10 -10.16 -1.30
CA GLY B 493 -8.69 -9.98 -0.99
C GLY B 493 -8.21 -8.64 -1.50
N ASP B 494 -8.55 -8.35 -2.76
CA ASP B 494 -8.18 -7.08 -3.40
C ASP B 494 -8.71 -5.86 -2.63
N GLU B 495 -9.92 -6.00 -2.08
CA GLU B 495 -10.57 -4.91 -1.38
C GLU B 495 -10.03 -4.77 0.04
N LEU B 496 -9.66 -5.88 0.67
CA LEU B 496 -9.06 -5.84 1.99
C LEU B 496 -7.65 -5.20 1.96
N ILE B 497 -6.81 -5.59 1.01
CA ILE B 497 -5.47 -5.02 0.92
C ILE B 497 -5.52 -3.50 0.68
N ALA B 498 -6.59 -3.04 0.02
CA ALA B 498 -6.85 -1.62 -0.25
C ALA B 498 -7.31 -0.81 0.96
N ALA B 499 -7.81 -1.49 1.98
CA ALA B 499 -8.30 -0.82 3.18
C ALA B 499 -7.36 -0.99 4.39
N LEU B 500 -6.68 -2.12 4.49
CA LEU B 500 -5.87 -2.40 5.67
C LEU B 500 -4.50 -1.69 5.69
N PRO B 501 -4.00 -1.36 6.90
CA PRO B 501 -2.67 -0.76 6.96
C PRO B 501 -1.62 -1.87 6.83
N SER B 502 -0.37 -1.50 6.67
CA SER B 502 0.64 -2.53 6.62
C SER B 502 0.83 -3.15 8.02
N CYS B 503 1.40 -4.33 8.06
CA CYS B 503 1.79 -4.98 9.31
C CYS B 503 2.56 -4.03 10.24
N TYR B 504 3.63 -3.42 9.71
CA TYR B 504 4.44 -2.48 10.50
C TYR B 504 3.67 -1.25 10.92
N GLU B 505 2.95 -0.68 9.96
CA GLU B 505 2.13 0.48 10.19
C GLU B 505 1.15 0.28 11.37
N TYR B 506 0.37 -0.80 11.38
CA TYR B 506 -0.51 -1.04 12.53
C TYR B 506 0.24 -1.18 13.86
N LEU B 507 1.31 -1.99 13.88
CA LEU B 507 2.03 -2.22 15.10
C LEU B 507 2.67 -0.94 15.62
N ALA B 508 3.08 -0.07 14.72
CA ALA B 508 3.69 1.19 15.13
C ALA B 508 2.66 2.04 15.86
N SER B 509 1.42 1.97 15.41
CA SER B 509 0.38 2.82 15.95
C SER B 509 -0.05 2.40 17.35
N ILE B 510 0.31 1.18 17.76
CA ILE B 510 -0.06 0.70 19.09
C ILE B 510 1.09 0.62 20.08
N GLN B 511 2.29 1.00 19.66
CA GLN B 511 3.44 0.98 20.57
C GLN B 511 3.18 1.90 21.77
N MET C 1 -17.78 -40.26 -17.17
CA MET C 1 -18.93 -40.41 -16.19
C MET C 1 -19.63 -41.82 -16.28
N ILE C 2 -20.18 -42.30 -15.17
CA ILE C 2 -21.22 -43.36 -15.27
C ILE C 2 -22.61 -42.70 -15.39
N ARG C 3 -23.58 -43.46 -15.92
CA ARG C 3 -24.83 -42.86 -16.39
C ARG C 3 -26.05 -43.31 -15.55
N SER C 4 -26.09 -44.59 -15.16
CA SER C 4 -27.31 -45.14 -14.63
C SER C 4 -27.19 -45.97 -13.37
N VAL C 5 -28.17 -45.80 -12.50
CA VAL C 5 -28.25 -46.47 -11.22
C VAL C 5 -29.51 -47.33 -11.20
N VAL C 6 -29.36 -48.59 -10.80
CA VAL C 6 -30.50 -49.43 -10.56
C VAL C 6 -30.57 -49.72 -9.07
N ILE C 7 -31.69 -49.34 -8.46
CA ILE C 7 -31.97 -49.64 -7.04
C ILE C 7 -32.92 -50.82 -6.96
N VAL C 8 -32.58 -51.79 -6.10
CA VAL C 8 -33.49 -52.91 -5.90
C VAL C 8 -34.04 -52.83 -4.48
N GLY C 9 -35.35 -52.65 -4.36
CA GLY C 9 -36.00 -52.44 -3.08
C GLY C 9 -36.66 -51.08 -2.93
N GLY C 10 -37.87 -51.11 -2.38
CA GLY C 10 -38.71 -49.92 -2.26
C GLY C 10 -39.16 -49.66 -0.84
N GLY C 11 -38.29 -49.96 0.13
CA GLY C 11 -38.58 -49.57 1.51
C GLY C 11 -38.09 -48.15 1.69
N THR C 12 -37.97 -47.70 2.93
CA THR C 12 -37.39 -46.37 3.23
C THR C 12 -35.99 -46.20 2.62
N ALA C 13 -35.22 -47.27 2.53
CA ALA C 13 -33.85 -47.19 2.00
C ALA C 13 -33.88 -46.88 0.50
N GLY C 14 -34.67 -47.65 -0.25
CA GLY C 14 -34.74 -47.52 -1.70
C GLY C 14 -35.16 -46.13 -2.10
N TRP C 15 -36.21 -45.63 -1.46
CA TRP C 15 -36.79 -44.34 -1.86
C TRP C 15 -35.99 -43.12 -1.38
N MET C 16 -35.35 -43.25 -0.23
CA MET C 16 -34.39 -42.21 0.23
C MET C 16 -33.26 -42.10 -0.76
N THR C 17 -32.74 -43.24 -1.23
CA THR C 17 -31.62 -43.27 -2.16
C THR C 17 -32.04 -42.66 -3.49
N ALA C 18 -33.20 -43.09 -4.01
CA ALA C 18 -33.69 -42.60 -5.27
C ALA C 18 -33.89 -41.09 -5.25
N SER C 19 -34.49 -40.61 -4.16
CA SER C 19 -34.74 -39.18 -3.92
C SER C 19 -33.48 -38.39 -3.93
N TYR C 20 -32.52 -38.84 -3.09
CA TYR C 20 -31.29 -38.10 -2.86
C TYR C 20 -30.47 -38.01 -4.13
N LEU C 21 -30.43 -39.10 -4.90
CA LEU C 21 -29.65 -39.13 -6.14
C LEU C 21 -30.19 -38.14 -7.18
N LYS C 22 -31.51 -38.02 -7.24
CA LYS C 22 -32.10 -37.02 -8.12
C LYS C 22 -31.89 -35.62 -7.61
N ALA C 23 -31.99 -35.44 -6.29
CA ALA C 23 -31.69 -34.15 -5.71
C ALA C 23 -30.22 -33.75 -6.02
N ALA C 24 -29.29 -34.70 -5.89
CA ALA C 24 -27.86 -34.44 -6.06
C ALA C 24 -27.49 -34.18 -7.52
N PHE C 25 -27.97 -35.03 -8.42
CA PHE C 25 -27.45 -35.00 -9.80
C PHE C 25 -28.47 -34.62 -10.85
N ASP C 26 -29.72 -34.47 -10.44
CA ASP C 26 -30.82 -34.07 -11.31
C ASP C 26 -30.83 -34.85 -12.62
N ASP C 27 -30.72 -34.17 -13.76
CA ASP C 27 -30.75 -34.85 -15.06
C ASP C 27 -29.40 -35.45 -15.49
N ARG C 28 -28.40 -35.38 -14.62
CA ARG C 28 -27.07 -35.94 -14.93
C ARG C 28 -26.90 -37.34 -14.37
N ILE C 29 -28.04 -38.00 -14.07
CA ILE C 29 -28.07 -39.41 -13.60
C ILE C 29 -29.44 -40.04 -13.94
N ASP C 30 -29.39 -41.25 -14.49
CA ASP C 30 -30.60 -42.02 -14.81
C ASP C 30 -30.81 -43.06 -13.68
N VAL C 31 -32.01 -43.09 -13.12
CA VAL C 31 -32.30 -43.93 -11.96
C VAL C 31 -33.57 -44.72 -12.20
N THR C 32 -33.49 -46.01 -11.92
CA THR C 32 -34.60 -46.96 -11.98
C THR C 32 -34.65 -47.65 -10.61
N LEU C 33 -35.86 -47.76 -10.07
CA LEU C 33 -36.08 -48.47 -8.83
C LEU C 33 -37.05 -49.62 -9.09
N VAL C 34 -36.62 -50.82 -8.71
CA VAL C 34 -37.40 -52.04 -8.86
C VAL C 34 -37.76 -52.59 -7.48
N GLU C 35 -39.04 -52.87 -7.27
CA GLU C 35 -39.49 -53.36 -5.99
C GLU C 35 -40.61 -54.38 -6.16
N SER C 36 -40.60 -55.36 -5.27
CA SER C 36 -41.60 -56.40 -5.27
C SER C 36 -42.98 -55.83 -4.91
N GLY C 37 -43.99 -56.32 -5.62
CA GLY C 37 -45.38 -56.02 -5.29
C GLY C 37 -45.89 -57.00 -4.26
N ASN C 38 -45.12 -58.05 -3.93
CA ASN C 38 -45.58 -59.02 -2.92
C ASN C 38 -44.71 -59.28 -1.67
N VAL C 39 -43.46 -58.87 -1.69
CA VAL C 39 -42.62 -58.93 -0.49
C VAL C 39 -42.72 -57.59 0.24
N ARG C 40 -43.24 -57.63 1.47
CA ARG C 40 -43.56 -56.41 2.23
C ARG C 40 -42.30 -55.65 2.66
N ARG C 41 -42.40 -54.33 2.73
CA ARG C 41 -41.41 -53.56 3.49
C ARG C 41 -41.48 -54.02 4.94
N ILE C 42 -40.38 -53.80 5.67
CA ILE C 42 -40.28 -54.17 7.09
C ILE C 42 -41.52 -53.69 7.89
N GLY C 43 -42.04 -52.49 7.59
CA GLY C 43 -43.26 -51.97 8.26
C GLY C 43 -43.00 -51.13 9.51
N VAL C 44 -41.74 -51.04 9.91
CA VAL C 44 -41.33 -50.25 11.08
C VAL C 44 -40.20 -49.28 10.66
N GLY C 45 -39.69 -48.52 11.63
CA GLY C 45 -38.66 -47.51 11.33
C GLY C 45 -39.34 -46.16 11.34
N GLU C 46 -39.70 -45.70 12.54
CA GLU C 46 -40.57 -44.54 12.72
C GLU C 46 -39.98 -43.37 13.51
N ALA C 47 -38.74 -43.52 13.99
CA ALA C 47 -38.05 -42.45 14.73
C ALA C 47 -36.76 -42.14 14.03
N THR C 48 -36.29 -40.90 14.18
CA THR C 48 -35.09 -40.52 13.47
C THR C 48 -34.06 -39.87 14.36
N PHE C 49 -32.87 -39.68 13.78
CA PHE C 49 -31.72 -39.11 14.46
C PHE C 49 -31.58 -37.64 14.06
N SER C 50 -30.77 -36.90 14.80
CA SER C 50 -30.66 -35.44 14.61
C SER C 50 -30.15 -34.97 13.24
N THR C 51 -29.47 -35.84 12.51
CA THR C 51 -28.96 -35.47 11.20
C THR C 51 -30.05 -35.31 10.14
N VAL C 52 -31.24 -35.89 10.38
CA VAL C 52 -32.26 -36.08 9.33
C VAL C 52 -32.78 -34.79 8.67
N ARG C 53 -32.82 -33.69 9.41
CA ARG C 53 -33.16 -32.37 8.85
C ARG C 53 -32.32 -32.05 7.59
N HIS C 54 -31.05 -32.46 7.57
CA HIS C 54 -30.17 -32.16 6.46
C HIS C 54 -30.58 -32.92 5.22
N PHE C 55 -31.16 -34.12 5.43
CA PHE C 55 -31.66 -34.89 4.32
C PHE C 55 -32.82 -34.14 3.66
N PHE C 56 -33.76 -33.68 4.47
CA PHE C 56 -34.92 -33.01 3.94
C PHE C 56 -34.58 -31.64 3.36
N ASP C 57 -33.64 -30.94 3.99
CA ASP C 57 -33.14 -29.67 3.42
C ASP C 57 -32.53 -29.91 2.05
N TYR C 58 -31.81 -31.00 1.90
CA TYR C 58 -31.11 -31.28 0.64
C TYR C 58 -32.10 -31.53 -0.49
N LEU C 59 -33.19 -32.22 -0.15
CA LEU C 59 -34.26 -32.47 -1.08
C LEU C 59 -35.08 -31.22 -1.40
N GLY C 60 -34.91 -30.15 -0.63
CA GLY C 60 -35.66 -28.91 -0.82
C GLY C 60 -37.00 -28.90 -0.09
N LEU C 61 -37.13 -29.71 0.96
CA LEU C 61 -38.41 -29.88 1.68
C LEU C 61 -38.40 -29.30 3.09
N ASP C 62 -39.24 -28.30 3.32
CA ASP C 62 -39.47 -27.74 4.64
C ASP C 62 -40.32 -28.68 5.48
N GLU C 63 -40.05 -28.76 6.78
CA GLU C 63 -40.83 -29.65 7.66
C GLU C 63 -42.35 -29.43 7.58
N ARG C 64 -42.78 -28.19 7.37
CA ARG C 64 -44.21 -27.87 7.25
C ARG C 64 -44.86 -28.55 6.05
N GLU C 65 -44.05 -28.89 5.05
CA GLU C 65 -44.55 -29.52 3.84
C GLU C 65 -44.53 -31.06 4.01
N TRP C 66 -43.43 -31.61 4.53
CA TRP C 66 -43.28 -33.04 4.55
C TRP C 66 -43.90 -33.76 5.77
N LEU C 67 -43.76 -33.15 6.95
CA LEU C 67 -44.16 -33.78 8.21
C LEU C 67 -45.65 -34.19 8.32
N PRO C 68 -46.60 -33.28 8.04
CA PRO C 68 -48.04 -33.66 8.13
C PRO C 68 -48.41 -34.74 7.11
N ARG C 69 -47.61 -34.77 6.08
CA ARG C 69 -47.82 -35.56 4.93
C ARG C 69 -47.23 -36.97 5.18
N CYS C 70 -46.28 -37.06 6.10
CA CYS C 70 -45.84 -38.35 6.64
C CYS C 70 -46.47 -38.65 8.01
N ALA C 71 -47.50 -37.87 8.39
CA ALA C 71 -48.27 -38.08 9.61
C ALA C 71 -47.40 -38.10 10.87
N GLY C 72 -46.34 -37.30 10.84
CA GLY C 72 -45.30 -37.35 11.85
C GLY C 72 -45.49 -36.48 13.07
N GLY C 73 -44.51 -36.55 13.98
CA GLY C 73 -44.44 -35.70 15.14
C GLY C 73 -43.00 -35.33 15.42
N TYR C 74 -42.74 -34.79 16.61
CA TYR C 74 -41.42 -34.32 16.96
C TYR C 74 -40.73 -35.27 17.90
N LYS C 75 -39.41 -35.38 17.76
CA LYS C 75 -38.61 -36.14 18.70
C LYS C 75 -37.53 -35.22 19.26
N LEU C 76 -37.75 -34.76 20.49
CA LEU C 76 -36.77 -33.90 21.17
C LEU C 76 -35.69 -34.72 21.84
N GLY C 77 -35.89 -36.03 21.88
CA GLY C 77 -34.94 -36.93 22.52
C GLY C 77 -35.59 -38.27 22.83
N ILE C 78 -34.95 -39.05 23.69
CA ILE C 78 -35.48 -40.33 24.13
C ILE C 78 -35.58 -40.33 25.64
N ARG C 79 -36.71 -40.83 26.15
CA ARG C 79 -36.91 -41.04 27.56
C ARG C 79 -36.64 -42.50 27.89
N PHE C 80 -35.65 -42.73 28.75
CA PHE C 80 -35.27 -44.08 29.19
C PHE C 80 -35.92 -44.42 30.53
N GLU C 81 -36.84 -45.38 30.50
CA GLU C 81 -37.62 -45.74 31.68
C GLU C 81 -37.26 -47.13 32.19
N ASN C 82 -37.11 -47.22 33.51
CA ASN C 82 -36.99 -48.49 34.21
C ASN C 82 -35.68 -49.27 33.98
N TRP C 83 -34.63 -48.60 33.52
CA TRP C 83 -33.37 -49.31 33.19
C TRP C 83 -32.53 -49.64 34.40
N SER C 84 -32.66 -48.83 35.43
CA SER C 84 -31.82 -48.97 36.58
C SER C 84 -32.74 -49.02 37.78
N GLU C 85 -32.96 -47.89 38.43
CA GLU C 85 -33.97 -47.86 39.49
C GLU C 85 -35.35 -48.03 38.85
N PRO C 86 -36.21 -48.89 39.45
CA PRO C 86 -37.55 -49.14 38.91
C PRO C 86 -38.50 -47.94 39.10
N GLY C 87 -39.30 -47.63 38.08
CA GLY C 87 -40.16 -46.43 38.11
C GLY C 87 -39.37 -45.15 37.81
N GLU C 88 -38.05 -45.27 37.66
CA GLU C 88 -37.18 -44.10 37.41
C GLU C 88 -36.92 -43.89 35.93
N TYR C 89 -36.56 -42.65 35.57
CA TYR C 89 -36.29 -42.32 34.19
C TYR C 89 -35.40 -41.09 34.05
N PHE C 90 -34.87 -40.91 32.84
CA PHE C 90 -34.13 -39.70 32.47
C PHE C 90 -34.28 -39.53 30.97
N TYR C 91 -33.91 -38.36 30.46
CA TYR C 91 -33.93 -38.10 29.04
C TYR C 91 -32.55 -38.11 28.45
N HIS C 92 -32.47 -38.59 27.21
CA HIS C 92 -31.34 -38.37 26.34
C HIS C 92 -31.84 -37.43 25.24
N PRO C 93 -31.53 -36.13 25.35
CA PRO C 93 -32.10 -35.11 24.51
C PRO C 93 -31.18 -34.70 23.41
N PHE C 94 -31.71 -34.10 22.36
CA PHE C 94 -30.92 -33.50 21.31
C PHE C 94 -30.61 -32.08 21.71
N GLU C 95 -29.56 -31.92 22.51
CA GLU C 95 -29.15 -30.63 23.05
C GLU C 95 -27.72 -30.71 23.55
N ARG C 96 -26.91 -29.77 23.08
CA ARG C 96 -25.51 -29.72 23.46
C ARG C 96 -25.39 -29.11 24.83
N LEU C 97 -24.45 -29.59 25.62
CA LEU C 97 -24.14 -28.99 26.92
C LEU C 97 -23.46 -27.65 26.79
N ARG C 98 -23.89 -26.70 27.61
CA ARG C 98 -23.23 -25.42 27.71
C ARG C 98 -21.93 -25.61 28.48
N VAL C 99 -20.97 -24.71 28.24
CA VAL C 99 -19.66 -24.77 28.85
C VAL C 99 -19.47 -23.49 29.65
N VAL C 100 -18.94 -23.63 30.86
CA VAL C 100 -18.70 -22.50 31.73
C VAL C 100 -17.26 -22.61 32.25
N ASP C 101 -16.49 -21.55 32.03
CA ASP C 101 -15.08 -21.48 32.42
C ASP C 101 -14.26 -22.73 32.07
N GLY C 102 -14.50 -23.29 30.89
CA GLY C 102 -13.72 -24.43 30.42
C GLY C 102 -14.28 -25.80 30.73
N PHE C 103 -15.36 -25.89 31.48
CA PHE C 103 -15.96 -27.18 31.84
C PHE C 103 -17.43 -27.24 31.49
N ASN C 104 -17.90 -28.38 30.98
CA ASN C 104 -19.30 -28.46 30.59
C ASN C 104 -20.19 -28.58 31.82
N MET C 105 -21.49 -28.48 31.60
CA MET C 105 -22.42 -28.39 32.73
C MET C 105 -22.47 -29.70 33.50
N ALA C 106 -22.18 -30.80 32.80
CA ALA C 106 -22.12 -32.13 33.42
C ALA C 106 -21.07 -32.16 34.52
N GLU C 107 -19.86 -31.66 34.23
CA GLU C 107 -18.80 -31.56 35.23
C GLU C 107 -19.20 -30.70 36.42
N TRP C 108 -19.78 -29.53 36.14
CA TRP C 108 -20.25 -28.64 37.18
C TRP C 108 -21.38 -29.26 38.00
N TRP C 109 -22.25 -30.01 37.34
CA TRP C 109 -23.37 -30.66 38.00
C TRP C 109 -22.87 -31.61 39.07
N LEU C 110 -21.81 -32.34 38.74
CA LEU C 110 -21.19 -33.27 39.66
C LEU C 110 -20.59 -32.57 40.87
N ALA C 111 -20.09 -31.36 40.65
CA ALA C 111 -19.40 -30.62 41.70
C ALA C 111 -20.36 -29.83 42.57
N VAL C 112 -21.32 -29.14 41.96
CA VAL C 112 -22.14 -28.15 42.70
C VAL C 112 -23.65 -28.32 42.57
N GLY C 113 -24.11 -29.31 41.80
CA GLY C 113 -25.55 -29.62 41.71
C GLY C 113 -26.15 -30.09 43.02
N SER C 118 -32.15 -33.95 39.01
CA SER C 118 -31.42 -34.90 38.17
C SER C 118 -30.55 -34.22 37.14
N PHE C 119 -29.58 -34.97 36.59
CA PHE C 119 -28.66 -34.45 35.59
C PHE C 119 -29.37 -33.84 34.39
N SER C 120 -30.20 -34.62 33.68
CA SER C 120 -30.84 -34.09 32.49
C SER C 120 -31.69 -32.87 32.82
N GLU C 121 -32.30 -32.87 34.01
CA GLU C 121 -33.20 -31.80 34.40
C GLU C 121 -32.45 -30.51 34.69
N ALA C 122 -31.30 -30.63 35.34
CA ALA C 122 -30.46 -29.47 35.64
C ALA C 122 -29.74 -28.89 34.43
N CYS C 123 -29.34 -29.75 33.49
CA CYS C 123 -28.47 -29.34 32.40
C CYS C 123 -29.12 -29.06 31.05
N TYR C 124 -30.37 -29.47 30.83
CA TYR C 124 -30.97 -29.40 29.50
C TYR C 124 -32.34 -28.74 29.48
N LEU C 125 -32.49 -27.70 28.65
CA LEU C 125 -33.80 -27.12 28.38
C LEU C 125 -34.79 -28.17 27.88
N THR C 126 -34.30 -29.07 27.03
CA THR C 126 -35.14 -30.10 26.42
C THR C 126 -35.88 -30.97 27.42
N HIS C 127 -35.32 -31.13 28.62
CA HIS C 127 -35.96 -31.91 29.67
C HIS C 127 -37.34 -31.34 30.01
N ARG C 128 -37.40 -30.02 30.16
CA ARG C 128 -38.63 -29.33 30.54
C ARG C 128 -39.66 -29.40 29.42
N LEU C 129 -39.19 -29.19 28.21
CA LEU C 129 -40.03 -29.27 27.03
C LEU C 129 -40.68 -30.63 26.91
N CYS C 130 -39.92 -31.69 27.19
CA CYS C 130 -40.46 -33.05 27.18
C CYS C 130 -41.51 -33.26 28.28
N GLU C 131 -41.18 -32.88 29.51
CA GLU C 131 -42.08 -33.00 30.65
C GLU C 131 -43.39 -32.26 30.42
N ALA C 132 -43.31 -31.09 29.80
CA ALA C 132 -44.49 -30.26 29.55
C ALA C 132 -45.09 -30.54 28.18
N LYS C 133 -44.54 -31.52 27.47
CA LYS C 133 -45.06 -31.96 26.16
C LYS C 133 -45.14 -30.86 25.08
N ARG C 134 -44.12 -30.00 25.06
CA ARG C 134 -44.10 -28.84 24.17
C ARG C 134 -43.65 -29.16 22.76
N ALA C 135 -44.07 -28.33 21.82
CA ALA C 135 -43.51 -28.35 20.48
C ALA C 135 -42.20 -27.55 20.50
N PRO C 136 -41.25 -27.86 19.59
CA PRO C 136 -40.05 -27.03 19.48
C PRO C 136 -40.25 -25.74 18.68
N ARG C 137 -41.50 -25.44 18.32
CA ARG C 137 -41.81 -24.20 17.60
C ARG C 137 -42.96 -23.44 18.22
N MET C 138 -42.90 -22.12 18.08
CA MET C 138 -44.03 -21.26 18.40
C MET C 138 -45.08 -21.38 17.31
N LEU C 139 -46.28 -20.90 17.57
CA LEU C 139 -47.32 -21.01 16.55
C LEU C 139 -46.99 -20.27 15.26
N ASP C 140 -46.20 -19.19 15.36
CA ASP C 140 -45.75 -18.45 14.18
C ASP C 140 -44.62 -19.17 13.43
N GLY C 141 -44.25 -20.35 13.90
CA GLY C 141 -43.26 -21.17 13.20
C GLY C 141 -41.80 -20.93 13.58
N SER C 142 -41.55 -19.97 14.47
CA SER C 142 -40.20 -19.69 14.90
C SER C 142 -39.68 -20.78 15.83
N LEU C 143 -38.38 -21.07 15.72
CA LEU C 143 -37.70 -22.07 16.57
C LEU C 143 -37.56 -21.56 18.01
N PHE C 144 -37.72 -22.46 18.99
CA PHE C 144 -37.71 -22.03 20.38
C PHE C 144 -36.38 -21.36 20.81
N ALA C 145 -35.28 -21.88 20.27
CA ALA C 145 -33.96 -21.31 20.50
C ALA C 145 -33.96 -19.81 20.20
N GLU C 159 -26.34 -22.71 13.06
CA GLU C 159 -27.55 -21.93 13.35
C GLU C 159 -28.01 -22.27 14.79
N GLN C 160 -29.18 -21.79 15.19
CA GLN C 160 -29.82 -22.23 16.43
C GLN C 160 -30.39 -23.67 16.30
N ARG C 161 -30.54 -24.14 15.08
CA ARG C 161 -31.03 -25.51 14.84
C ARG C 161 -30.02 -26.61 15.22
N ALA C 162 -28.73 -26.27 15.22
CA ALA C 162 -27.66 -27.21 15.61
C ALA C 162 -27.54 -27.31 17.13
N GLN C 163 -27.88 -26.24 17.84
CA GLN C 163 -27.78 -26.19 19.29
C GLN C 163 -28.83 -27.10 19.95
N PHE C 164 -29.99 -27.18 19.31
CA PHE C 164 -31.04 -28.13 19.70
C PHE C 164 -31.46 -28.93 18.44
N PRO C 165 -30.64 -29.91 18.04
CA PRO C 165 -30.87 -30.65 16.79
C PRO C 165 -32.00 -31.69 16.91
N TYR C 166 -33.23 -31.22 17.16
CA TYR C 166 -34.36 -32.15 17.32
C TYR C 166 -34.63 -32.93 16.03
N ALA C 167 -35.14 -34.14 16.18
CA ALA C 167 -35.51 -34.98 15.05
C ALA C 167 -37.04 -35.20 14.97
N TYR C 168 -37.43 -36.33 14.39
CA TYR C 168 -38.82 -36.56 14.04
C TYR C 168 -39.26 -38.00 14.25
N HIS C 169 -40.57 -38.13 14.45
CA HIS C 169 -41.27 -39.39 14.33
C HIS C 169 -42.11 -39.30 13.07
N PHE C 170 -42.25 -40.41 12.35
CA PHE C 170 -43.18 -40.44 11.22
C PHE C 170 -43.69 -41.83 10.90
N ASP C 171 -44.78 -41.88 10.14
CA ASP C 171 -45.38 -43.15 9.76
C ASP C 171 -44.54 -43.75 8.64
N ALA C 172 -44.11 -45.00 8.85
CA ALA C 172 -43.21 -45.69 7.90
C ALA C 172 -43.84 -45.89 6.53
N ASP C 173 -45.13 -46.20 6.49
CA ASP C 173 -45.82 -46.38 5.22
C ASP C 173 -45.84 -45.05 4.45
N GLU C 174 -46.16 -43.98 5.16
CA GLU C 174 -46.38 -42.69 4.51
C GLU C 174 -45.08 -42.11 3.98
N VAL C 175 -43.99 -42.25 4.73
CA VAL C 175 -42.71 -41.69 4.27
C VAL C 175 -42.24 -42.36 2.94
N ALA C 176 -42.40 -43.67 2.82
CA ALA C 176 -42.07 -44.39 1.58
C ALA C 176 -42.97 -43.92 0.42
N ARG C 177 -44.25 -43.78 0.72
CA ARG C 177 -45.23 -43.33 -0.24
C ARG C 177 -44.88 -41.90 -0.71
N TYR C 178 -44.60 -41.02 0.25
CA TYR C 178 -44.22 -39.63 -0.01
C TYR C 178 -42.92 -39.50 -0.83
N LEU C 179 -41.87 -40.23 -0.44
CA LEU C 179 -40.60 -40.15 -1.15
C LEU C 179 -40.66 -40.77 -2.56
N SER C 180 -41.43 -41.83 -2.74
CA SER C 180 -41.56 -42.42 -4.07
C SER C 180 -42.18 -41.41 -5.03
N GLU C 181 -43.15 -40.66 -4.53
CA GLU C 181 -43.75 -39.61 -5.33
C GLU C 181 -42.73 -38.54 -5.68
N TYR C 182 -41.93 -38.13 -4.69
CA TYR C 182 -40.88 -37.12 -4.89
C TYR C 182 -39.92 -37.57 -5.98
N ALA C 183 -39.42 -38.80 -5.86
CA ALA C 183 -38.49 -39.40 -6.81
C ALA C 183 -39.08 -39.58 -8.23
N ILE C 184 -40.29 -40.13 -8.30
CA ILE C 184 -40.97 -40.37 -9.56
C ILE C 184 -41.30 -39.04 -10.26
N ALA C 185 -41.66 -38.01 -9.48
CA ALA C 185 -41.92 -36.69 -10.05
C ALA C 185 -40.67 -36.16 -10.73
N ARG C 186 -39.51 -36.60 -10.24
CA ARG C 186 -38.22 -36.12 -10.73
C ARG C 186 -37.56 -37.05 -11.77
N GLY C 187 -38.27 -38.07 -12.21
CA GLY C 187 -37.83 -38.85 -13.34
C GLY C 187 -37.31 -40.23 -13.01
N VAL C 188 -37.40 -40.64 -11.75
CA VAL C 188 -37.03 -42.01 -11.40
C VAL C 188 -38.01 -42.99 -12.07
N ARG C 189 -37.47 -43.93 -12.84
CA ARG C 189 -38.27 -44.97 -13.47
C ARG C 189 -38.59 -46.03 -12.39
N HIS C 190 -39.88 -46.33 -12.26
CA HIS C 190 -40.38 -47.23 -11.23
C HIS C 190 -40.84 -48.53 -11.88
N VAL C 191 -40.32 -49.66 -11.42
CA VAL C 191 -40.79 -50.95 -11.85
C VAL C 191 -41.26 -51.76 -10.65
N VAL C 192 -42.50 -52.28 -10.71
CA VAL C 192 -43.01 -53.16 -9.66
C VAL C 192 -42.99 -54.59 -10.17
N ASP C 193 -42.01 -55.33 -9.67
CA ASP C 193 -41.75 -56.69 -10.11
C ASP C 193 -40.81 -57.40 -9.11
N ASP C 194 -40.74 -58.71 -9.22
CA ASP C 194 -39.76 -59.47 -8.46
C ASP C 194 -38.52 -59.71 -9.29
N VAL C 195 -37.38 -59.44 -8.68
CA VAL C 195 -36.13 -59.86 -9.25
C VAL C 195 -35.99 -61.35 -8.90
N GLN C 196 -35.85 -62.19 -9.92
CA GLN C 196 -35.71 -63.62 -9.75
C GLN C 196 -34.25 -64.10 -9.79
N HIS C 197 -33.40 -63.38 -10.52
CA HIS C 197 -32.01 -63.80 -10.74
C HIS C 197 -31.22 -62.52 -10.98
N VAL C 198 -30.01 -62.47 -10.46
CA VAL C 198 -29.09 -61.34 -10.64
C VAL C 198 -27.97 -61.83 -11.55
N GLY C 199 -27.88 -61.25 -12.74
CA GLY C 199 -26.81 -61.57 -13.70
C GLY C 199 -25.47 -60.97 -13.31
N GLN C 200 -24.40 -61.68 -13.65
CA GLN C 200 -23.05 -61.23 -13.37
C GLN C 200 -22.26 -61.34 -14.67
N ASP C 201 -21.33 -60.42 -14.91
CA ASP C 201 -20.40 -60.55 -16.04
C ASP C 201 -19.23 -61.46 -15.69
N GLU C 202 -18.24 -61.55 -16.58
CA GLU C 202 -17.13 -62.51 -16.38
C GLU C 202 -16.17 -62.08 -15.29
N ARG C 203 -16.39 -60.90 -14.75
CA ARG C 203 -15.60 -60.40 -13.61
C ARG C 203 -16.33 -60.47 -12.29
N GLY C 204 -17.56 -60.97 -12.31
CA GLY C 204 -18.34 -61.07 -11.11
C GLY C 204 -19.06 -59.78 -10.74
N TRP C 205 -18.95 -58.80 -11.62
CA TRP C 205 -19.70 -57.56 -11.46
C TRP C 205 -21.14 -57.80 -11.90
N ILE C 206 -22.08 -57.09 -11.27
CA ILE C 206 -23.48 -57.24 -11.62
C ILE C 206 -23.74 -56.64 -12.99
N SER C 207 -24.33 -57.44 -13.89
CA SER C 207 -24.66 -56.97 -15.25
C SER C 207 -26.09 -56.50 -15.34
N GLY C 208 -26.98 -57.13 -14.58
CA GLY C 208 -28.39 -56.75 -14.59
C GLY C 208 -29.21 -57.59 -13.63
N VAL C 209 -30.43 -57.14 -13.37
CA VAL C 209 -31.40 -57.93 -12.56
C VAL C 209 -32.52 -58.44 -13.45
N HIS C 210 -32.80 -59.73 -13.36
CA HIS C 210 -33.83 -60.37 -14.19
C HIS C 210 -35.15 -60.47 -13.44
N THR C 211 -36.16 -59.80 -13.97
CA THR C 211 -37.45 -59.73 -13.31
C THR C 211 -38.41 -60.71 -13.92
N LYS C 212 -39.43 -61.05 -13.14
CA LYS C 212 -40.44 -62.00 -13.57
C LYS C 212 -41.22 -61.58 -14.84
N GLN C 213 -41.45 -60.26 -15.05
CA GLN C 213 -42.31 -59.80 -16.17
C GLN C 213 -41.76 -58.65 -17.02
N HIS C 214 -40.64 -58.07 -16.58
CA HIS C 214 -40.08 -56.89 -17.25
C HIS C 214 -38.70 -57.14 -17.87
N GLY C 215 -38.31 -58.41 -17.95
CA GLY C 215 -37.02 -58.79 -18.52
C GLY C 215 -35.84 -58.36 -17.67
N GLU C 216 -34.72 -58.09 -18.32
CA GLU C 216 -33.49 -57.71 -17.64
C GLU C 216 -33.43 -56.20 -17.50
N ILE C 217 -33.05 -55.74 -16.30
CA ILE C 217 -32.84 -54.32 -16.07
C ILE C 217 -31.38 -54.13 -15.70
N SER C 218 -30.68 -53.42 -16.58
CA SER C 218 -29.24 -53.19 -16.45
C SER C 218 -28.95 -51.77 -16.05
N GLY C 219 -27.74 -51.54 -15.56
CA GLY C 219 -27.25 -50.20 -15.24
C GLY C 219 -25.79 -50.31 -14.86
N ASP C 220 -25.14 -49.17 -14.62
CA ASP C 220 -23.73 -49.16 -14.23
C ASP C 220 -23.55 -49.48 -12.75
N LEU C 221 -24.40 -48.88 -11.91
CA LEU C 221 -24.32 -49.03 -10.46
C LEU C 221 -25.61 -49.68 -9.95
N PHE C 222 -25.47 -50.67 -9.08
CA PHE C 222 -26.61 -51.29 -8.43
C PHE C 222 -26.63 -50.97 -6.94
N VAL C 223 -27.79 -50.58 -6.44
CA VAL C 223 -27.92 -50.29 -5.00
C VAL C 223 -28.81 -51.33 -4.40
N ASP C 224 -28.27 -52.08 -3.44
CA ASP C 224 -29.02 -53.17 -2.79
C ASP C 224 -29.80 -52.59 -1.62
N CYS C 225 -31.12 -52.48 -1.80
CA CYS C 225 -32.00 -52.02 -0.76
C CYS C 225 -33.05 -53.09 -0.42
N THR C 226 -32.64 -54.34 -0.41
CA THR C 226 -33.56 -55.47 -0.30
C THR C 226 -33.84 -55.91 1.16
N GLY C 227 -33.37 -55.13 2.14
CA GLY C 227 -33.52 -55.49 3.53
C GLY C 227 -32.59 -56.60 4.00
N PHE C 228 -32.96 -57.22 5.11
CA PHE C 228 -32.15 -58.26 5.74
C PHE C 228 -31.66 -59.35 4.79
N ARG C 229 -32.48 -59.63 3.79
CA ARG C 229 -32.24 -60.53 2.68
C ARG C 229 -30.84 -60.34 2.01
N GLY C 230 -30.45 -59.08 1.78
CA GLY C 230 -29.18 -58.74 1.11
C GLY C 230 -28.99 -59.54 -0.17
N LEU C 231 -29.96 -59.37 -1.08
CA LEU C 231 -30.07 -60.18 -2.28
C LEU C 231 -28.87 -60.03 -3.22
N LEU C 232 -28.38 -58.80 -3.39
CA LEU C 232 -27.19 -58.55 -4.25
C LEU C 232 -25.91 -58.75 -3.44
N ILE C 233 -25.80 -58.02 -2.32
CA ILE C 233 -24.55 -57.89 -1.58
C ILE C 233 -24.12 -59.20 -0.91
N ASN C 234 -25.07 -59.97 -0.38
CA ASN C 234 -24.80 -61.23 0.27
C ASN C 234 -25.14 -62.45 -0.59
N GLN C 235 -26.33 -62.48 -1.20
CA GLN C 235 -26.75 -63.72 -1.85
C GLN C 235 -26.12 -63.89 -3.24
N THR C 236 -25.76 -62.80 -3.90
CA THR C 236 -25.13 -62.88 -5.21
C THR C 236 -23.61 -62.71 -5.10
N LEU C 237 -23.18 -61.67 -4.39
CA LEU C 237 -21.78 -61.26 -4.38
C LEU C 237 -20.92 -61.93 -3.33
N GLY C 238 -21.52 -62.70 -2.43
CA GLY C 238 -20.74 -63.39 -1.41
C GLY C 238 -20.21 -62.50 -0.32
N GLY C 239 -20.80 -61.32 -0.14
CA GLY C 239 -20.37 -60.45 0.94
C GLY C 239 -20.49 -61.18 2.28
N ARG C 240 -19.54 -60.96 3.18
CA ARG C 240 -19.60 -61.61 4.48
C ARG C 240 -20.25 -60.71 5.52
N PHE C 241 -21.18 -61.29 6.28
CA PHE C 241 -21.91 -60.54 7.29
C PHE C 241 -21.33 -60.84 8.65
N GLN C 242 -21.03 -59.78 9.38
CA GLN C 242 -20.44 -59.89 10.72
C GLN C 242 -21.52 -59.65 11.78
N SER C 243 -21.87 -60.72 12.47
CA SER C 243 -22.90 -60.69 13.50
C SER C 243 -22.43 -59.96 14.78
N PHE C 244 -23.34 -59.24 15.43
CA PHE C 244 -23.02 -58.66 16.76
C PHE C 244 -23.72 -59.40 17.89
N SER C 245 -24.27 -60.58 17.63
CA SER C 245 -25.03 -61.33 18.64
C SER C 245 -24.24 -61.69 19.88
N ASP C 246 -22.93 -61.78 19.77
CA ASP C 246 -22.10 -62.08 20.94
C ASP C 246 -22.15 -60.95 21.98
N VAL C 247 -22.31 -59.70 21.55
CA VAL C 247 -22.33 -58.59 22.51
C VAL C 247 -23.71 -57.93 22.61
N LEU C 248 -24.56 -58.14 21.62
CA LEU C 248 -25.89 -57.55 21.56
C LEU C 248 -26.87 -58.61 21.10
N PRO C 249 -27.36 -59.45 22.03
CA PRO C 249 -28.10 -60.65 21.69
C PRO C 249 -29.55 -60.45 21.22
N ASN C 250 -30.13 -59.27 21.40
CA ASN C 250 -31.50 -59.05 20.93
C ASN C 250 -31.67 -59.39 19.46
N ASN C 251 -32.55 -60.33 19.15
CA ASN C 251 -32.60 -60.85 17.77
C ASN C 251 -33.98 -60.83 17.16
N ARG C 252 -34.95 -60.37 17.94
CA ARG C 252 -36.33 -60.32 17.47
C ARG C 252 -37.08 -59.10 17.98
N ALA C 253 -38.18 -58.80 17.33
CA ALA C 253 -39.06 -57.74 17.77
C ALA C 253 -40.49 -58.16 17.49
N VAL C 254 -41.41 -57.60 18.26
CA VAL C 254 -42.82 -57.71 17.96
C VAL C 254 -43.39 -56.31 18.04
N ALA C 255 -44.06 -55.90 16.95
CA ALA C 255 -44.55 -54.55 16.78
C ALA C 255 -46.08 -54.46 16.65
N LEU C 256 -46.60 -53.32 17.08
CA LEU C 256 -48.02 -52.99 17.06
C LEU C 256 -48.23 -51.56 16.64
N ARG C 257 -49.43 -51.27 16.14
CA ARG C 257 -49.85 -49.91 15.79
C ARG C 257 -51.05 -49.58 16.64
N VAL C 258 -50.78 -48.84 17.71
CA VAL C 258 -51.73 -48.62 18.79
C VAL C 258 -52.30 -47.21 18.74
N PRO C 259 -53.62 -47.08 18.55
CA PRO C 259 -54.23 -45.75 18.60
C PRO C 259 -54.17 -45.16 20.01
N ARG C 260 -53.97 -43.86 20.10
CA ARG C 260 -53.95 -43.16 21.39
C ARG C 260 -55.41 -42.89 21.76
N GLU C 261 -55.77 -43.12 23.02
CA GLU C 261 -57.14 -42.83 23.45
C GLU C 261 -57.43 -41.34 23.26
N ASN C 262 -56.42 -40.52 23.57
CA ASN C 262 -56.49 -39.08 23.37
C ASN C 262 -55.38 -38.64 22.43
N ASP C 263 -55.74 -38.27 21.20
CA ASP C 263 -54.74 -37.83 20.20
C ASP C 263 -53.98 -36.59 20.67
N GLU C 264 -54.69 -35.67 21.33
CA GLU C 264 -54.09 -34.45 21.89
C GLU C 264 -52.93 -34.71 22.89
N ASP C 265 -52.91 -35.87 23.51
CA ASP C 265 -51.92 -36.22 24.53
C ASP C 265 -50.71 -36.82 23.84
N MET C 266 -49.88 -35.96 23.26
CA MET C 266 -48.84 -36.41 22.36
C MET C 266 -47.49 -35.97 22.88
N ARG C 267 -46.63 -36.95 23.14
CA ARG C 267 -45.29 -36.68 23.65
C ARG C 267 -44.30 -36.40 22.51
N PRO C 268 -43.49 -35.33 22.64
CA PRO C 268 -42.45 -34.98 21.67
C PRO C 268 -41.14 -35.74 21.89
N TYR C 269 -41.24 -37.05 22.10
CA TYR C 269 -40.08 -37.91 22.34
C TYR C 269 -40.45 -39.37 22.21
N THR C 270 -39.43 -40.17 21.93
CA THR C 270 -39.55 -41.62 21.96
C THR C 270 -39.36 -42.09 23.38
N THR C 271 -40.07 -43.14 23.77
CA THR C 271 -39.81 -43.76 25.07
C THR C 271 -39.16 -45.10 24.84
N ALA C 272 -38.04 -45.35 25.53
CA ALA C 272 -37.45 -46.67 25.61
C ALA C 272 -37.60 -47.19 27.03
N THR C 273 -38.47 -48.19 27.21
CA THR C 273 -38.80 -48.75 28.52
C THR C 273 -38.17 -50.13 28.65
N ALA C 274 -37.36 -50.33 29.67
CA ALA C 274 -36.76 -51.64 29.87
C ALA C 274 -37.81 -52.65 30.39
N MET C 275 -37.85 -53.81 29.76
CA MET C 275 -38.83 -54.84 30.05
C MET C 275 -38.09 -56.04 30.63
N SER C 276 -38.76 -57.19 30.74
CA SER C 276 -38.19 -58.31 31.48
C SER C 276 -37.09 -59.05 30.71
N ALA C 277 -37.10 -58.95 29.38
CA ALA C 277 -36.16 -59.66 28.53
C ALA C 277 -35.84 -58.86 27.29
N GLY C 278 -35.79 -57.54 27.46
CA GLY C 278 -35.49 -56.63 26.39
C GLY C 278 -36.00 -55.25 26.76
N TRP C 279 -36.49 -54.53 25.75
CA TRP C 279 -37.00 -53.19 25.98
C TRP C 279 -38.07 -52.88 24.94
N MET C 280 -38.87 -51.86 25.21
CA MET C 280 -40.05 -51.55 24.40
C MET C 280 -39.99 -50.10 23.96
N TRP C 281 -40.27 -49.84 22.68
CA TRP C 281 -40.33 -48.48 22.15
C TRP C 281 -41.76 -47.97 22.11
N THR C 282 -41.93 -46.68 22.39
CA THR C 282 -43.20 -45.98 22.17
C THR C 282 -42.88 -44.77 21.34
N ILE C 283 -43.49 -44.69 20.17
CA ILE C 283 -43.24 -43.61 19.21
C ILE C 283 -44.55 -42.92 18.88
N PRO C 284 -44.78 -41.73 19.44
CA PRO C 284 -46.05 -41.04 19.19
C PRO C 284 -46.10 -40.42 17.79
N LEU C 285 -47.05 -40.85 16.98
CA LEU C 285 -47.29 -40.25 15.67
C LEU C 285 -48.49 -39.34 15.75
N PHE C 286 -48.85 -38.69 14.64
CA PHE C 286 -49.97 -37.75 14.69
C PHE C 286 -51.31 -38.42 14.99
N LYS C 287 -51.52 -39.60 14.41
CA LYS C 287 -52.80 -40.30 14.54
C LYS C 287 -52.78 -41.46 15.55
N ARG C 288 -51.59 -41.97 15.84
CA ARG C 288 -51.45 -43.21 16.61
C ARG C 288 -50.06 -43.30 17.23
N ASP C 289 -49.84 -44.30 18.07
CA ASP C 289 -48.52 -44.63 18.58
C ASP C 289 -47.97 -45.79 17.76
N GLY C 290 -46.65 -45.87 17.69
CA GLY C 290 -45.99 -47.09 17.24
C GLY C 290 -45.35 -47.73 18.46
N ASN C 291 -45.48 -49.05 18.58
CA ASN C 291 -45.04 -49.78 19.76
C ASN C 291 -44.36 -51.10 19.37
N GLY C 292 -43.34 -51.47 20.11
CA GLY C 292 -42.65 -52.71 19.86
C GLY C 292 -41.80 -53.15 21.03
N TYR C 293 -41.59 -54.45 21.11
CA TYR C 293 -40.77 -55.05 22.14
C TYR C 293 -39.61 -55.67 21.39
N VAL C 294 -38.41 -55.18 21.70
CA VAL C 294 -37.18 -55.75 21.21
C VAL C 294 -36.63 -56.71 22.27
N TYR C 295 -36.35 -57.95 21.88
CA TYR C 295 -36.02 -58.96 22.87
C TYR C 295 -35.04 -59.99 22.31
N SER C 296 -34.55 -60.86 23.18
CA SER C 296 -33.76 -62.00 22.80
C SER C 296 -34.58 -63.26 23.02
N ASP C 297 -34.67 -64.08 21.98
CA ASP C 297 -35.44 -65.34 22.07
C ASP C 297 -34.74 -66.40 22.91
N GLU C 298 -33.51 -66.13 23.34
CA GLU C 298 -32.87 -67.00 24.33
C GLU C 298 -33.55 -66.86 25.69
N PHE C 299 -34.15 -65.70 25.96
CA PHE C 299 -34.73 -65.47 27.29
C PHE C 299 -36.27 -65.48 27.37
N ILE C 300 -36.90 -65.25 26.23
CA ILE C 300 -38.34 -65.16 26.15
C ILE C 300 -38.79 -65.63 24.74
N SER C 301 -39.91 -66.33 24.67
CA SER C 301 -40.42 -66.82 23.40
C SER C 301 -41.15 -65.70 22.66
N PRO C 302 -41.35 -65.85 21.33
CA PRO C 302 -42.13 -64.84 20.61
C PRO C 302 -43.55 -64.60 21.16
N GLU C 303 -44.26 -65.62 21.63
CA GLU C 303 -45.58 -65.32 22.18
C GLU C 303 -45.58 -64.72 23.60
N GLU C 304 -44.64 -65.15 24.43
CA GLU C 304 -44.47 -64.53 25.74
C GLU C 304 -44.20 -63.02 25.58
N ALA C 305 -43.34 -62.66 24.62
CA ALA C 305 -43.04 -61.27 24.32
C ALA C 305 -44.26 -60.51 23.80
N GLU C 306 -44.99 -61.13 22.89
CA GLU C 306 -46.21 -60.52 22.40
C GLU C 306 -47.20 -60.32 23.56
N ARG C 307 -47.33 -61.32 24.44
CA ARG C 307 -48.23 -61.21 25.59
C ARG C 307 -47.77 -60.10 26.54
N GLU C 308 -46.47 -59.99 26.76
CA GLU C 308 -45.94 -58.95 27.64
C GLU C 308 -46.16 -57.55 27.06
N LEU C 309 -45.98 -57.42 25.74
CA LEU C 309 -46.21 -56.14 25.04
C LEU C 309 -47.69 -55.72 25.13
N ARG C 310 -48.59 -56.60 24.65
CA ARG C 310 -50.04 -56.34 24.66
C ARG C 310 -50.54 -55.93 26.05
N SER C 311 -50.05 -56.61 27.07
CA SER C 311 -50.46 -56.38 28.45
C SER C 311 -50.10 -54.97 28.91
N THR C 312 -49.01 -54.46 28.38
CA THR C 312 -48.44 -53.19 28.83
C THR C 312 -49.07 -52.01 28.10
N VAL C 313 -49.26 -52.14 26.78
CA VAL C 313 -49.69 -50.98 25.98
C VAL C 313 -51.04 -51.11 25.31
N ALA C 314 -51.59 -52.32 25.21
CA ALA C 314 -52.88 -52.51 24.54
C ALA C 314 -53.78 -53.62 25.16
N PRO C 315 -53.99 -53.57 26.49
CA PRO C 315 -54.84 -54.60 27.11
C PRO C 315 -56.17 -54.80 26.38
N GLY C 316 -56.50 -56.07 26.09
CA GLY C 316 -57.82 -56.44 25.57
C GLY C 316 -58.08 -56.12 24.11
N ARG C 317 -57.09 -55.53 23.44
CA ARG C 317 -57.23 -55.05 22.06
C ARG C 317 -56.68 -56.05 21.03
N ASP C 318 -57.33 -57.21 20.99
CA ASP C 318 -56.86 -58.35 20.17
C ASP C 318 -57.13 -58.18 18.68
N ASP C 319 -57.93 -57.17 18.34
CA ASP C 319 -58.15 -56.75 16.96
C ASP C 319 -56.87 -56.17 16.31
N LEU C 320 -55.89 -55.81 17.13
CA LEU C 320 -54.64 -55.23 16.62
C LEU C 320 -53.63 -56.31 16.24
N GLU C 321 -53.28 -56.35 14.96
CA GLU C 321 -52.41 -57.38 14.43
C GLU C 321 -50.95 -57.10 14.81
N ALA C 322 -50.29 -58.14 15.32
CA ALA C 322 -48.91 -58.04 15.74
C ALA C 322 -48.01 -58.38 14.55
N ASN C 323 -46.93 -57.62 14.41
CA ASN C 323 -45.94 -57.89 13.39
C ASN C 323 -44.69 -58.47 14.07
N HIS C 324 -44.40 -59.74 13.82
CA HIS C 324 -43.24 -60.41 14.39
C HIS C 324 -42.10 -60.30 13.38
N ILE C 325 -40.95 -59.82 13.84
CA ILE C 325 -39.77 -59.59 12.97
C ILE C 325 -38.53 -60.31 13.53
N GLN C 326 -37.87 -61.08 12.67
CA GLN C 326 -36.53 -61.61 12.97
C GLN C 326 -35.49 -60.61 12.47
N MET C 327 -34.62 -60.15 13.37
CA MET C 327 -33.65 -59.10 13.03
C MET C 327 -32.28 -59.69 12.69
N ARG C 328 -31.62 -59.15 11.67
CA ARG C 328 -30.24 -59.51 11.35
C ARG C 328 -29.33 -58.40 11.88
N ILE C 329 -28.69 -58.67 13.01
CA ILE C 329 -27.93 -57.69 13.78
C ILE C 329 -26.43 -57.83 13.52
N GLY C 330 -25.84 -56.75 12.98
CA GLY C 330 -24.40 -56.73 12.66
C GLY C 330 -24.17 -55.86 11.43
N ARG C 331 -23.11 -56.15 10.68
CA ARG C 331 -22.87 -55.41 9.46
C ARG C 331 -22.14 -56.25 8.45
N ASN C 332 -22.35 -55.93 7.17
CA ASN C 332 -21.48 -56.46 6.15
C ASN C 332 -20.03 -55.98 6.37
N GLU C 333 -19.06 -56.85 6.13
CA GLU C 333 -17.65 -56.42 6.15
C GLU C 333 -17.43 -55.21 5.19
N ARG C 334 -18.01 -55.30 4.00
CA ARG C 334 -17.95 -54.23 3.00
C ARG C 334 -19.38 -54.05 2.46
N THR C 335 -19.84 -52.80 2.45
CA THR C 335 -21.18 -52.56 1.91
C THR C 335 -21.12 -52.21 0.44
N TRP C 336 -19.92 -51.91 -0.02
CA TRP C 336 -19.70 -51.64 -1.42
C TRP C 336 -18.75 -52.69 -1.97
N ILE C 337 -19.29 -53.53 -2.87
CA ILE C 337 -18.51 -54.59 -3.52
C ILE C 337 -18.74 -54.50 -5.01
N ASN C 338 -17.64 -54.40 -5.79
CA ASN C 338 -17.74 -54.28 -7.22
C ASN C 338 -18.59 -53.07 -7.54
N ASN C 339 -19.63 -53.24 -8.36
CA ASN C 339 -20.52 -52.16 -8.72
C ASN C 339 -21.81 -52.20 -7.92
N CYS C 340 -21.75 -52.70 -6.70
CA CYS C 340 -22.96 -52.82 -5.87
C CYS C 340 -22.76 -52.22 -4.51
N VAL C 341 -23.66 -51.34 -4.11
CA VAL C 341 -23.61 -50.72 -2.77
C VAL C 341 -24.88 -51.07 -1.99
N ALA C 342 -24.72 -51.67 -0.82
CA ALA C 342 -25.87 -51.95 0.05
C ALA C 342 -26.20 -50.71 0.88
N VAL C 343 -27.49 -50.37 0.93
CA VAL C 343 -27.99 -49.25 1.75
C VAL C 343 -29.20 -49.75 2.55
N GLY C 344 -29.22 -49.46 3.86
CA GLY C 344 -30.29 -49.89 4.75
C GLY C 344 -30.01 -51.22 5.42
N LEU C 345 -31.07 -52.00 5.65
CA LEU C 345 -30.97 -53.23 6.40
C LEU C 345 -30.11 -54.28 5.71
N SER C 346 -30.04 -54.21 4.38
CA SER C 346 -29.10 -55.06 3.63
C SER C 346 -27.62 -54.83 4.00
N ALA C 347 -27.28 -53.59 4.38
CA ALA C 347 -25.92 -53.22 4.72
C ALA C 347 -25.53 -53.64 6.14
N ALA C 348 -26.41 -53.31 7.10
CA ALA C 348 -26.11 -53.37 8.52
C ALA C 348 -27.34 -53.09 9.36
N PHE C 349 -27.34 -53.50 10.62
CA PHE C 349 -28.44 -53.15 11.51
C PHE C 349 -28.07 -53.42 12.96
N VAL C 350 -28.45 -52.49 13.82
CA VAL C 350 -28.43 -52.68 15.27
C VAL C 350 -29.82 -52.40 15.82
N GLU C 351 -30.14 -52.97 16.98
CA GLU C 351 -31.47 -52.79 17.55
C GLU C 351 -31.79 -51.29 17.65
N PRO C 352 -33.07 -50.94 17.50
CA PRO C 352 -33.37 -49.52 17.39
C PRO C 352 -33.29 -48.72 18.70
N LEU C 353 -32.42 -49.12 19.61
CA LEU C 353 -32.35 -48.44 20.92
C LEU C 353 -32.03 -46.94 20.86
N GLU C 354 -31.23 -46.54 19.87
CA GLU C 354 -30.94 -45.11 19.64
C GLU C 354 -31.36 -44.57 18.25
N SER C 355 -32.34 -45.22 17.62
CA SER C 355 -32.89 -44.77 16.35
C SER C 355 -31.87 -44.44 15.29
N THR C 356 -31.12 -45.45 14.86
CA THR C 356 -29.99 -45.21 13.97
C THR C 356 -30.17 -45.75 12.54
N GLY C 357 -31.17 -46.60 12.34
CA GLY C 357 -31.40 -47.23 11.04
C GLY C 357 -31.47 -46.23 9.89
N ILE C 358 -32.24 -45.17 10.09
CA ILE C 358 -32.49 -44.21 9.02
C ILE C 358 -31.28 -43.26 8.90
N PHE C 359 -30.57 -43.08 10.03
CA PHE C 359 -29.31 -42.34 10.01
C PHE C 359 -28.27 -43.10 9.18
N PHE C 360 -28.19 -44.41 9.33
CA PHE C 360 -27.28 -45.26 8.54
C PHE C 360 -27.58 -45.15 7.03
N ILE C 361 -28.86 -45.07 6.70
CA ILE C 361 -29.26 -44.90 5.31
C ILE C 361 -28.80 -43.55 4.81
N GLN C 362 -29.14 -42.50 5.55
CA GLN C 362 -28.82 -41.14 5.12
C GLN C 362 -27.31 -40.97 4.93
N HIS C 363 -26.54 -41.43 5.90
CA HIS C 363 -25.12 -41.26 5.83
C HIS C 363 -24.55 -42.12 4.69
N ALA C 364 -25.09 -43.32 4.51
CA ALA C 364 -24.63 -44.19 3.42
C ALA C 364 -24.84 -43.52 2.06
N ILE C 365 -25.97 -42.83 1.90
CA ILE C 365 -26.30 -42.14 0.64
C ILE C 365 -25.53 -40.85 0.45
N GLU C 366 -25.40 -40.05 1.50
CA GLU C 366 -24.58 -38.84 1.43
C GLU C 366 -23.14 -39.19 1.06
N GLN C 367 -22.62 -40.26 1.64
CA GLN C 367 -21.23 -40.62 1.36
C GLN C 367 -21.11 -41.30 0.01
N LEU C 368 -22.20 -41.89 -0.46
CA LEU C 368 -22.19 -42.49 -1.78
C LEU C 368 -22.07 -41.39 -2.83
N VAL C 369 -22.77 -40.28 -2.64
CA VAL C 369 -22.61 -39.15 -3.53
C VAL C 369 -21.17 -38.59 -3.52
N LYS C 370 -20.57 -38.40 -2.34
CA LYS C 370 -19.17 -38.01 -2.22
C LYS C 370 -18.18 -38.99 -2.83
N HIS C 371 -18.49 -40.29 -2.70
CA HIS C 371 -17.61 -41.33 -3.21
C HIS C 371 -18.09 -41.83 -4.55
N PHE C 372 -18.91 -41.05 -5.25
CA PHE C 372 -19.56 -41.51 -6.46
C PHE C 372 -18.49 -41.85 -7.51
N PRO C 373 -18.63 -43.03 -8.17
CA PRO C 373 -17.60 -43.50 -9.10
C PRO C 373 -17.61 -42.71 -10.38
N GLY C 374 -16.44 -42.55 -10.99
CA GLY C 374 -16.35 -42.11 -12.40
C GLY C 374 -16.37 -43.34 -13.30
N GLU C 375 -16.20 -43.14 -14.60
CA GLU C 375 -16.16 -44.32 -15.50
C GLU C 375 -14.99 -45.20 -15.17
N ARG C 376 -13.95 -44.53 -14.64
CA ARG C 376 -12.88 -45.23 -13.96
C ARG C 376 -13.21 -45.41 -12.49
N TRP C 377 -13.67 -46.62 -12.14
CA TRP C 377 -13.94 -47.01 -10.77
C TRP C 377 -12.64 -47.06 -9.97
N ASP C 378 -12.69 -46.68 -8.69
CA ASP C 378 -11.48 -46.38 -7.93
C ASP C 378 -11.43 -47.23 -6.64
N PRO C 379 -10.69 -48.36 -6.66
CA PRO C 379 -10.66 -49.19 -5.47
C PRO C 379 -10.29 -48.45 -4.17
N VAL C 380 -9.42 -47.45 -4.25
CA VAL C 380 -8.98 -46.70 -3.03
C VAL C 380 -10.13 -45.83 -2.50
N LEU C 381 -10.90 -45.22 -3.41
CA LEU C 381 -12.06 -44.44 -3.03
C LEU C 381 -13.17 -45.37 -2.48
N ILE C 382 -13.42 -46.49 -3.15
CA ILE C 382 -14.36 -47.51 -2.64
C ILE C 382 -13.97 -48.02 -1.23
N SER C 383 -12.68 -48.26 -1.04
CA SER C 383 -12.18 -48.69 0.25
C SER C 383 -12.42 -47.65 1.36
N ALA C 384 -12.15 -46.37 1.06
CA ALA C 384 -12.44 -45.27 1.99
C ALA C 384 -13.94 -45.18 2.35
N TYR C 385 -14.81 -45.43 1.38
CA TYR C 385 -16.23 -45.51 1.65
C TYR C 385 -16.56 -46.65 2.62
N ASN C 386 -16.02 -47.83 2.36
CA ASN C 386 -16.25 -48.99 3.24
C ASN C 386 -15.80 -48.79 4.68
N GLU C 387 -14.67 -48.13 4.88
CA GLU C 387 -14.19 -47.85 6.22
C GLU C 387 -15.13 -46.94 6.98
N ARG C 388 -15.63 -45.91 6.31
CA ARG C 388 -16.59 -44.98 6.92
C ARG C 388 -17.87 -45.71 7.36
N MET C 389 -18.37 -46.64 6.55
CA MET C 389 -19.61 -47.33 6.88
C MET C 389 -19.35 -48.31 8.03
N ALA C 390 -18.17 -48.93 8.04
CA ALA C 390 -17.77 -49.83 9.13
C ALA C 390 -17.66 -49.09 10.47
N HIS C 391 -17.00 -47.93 10.45
CA HIS C 391 -16.84 -47.12 11.63
C HIS C 391 -18.17 -46.58 12.15
N MET C 392 -19.07 -46.26 11.23
CA MET C 392 -20.36 -45.69 11.56
C MET C 392 -21.12 -46.70 12.43
N VAL C 393 -21.16 -47.95 11.97
CA VAL C 393 -21.89 -48.94 12.69
C VAL C 393 -21.14 -49.39 13.94
N ASP C 394 -19.83 -49.57 13.84
CA ASP C 394 -19.04 -50.04 14.99
C ASP C 394 -19.10 -49.06 16.18
N GLY C 395 -19.11 -47.76 15.90
CA GLY C 395 -19.27 -46.78 16.96
C GLY C 395 -20.60 -46.88 17.69
N VAL C 396 -21.70 -47.06 16.94
CA VAL C 396 -23.01 -47.19 17.54
C VAL C 396 -23.10 -48.50 18.34
N LYS C 397 -22.58 -49.59 17.78
CA LYS C 397 -22.56 -50.88 18.45
C LYS C 397 -21.97 -50.71 19.83
N GLU C 398 -20.83 -50.05 19.94
CA GLU C 398 -20.16 -49.89 21.22
C GLU C 398 -20.94 -48.99 22.18
N PHE C 399 -21.52 -47.92 21.66
CA PHE C 399 -22.39 -47.03 22.41
C PHE C 399 -23.64 -47.78 22.95
N LEU C 400 -24.15 -48.76 22.20
CA LEU C 400 -25.32 -49.51 22.62
C LEU C 400 -24.98 -50.51 23.71
N VAL C 401 -23.82 -51.15 23.62
CA VAL C 401 -23.41 -52.09 24.65
C VAL C 401 -23.24 -51.30 25.97
N LEU C 402 -22.80 -50.05 25.86
CA LEU C 402 -22.73 -49.16 27.02
C LEU C 402 -24.07 -48.99 27.72
N HIS C 403 -25.17 -48.99 26.96
CA HIS C 403 -26.51 -48.90 27.55
C HIS C 403 -26.76 -50.10 28.47
N TYR C 404 -26.46 -51.29 27.96
CA TYR C 404 -26.64 -52.52 28.75
C TYR C 404 -25.70 -52.66 29.92
N LYS C 405 -24.51 -52.07 29.82
CA LYS C 405 -23.55 -52.12 30.92
C LYS C 405 -23.90 -51.10 31.97
N GLY C 406 -24.57 -50.02 31.59
CA GLY C 406 -24.97 -49.01 32.56
C GLY C 406 -26.28 -49.31 33.28
N ALA C 407 -27.13 -50.13 32.68
CA ALA C 407 -28.40 -50.54 33.26
C ALA C 407 -28.11 -51.22 34.59
N GLN C 408 -28.62 -50.62 35.67
N GLN C 408 -28.61 -50.63 35.67
CA GLN C 408 -28.37 -51.10 37.02
CA GLN C 408 -28.33 -51.15 37.01
C GLN C 408 -29.32 -52.21 37.48
C GLN C 408 -29.34 -52.19 37.50
N ARG C 409 -30.39 -52.47 36.72
CA ARG C 409 -31.38 -53.54 37.08
C ARG C 409 -30.81 -54.94 36.91
N GLU C 410 -31.19 -55.85 37.79
CA GLU C 410 -30.65 -57.20 37.79
C GLU C 410 -31.71 -58.22 38.19
N ASP C 411 -32.94 -58.01 37.76
CA ASP C 411 -34.08 -58.76 38.30
C ASP C 411 -34.52 -60.00 37.50
N THR C 412 -34.03 -60.19 36.28
CA THR C 412 -34.35 -61.38 35.52
C THR C 412 -33.05 -62.00 34.95
N PRO C 413 -33.11 -63.28 34.52
CA PRO C 413 -31.97 -63.90 33.85
C PRO C 413 -31.35 -63.02 32.78
N TYR C 414 -32.20 -62.37 31.97
CA TYR C 414 -31.78 -61.43 30.94
C TYR C 414 -30.88 -60.30 31.47
N TRP C 415 -31.32 -59.63 32.52
CA TRP C 415 -30.57 -58.48 33.01
C TRP C 415 -29.31 -58.90 33.75
N LYS C 416 -29.36 -60.06 34.38
CA LYS C 416 -28.16 -60.66 34.99
C LYS C 416 -27.11 -60.96 33.93
N ALA C 417 -27.54 -61.49 32.78
CA ALA C 417 -26.64 -61.92 31.72
C ALA C 417 -26.02 -60.72 31.01
N ALA C 418 -26.78 -59.64 30.90
CA ALA C 418 -26.30 -58.41 30.32
C ALA C 418 -25.12 -57.87 31.11
N LYS C 419 -25.17 -58.04 32.41
CA LYS C 419 -24.14 -57.52 33.31
C LYS C 419 -22.75 -58.14 33.06
N THR C 420 -22.70 -59.45 32.80
CA THR C 420 -21.44 -60.18 32.58
C THR C 420 -21.07 -60.46 31.12
N ARG C 421 -21.95 -60.14 30.18
CA ARG C 421 -21.70 -60.47 28.76
C ARG C 421 -20.41 -59.80 28.27
N ALA C 422 -19.71 -60.46 27.33
CA ALA C 422 -18.54 -59.90 26.69
C ALA C 422 -18.86 -58.53 26.05
N MET C 423 -17.83 -57.69 25.92
CA MET C 423 -17.93 -56.33 25.37
C MET C 423 -17.05 -56.19 24.14
N PRO C 424 -17.33 -55.20 23.26
CA PRO C 424 -16.41 -54.89 22.18
C PRO C 424 -15.10 -54.35 22.73
N ASP C 425 -14.04 -54.44 21.93
CA ASP C 425 -12.74 -53.87 22.28
C ASP C 425 -12.88 -52.37 22.49
N GLY C 426 -12.26 -51.86 23.53
CA GLY C 426 -12.30 -50.43 23.71
C GLY C 426 -13.24 -49.97 24.78
N LEU C 427 -14.32 -50.74 25.01
CA LEU C 427 -15.34 -50.34 25.98
C LEU C 427 -14.86 -50.44 27.39
N ALA C 428 -14.15 -51.52 27.73
CA ALA C 428 -13.56 -51.66 29.07
C ALA C 428 -12.84 -50.38 29.46
N ARG C 429 -11.97 -49.88 28.58
CA ARG C 429 -11.24 -48.66 28.82
C ARG C 429 -12.16 -47.45 29.05
N LYS C 430 -13.24 -47.37 28.27
CA LYS C 430 -14.21 -46.28 28.44
C LYS C 430 -14.92 -46.38 29.79
N LEU C 431 -15.23 -47.60 30.23
CA LEU C 431 -15.81 -47.82 31.55
C LEU C 431 -14.84 -47.56 32.69
N GLU C 432 -13.56 -47.92 32.53
CA GLU C 432 -12.59 -47.55 33.58
C GLU C 432 -12.47 -46.04 33.72
N LEU C 433 -12.38 -45.36 32.58
CA LEU C 433 -12.30 -43.90 32.58
C LEU C 433 -13.51 -43.30 33.28
N SER C 434 -14.69 -43.77 32.91
CA SER C 434 -15.96 -43.21 33.37
C SER C 434 -16.16 -43.28 34.87
N ALA C 435 -15.54 -44.27 35.51
CA ALA C 435 -15.60 -44.39 36.97
C ALA C 435 -14.70 -43.38 37.66
N SER C 436 -13.76 -42.83 36.88
CA SER C 436 -12.86 -41.80 37.37
C SER C 436 -13.34 -40.38 37.02
N HIS C 437 -13.75 -40.18 35.77
CA HIS C 437 -14.15 -38.85 35.28
C HIS C 437 -14.95 -39.00 33.99
N LEU C 438 -15.52 -37.91 33.47
CA LEU C 438 -16.38 -38.00 32.30
C LEU C 438 -15.58 -38.27 31.04
N LEU C 439 -16.18 -39.02 30.11
CA LEU C 439 -15.63 -39.18 28.77
C LEU C 439 -15.69 -37.85 28.07
N ASP C 440 -14.83 -37.66 27.07
CA ASP C 440 -14.83 -36.44 26.28
C ASP C 440 -14.51 -36.77 24.81
N GLU C 441 -14.33 -35.72 24.02
CA GLU C 441 -14.08 -35.82 22.59
C GLU C 441 -12.96 -36.81 22.28
N GLN C 442 -11.93 -36.81 23.14
CA GLN C 442 -10.77 -37.67 22.96
C GLN C 442 -10.90 -39.12 23.38
N THR C 443 -11.91 -39.44 24.20
CA THR C 443 -12.03 -40.79 24.76
C THR C 443 -13.30 -41.56 24.34
N ILE C 444 -14.24 -40.90 23.66
CA ILE C 444 -15.36 -41.64 23.06
C ILE C 444 -14.84 -42.32 21.79
N TYR C 445 -15.70 -43.07 21.12
CA TYR C 445 -15.29 -43.70 19.88
C TYR C 445 -14.87 -42.59 18.91
N PRO C 446 -13.66 -42.70 18.30
CA PRO C 446 -13.05 -41.52 17.66
C PRO C 446 -13.50 -41.22 16.22
N TYR C 447 -14.11 -42.19 15.54
CA TYR C 447 -14.55 -41.96 14.15
C TYR C 447 -16.01 -41.61 14.12
N TYR C 448 -16.45 -41.02 13.02
CA TYR C 448 -17.83 -40.55 12.96
C TYR C 448 -18.83 -41.67 13.10
N HIS C 449 -19.78 -41.52 14.04
CA HIS C 449 -20.82 -42.50 14.27
C HIS C 449 -22.12 -41.86 14.68
N GLY C 450 -22.31 -40.61 14.24
CA GLY C 450 -23.56 -39.92 14.50
C GLY C 450 -23.56 -39.21 15.82
N PHE C 451 -23.17 -39.91 16.88
CA PHE C 451 -23.25 -39.38 18.25
C PHE C 451 -22.05 -38.57 18.67
N GLU C 452 -22.31 -37.53 19.44
CA GLU C 452 -21.29 -36.68 20.04
C GLU C 452 -21.06 -37.03 21.50
N THR C 453 -20.14 -36.30 22.12
CA THR C 453 -19.77 -36.51 23.49
C THR C 453 -20.97 -36.40 24.46
N TYR C 454 -21.81 -35.38 24.31
CA TYR C 454 -22.91 -35.19 25.29
C TYR C 454 -23.77 -36.46 25.39
N SER C 455 -23.93 -37.15 24.27
CA SER C 455 -24.74 -38.38 24.23
C SER C 455 -24.12 -39.50 25.05
N TRP C 456 -22.82 -39.70 24.88
CA TRP C 456 -22.08 -40.67 25.70
C TRP C 456 -22.19 -40.31 27.21
N ILE C 457 -21.94 -39.06 27.55
CA ILE C 457 -22.01 -38.57 28.92
C ILE C 457 -23.42 -38.76 29.49
N THR C 458 -24.42 -38.39 28.70
CA THR C 458 -25.79 -38.34 29.15
C THR C 458 -26.30 -39.73 29.52
N MET C 459 -25.98 -40.70 28.66
CA MET C 459 -26.33 -42.07 28.92
C MET C 459 -25.62 -42.57 30.17
N ASN C 460 -24.33 -42.29 30.32
CA ASN C 460 -23.59 -42.73 31.53
C ASN C 460 -24.21 -42.18 32.81
N LEU C 461 -24.44 -40.87 32.86
CA LEU C 461 -25.01 -40.22 34.05
C LEU C 461 -26.46 -40.65 34.36
N GLY C 462 -27.27 -40.83 33.32
CA GLY C 462 -28.65 -41.20 33.52
C GLY C 462 -28.77 -42.65 33.97
N LEU C 463 -27.97 -43.52 33.34
CA LEU C 463 -27.96 -44.94 33.71
C LEU C 463 -27.31 -45.20 35.08
N GLY C 464 -26.40 -44.34 35.50
CA GLY C 464 -25.71 -44.49 36.80
C GLY C 464 -24.23 -44.86 36.76
N ILE C 465 -23.55 -44.62 35.63
CA ILE C 465 -22.11 -44.72 35.58
C ILE C 465 -21.52 -43.34 35.81
N VAL C 466 -21.11 -43.11 37.05
CA VAL C 466 -20.88 -41.76 37.56
C VAL C 466 -19.46 -41.69 38.11
N PRO C 467 -18.70 -40.61 37.80
CA PRO C 467 -17.38 -40.53 38.44
C PRO C 467 -17.52 -40.64 39.97
N GLU C 468 -16.59 -41.36 40.58
CA GLU C 468 -16.53 -41.50 42.03
C GLU C 468 -16.58 -40.14 42.73
N ARG C 469 -15.80 -39.18 42.26
CA ARG C 469 -15.83 -37.81 42.79
C ARG C 469 -15.89 -36.78 41.65
N PRO C 470 -16.21 -35.51 42.00
CA PRO C 470 -16.18 -34.43 41.01
C PRO C 470 -14.76 -34.25 40.48
N ARG C 471 -14.59 -33.47 39.43
CA ARG C 471 -13.26 -33.17 38.94
C ARG C 471 -12.52 -32.26 39.92
N PRO C 472 -11.35 -32.71 40.38
CA PRO C 472 -10.66 -31.98 41.45
C PRO C 472 -10.37 -30.53 41.14
N ALA C 473 -10.14 -30.20 39.87
CA ALA C 473 -9.87 -28.82 39.46
C ALA C 473 -10.99 -27.88 39.92
N LEU C 474 -12.22 -28.38 39.88
CA LEU C 474 -13.38 -27.53 40.19
C LEU C 474 -13.41 -26.99 41.63
N LEU C 475 -12.80 -27.70 42.55
CA LEU C 475 -12.68 -27.21 43.91
C LEU C 475 -11.77 -25.99 44.05
N HIS C 476 -10.88 -25.78 43.08
CA HIS C 476 -10.02 -24.62 43.08
C HIS C 476 -10.65 -23.40 42.42
N MET C 477 -11.88 -23.55 41.91
CA MET C 477 -12.46 -22.55 41.03
C MET C 477 -13.72 -21.94 41.62
N ASP C 478 -14.01 -20.71 41.22
CA ASP C 478 -15.21 -20.00 41.64
C ASP C 478 -16.47 -20.69 41.05
N PRO C 479 -17.37 -21.17 41.93
CA PRO C 479 -18.55 -21.87 41.45
C PRO C 479 -19.68 -20.93 40.99
N ALA C 480 -19.56 -19.63 41.27
CA ALA C 480 -20.61 -18.65 40.96
C ALA C 480 -21.09 -18.67 39.48
N PRO C 481 -20.15 -18.61 38.51
CA PRO C 481 -20.57 -18.58 37.11
C PRO C 481 -21.40 -19.78 36.65
N ALA C 482 -21.07 -20.96 37.20
CA ALA C 482 -21.80 -22.17 36.85
C ALA C 482 -23.16 -22.21 37.53
N LEU C 483 -23.21 -21.74 38.77
CA LEU C 483 -24.47 -21.70 39.51
C LEU C 483 -25.44 -20.71 38.87
N ALA C 484 -24.88 -19.61 38.35
CA ALA C 484 -25.67 -18.62 37.64
C ALA C 484 -26.14 -19.20 36.30
N GLU C 485 -25.41 -20.16 35.77
CA GLU C 485 -25.81 -20.81 34.52
C GLU C 485 -26.93 -21.82 34.77
N PHE C 486 -26.86 -22.55 35.88
CA PHE C 486 -27.92 -23.48 36.25
C PHE C 486 -29.23 -22.77 36.45
N GLU C 487 -29.17 -21.63 37.14
CA GLU C 487 -30.32 -20.77 37.34
C GLU C 487 -30.85 -20.24 36.01
N ARG C 488 -29.94 -19.80 35.14
CA ARG C 488 -30.31 -19.28 33.84
C ARG C 488 -31.10 -20.33 33.04
N LEU C 489 -30.61 -21.56 33.03
CA LEU C 489 -31.30 -22.69 32.40
C LEU C 489 -32.67 -22.94 32.98
N ARG C 490 -32.78 -22.83 34.30
CA ARG C 490 -34.03 -23.12 35.02
C ARG C 490 -35.08 -22.08 34.65
N ARG C 491 -34.64 -20.83 34.53
CA ARG C 491 -35.52 -19.70 34.20
C ARG C 491 -35.93 -19.70 32.73
N GLU C 492 -34.98 -20.03 31.84
CA GLU C 492 -35.26 -20.14 30.40
C GLU C 492 -36.25 -21.29 30.15
N GLY C 493 -36.12 -22.36 30.91
CA GLY C 493 -37.05 -23.49 30.90
C GLY C 493 -38.45 -23.08 31.30
N ASP C 494 -38.58 -22.38 32.43
CA ASP C 494 -39.84 -21.81 32.90
C ASP C 494 -40.55 -21.02 31.80
N GLU C 495 -39.80 -20.14 31.15
CA GLU C 495 -40.35 -19.22 30.16
C GLU C 495 -40.81 -19.94 28.90
N LEU C 496 -40.10 -21.00 28.55
CA LEU C 496 -40.36 -21.71 27.31
C LEU C 496 -41.62 -22.54 27.38
N ILE C 497 -41.82 -23.23 28.51
CA ILE C 497 -43.00 -24.08 28.66
C ILE C 497 -44.28 -23.25 28.78
N ALA C 498 -44.13 -22.02 29.25
CA ALA C 498 -45.23 -21.07 29.30
C ALA C 498 -45.58 -20.52 27.91
N ALA C 499 -44.59 -20.36 27.04
CA ALA C 499 -44.80 -19.68 25.77
C ALA C 499 -45.04 -20.61 24.58
N LEU C 500 -44.50 -21.83 24.65
CA LEU C 500 -44.62 -22.78 23.56
C LEU C 500 -46.00 -23.48 23.58
N PRO C 501 -46.53 -23.82 22.39
CA PRO C 501 -47.73 -24.64 22.33
C PRO C 501 -47.38 -26.11 22.56
N SER C 502 -48.38 -26.96 22.77
CA SER C 502 -48.11 -28.37 22.93
C SER C 502 -47.67 -28.98 21.60
N CYS C 503 -47.12 -30.18 21.68
CA CYS C 503 -46.65 -30.89 20.51
C CYS C 503 -47.80 -31.05 19.51
N TYR C 504 -48.93 -31.56 19.99
CA TYR C 504 -50.12 -31.74 19.15
C TYR C 504 -50.67 -30.40 18.62
N GLU C 505 -50.79 -29.41 19.51
CA GLU C 505 -51.28 -28.09 19.10
C GLU C 505 -50.53 -27.56 17.87
N TYR C 506 -49.21 -27.54 17.93
CA TYR C 506 -48.47 -26.99 16.80
C TYR C 506 -48.66 -27.81 15.53
N LEU C 507 -48.57 -29.14 15.65
CA LEU C 507 -48.79 -30.03 14.51
C LEU C 507 -50.18 -29.86 13.89
N ALA C 508 -51.21 -29.70 14.73
CA ALA C 508 -52.57 -29.45 14.22
C ALA C 508 -52.61 -28.19 13.35
N SER C 509 -51.92 -27.14 13.78
CA SER C 509 -51.94 -25.84 13.10
C SER C 509 -51.25 -25.87 11.72
N ILE C 510 -50.41 -26.87 11.47
CA ILE C 510 -49.74 -26.98 10.16
C ILE C 510 -50.31 -28.06 9.24
N GLN C 511 -51.35 -28.76 9.70
CA GLN C 511 -51.94 -29.85 8.92
C GLN C 511 -52.66 -29.25 7.73
N MET D 1 25.17 31.62 15.35
CA MET D 1 25.51 32.88 14.58
C MET D 1 26.99 33.34 14.66
N ILE D 2 27.44 34.03 13.61
CA ILE D 2 28.68 34.81 13.66
C ILE D 2 28.42 36.27 14.06
N ARG D 3 29.44 36.96 14.60
CA ARG D 3 29.23 38.25 15.25
C ARG D 3 29.79 39.43 14.45
N SER D 4 30.96 39.25 13.84
CA SER D 4 31.73 40.38 13.37
C SER D 4 32.28 40.22 11.97
N VAL D 5 32.32 41.34 11.27
CA VAL D 5 32.83 41.45 9.92
C VAL D 5 33.97 42.49 9.91
N VAL D 6 35.07 42.15 9.25
CA VAL D 6 36.16 43.10 9.05
C VAL D 6 36.29 43.34 7.56
N ILE D 7 36.12 44.60 7.16
CA ILE D 7 36.26 44.99 5.76
C ILE D 7 37.59 45.67 5.57
N VAL D 8 38.34 45.26 4.54
CA VAL D 8 39.62 45.92 4.26
C VAL D 8 39.51 46.69 2.95
N GLY D 9 39.53 48.01 3.04
CA GLY D 9 39.36 48.83 1.84
C GLY D 9 38.21 49.80 1.98
N GLY D 10 38.47 51.06 1.64
CA GLY D 10 37.47 52.12 1.78
C GLY D 10 37.17 52.84 0.47
N GLY D 11 37.10 52.09 -0.62
CA GLY D 11 36.61 52.64 -1.87
C GLY D 11 35.08 52.54 -1.85
N THR D 12 34.47 52.73 -3.02
CA THR D 12 33.04 52.52 -3.15
C THR D 12 32.61 51.11 -2.67
N ALA D 13 33.45 50.10 -2.92
CA ALA D 13 33.14 48.72 -2.51
C ALA D 13 33.06 48.57 -0.99
N GLY D 14 34.12 48.98 -0.28
CA GLY D 14 34.15 48.91 1.17
C GLY D 14 32.97 49.59 1.83
N TRP D 15 32.68 50.82 1.41
CA TRP D 15 31.65 51.61 2.06
C TRP D 15 30.22 51.17 1.71
N MET D 16 30.02 50.70 0.48
CA MET D 16 28.74 50.11 0.14
C MET D 16 28.47 48.89 1.01
N THR D 17 29.50 48.06 1.20
CA THR D 17 29.40 46.85 2.00
C THR D 17 29.08 47.17 3.45
N ALA D 18 29.86 48.09 4.03
CA ALA D 18 29.67 48.51 5.41
C ALA D 18 28.26 49.04 5.63
N SER D 19 27.83 49.95 4.75
CA SER D 19 26.50 50.56 4.80
C SER D 19 25.39 49.51 4.74
N TYR D 20 25.49 48.61 3.76
CA TYR D 20 24.46 47.61 3.53
C TYR D 20 24.31 46.61 4.68
N LEU D 21 25.44 46.19 5.26
CA LEU D 21 25.44 45.27 6.37
C LEU D 21 24.78 45.86 7.60
N LYS D 22 24.99 47.15 7.83
CA LYS D 22 24.33 47.82 8.95
C LYS D 22 22.83 47.99 8.67
N ALA D 23 22.51 48.38 7.43
CA ALA D 23 21.11 48.47 7.03
C ALA D 23 20.42 47.12 7.20
N ALA D 24 21.09 46.04 6.83
CA ALA D 24 20.48 44.70 6.87
C ALA D 24 20.33 44.13 8.29
N PHE D 25 21.37 44.25 9.11
CA PHE D 25 21.42 43.57 10.40
C PHE D 25 21.44 44.48 11.60
N ASP D 26 21.60 45.79 11.36
CA ASP D 26 21.62 46.80 12.42
C ASP D 26 22.57 46.42 13.58
N ASP D 27 22.03 46.24 14.78
CA ASP D 27 22.87 45.95 15.96
C ASP D 27 23.18 44.46 16.13
N ARG D 28 22.72 43.64 15.19
CA ARG D 28 22.98 42.20 15.22
C ARG D 28 24.22 41.82 14.38
N ILE D 29 25.07 42.81 14.11
CA ILE D 29 26.35 42.58 13.43
C ILE D 29 27.32 43.68 13.82
N ASP D 30 28.55 43.27 14.15
CA ASP D 30 29.63 44.22 14.46
C ASP D 30 30.50 44.37 13.21
N VAL D 31 30.76 45.61 12.80
CA VAL D 31 31.48 45.89 11.58
C VAL D 31 32.62 46.89 11.84
N THR D 32 33.78 46.52 11.32
CA THR D 32 34.97 47.35 11.32
C THR D 32 35.43 47.46 9.88
N LEU D 33 35.72 48.69 9.44
CA LEU D 33 36.36 48.93 8.15
C LEU D 33 37.76 49.55 8.37
N VAL D 34 38.76 48.94 7.73
CA VAL D 34 40.14 49.38 7.75
C VAL D 34 40.53 49.85 6.37
N GLU D 35 41.08 51.06 6.29
CA GLU D 35 41.52 51.58 5.01
C GLU D 35 42.79 52.43 5.10
N SER D 36 43.62 52.31 4.08
CA SER D 36 44.88 53.03 3.98
C SER D 36 44.65 54.54 3.89
N GLY D 37 45.45 55.30 4.63
CA GLY D 37 45.48 56.74 4.47
C GLY D 37 46.39 57.19 3.34
N ASN D 38 47.15 56.26 2.74
CA ASN D 38 48.07 56.62 1.64
C ASN D 38 47.94 55.89 0.30
N VAL D 39 47.18 54.79 0.28
CA VAL D 39 46.88 54.11 -0.98
C VAL D 39 45.52 54.63 -1.46
N ARG D 40 45.55 55.38 -2.56
CA ARG D 40 44.36 56.07 -3.07
C ARG D 40 43.30 55.10 -3.60
N ARG D 41 42.03 55.51 -3.48
CA ARG D 41 40.93 54.82 -4.16
C ARG D 41 41.16 54.98 -5.66
N ILE D 42 40.57 54.07 -6.45
CA ILE D 42 40.71 54.10 -7.92
C ILE D 42 40.47 55.50 -8.53
N GLY D 43 39.50 56.24 -7.99
CA GLY D 43 39.26 57.64 -8.40
C GLY D 43 38.19 57.79 -9.48
N VAL D 44 37.70 56.65 -9.96
CA VAL D 44 36.69 56.60 -11.03
C VAL D 44 35.56 55.64 -10.62
N GLY D 45 34.56 55.50 -11.48
CA GLY D 45 33.36 54.72 -11.16
C GLY D 45 32.23 55.69 -10.86
N GLU D 46 31.70 56.31 -11.91
CA GLU D 46 30.79 57.45 -11.77
C GLU D 46 29.41 57.25 -12.43
N ALA D 47 29.22 56.12 -13.10
CA ALA D 47 27.93 55.80 -13.72
C ALA D 47 27.38 54.51 -13.13
N THR D 48 26.07 54.38 -13.09
CA THR D 48 25.48 53.21 -12.46
C THR D 48 24.48 52.49 -13.33
N PHE D 49 24.09 51.31 -12.87
CA PHE D 49 23.15 50.45 -13.54
C PHE D 49 21.75 50.58 -12.91
N SER D 50 20.72 50.10 -13.61
CA SER D 50 19.32 50.33 -13.20
C SER D 50 18.95 49.79 -11.80
N THR D 51 19.64 48.74 -11.35
CA THR D 51 19.40 48.11 -10.05
C THR D 51 19.67 49.05 -8.85
N VAL D 52 20.45 50.12 -9.08
CA VAL D 52 21.06 50.90 -7.98
C VAL D 52 20.05 51.59 -7.04
N ARG D 53 18.88 51.96 -7.57
CA ARG D 53 17.78 52.51 -6.76
C ARG D 53 17.43 51.61 -5.56
N HIS D 54 17.51 50.29 -5.76
CA HIS D 54 17.18 49.34 -4.70
C HIS D 54 18.20 49.41 -3.56
N PHE D 55 19.44 49.74 -3.91
CA PHE D 55 20.49 49.83 -2.91
C PHE D 55 20.19 51.01 -2.00
N PHE D 56 19.91 52.16 -2.61
CA PHE D 56 19.57 53.35 -1.85
C PHE D 56 18.25 53.25 -1.07
N ASP D 57 17.24 52.62 -1.67
CA ASP D 57 15.98 52.34 -0.97
C ASP D 57 16.21 51.49 0.28
N TYR D 58 17.09 50.50 0.16
CA TYR D 58 17.34 49.55 1.24
C TYR D 58 17.97 50.29 2.41
N LEU D 59 18.86 51.22 2.07
CA LEU D 59 19.52 52.06 3.06
C LEU D 59 18.58 53.09 3.67
N GLY D 60 17.41 53.27 3.07
CA GLY D 60 16.44 54.26 3.54
C GLY D 60 16.71 55.67 3.05
N LEU D 61 17.33 55.80 1.88
CA LEU D 61 17.73 57.10 1.33
C LEU D 61 16.97 57.45 0.05
N ASP D 62 16.20 58.53 0.09
CA ASP D 62 15.52 59.07 -1.09
C ASP D 62 16.56 59.78 -1.97
N GLU D 63 16.37 59.72 -3.30
CA GLU D 63 17.30 60.35 -4.26
C GLU D 63 17.48 61.85 -4.00
N ARG D 64 16.41 62.52 -3.54
CA ARG D 64 16.49 63.93 -3.20
C ARG D 64 17.47 64.20 -2.08
N GLU D 65 17.70 63.19 -1.23
CA GLU D 65 18.64 63.34 -0.12
C GLU D 65 20.08 63.01 -0.55
N TRP D 66 20.27 61.90 -1.26
CA TRP D 66 21.63 61.43 -1.53
C TRP D 66 22.28 62.06 -2.76
N LEU D 67 21.51 62.22 -3.83
CA LEU D 67 22.05 62.69 -5.12
C LEU D 67 22.79 64.06 -5.13
N PRO D 68 22.16 65.15 -4.62
CA PRO D 68 22.86 66.45 -4.63
C PRO D 68 24.11 66.40 -3.76
N ARG D 69 24.06 65.47 -2.82
CA ARG D 69 25.05 65.31 -1.79
C ARG D 69 26.23 64.49 -2.33
N CYS D 70 25.98 63.68 -3.38
CA CYS D 70 27.05 63.05 -4.14
C CYS D 70 27.33 63.78 -5.47
N ALA D 71 26.79 65.00 -5.59
CA ALA D 71 27.00 65.87 -6.76
C ALA D 71 26.61 65.22 -8.10
N GLY D 72 25.58 64.38 -8.06
CA GLY D 72 25.25 63.50 -9.17
C GLY D 72 24.30 64.04 -10.21
N GLY D 73 24.01 63.20 -11.20
CA GLY D 73 23.03 63.51 -12.24
C GLY D 73 22.26 62.27 -12.63
N TYR D 74 21.50 62.38 -13.71
CA TYR D 74 20.65 61.28 -14.13
C TYR D 74 21.25 60.50 -15.29
N LYS D 75 21.07 59.18 -15.25
CA LYS D 75 21.45 58.34 -16.37
C LYS D 75 20.21 57.62 -16.91
N LEU D 76 19.67 58.13 -18.01
CA LEU D 76 18.51 57.53 -18.67
C LEU D 76 18.94 56.39 -19.60
N GLY D 77 20.24 56.29 -19.84
CA GLY D 77 20.80 55.28 -20.71
C GLY D 77 22.19 55.65 -21.19
N ILE D 78 22.66 54.96 -22.22
CA ILE D 78 23.96 55.23 -22.80
C ILE D 78 23.80 55.53 -24.28
N ARG D 79 24.47 56.59 -24.72
CA ARG D 79 24.54 56.96 -26.14
C ARG D 79 25.82 56.40 -26.75
N PHE D 80 25.67 55.51 -27.73
CA PHE D 80 26.81 54.92 -28.42
C PHE D 80 27.08 55.64 -29.73
N GLU D 81 28.21 56.35 -29.76
CA GLU D 81 28.61 57.18 -30.89
C GLU D 81 29.76 56.54 -31.65
N ASN D 82 29.64 56.54 -32.98
CA ASN D 82 30.75 56.29 -33.90
C ASN D 82 31.21 54.84 -33.96
N TRP D 83 30.40 53.94 -33.43
CA TRP D 83 30.75 52.51 -33.38
C TRP D 83 30.68 51.81 -34.74
N SER D 84 29.77 52.26 -35.59
CA SER D 84 29.57 51.58 -36.85
C SER D 84 29.69 52.60 -37.98
N GLU D 85 28.59 53.22 -38.38
CA GLU D 85 28.67 54.36 -39.29
C GLU D 85 29.26 55.56 -38.55
N PRO D 86 30.20 56.28 -39.19
CA PRO D 86 30.85 57.44 -38.54
C PRO D 86 29.91 58.64 -38.40
N GLY D 87 29.96 59.34 -37.26
CA GLY D 87 29.02 60.43 -36.96
C GLY D 87 27.64 59.91 -36.55
N GLU D 88 27.45 58.60 -36.60
CA GLU D 88 26.18 57.98 -36.23
C GLU D 88 26.08 57.53 -34.78
N TYR D 89 24.86 57.45 -34.28
CA TYR D 89 24.65 57.06 -32.89
C TYR D 89 23.26 56.46 -32.65
N PHE D 90 23.13 55.81 -31.50
CA PHE D 90 21.85 55.33 -31.01
C PHE D 90 21.92 55.31 -29.49
N TYR D 91 20.78 55.11 -28.86
CA TYR D 91 20.72 55.01 -27.40
C TYR D 91 20.44 53.60 -26.94
N HIS D 92 21.12 53.19 -25.88
CA HIS D 92 20.73 52.03 -25.10
C HIS D 92 20.09 52.54 -23.81
N PRO D 93 18.75 52.56 -23.75
CA PRO D 93 18.04 53.23 -22.69
C PRO D 93 17.58 52.26 -21.61
N PHE D 94 17.28 52.78 -20.43
CA PHE D 94 16.63 52.00 -19.37
C PHE D 94 15.11 52.07 -19.55
N GLU D 95 14.60 51.25 -20.46
CA GLU D 95 13.18 51.25 -20.80
C GLU D 95 12.82 49.93 -21.45
N ARG D 96 11.78 49.29 -20.93
CA ARG D 96 11.34 48.00 -21.47
C ARG D 96 10.54 48.25 -22.71
N LEU D 97 10.69 47.35 -23.68
CA LEU D 97 9.85 47.39 -24.87
C LEU D 97 8.41 47.04 -24.58
N ARG D 98 7.50 47.82 -25.15
CA ARG D 98 6.07 47.44 -25.15
C ARG D 98 5.83 46.25 -26.06
N VAL D 99 4.77 45.52 -25.78
CA VAL D 99 4.40 44.33 -26.52
C VAL D 99 3.02 44.54 -27.11
N VAL D 100 2.86 44.23 -28.39
CA VAL D 100 1.58 44.37 -29.09
C VAL D 100 1.24 43.07 -29.79
N ASP D 101 0.09 42.49 -29.43
CA ASP D 101 -0.38 41.22 -29.99
C ASP D 101 0.66 40.09 -29.92
N GLY D 102 1.37 40.01 -28.80
CA GLY D 102 2.35 38.95 -28.59
C GLY D 102 3.76 39.21 -29.08
N PHE D 103 4.00 40.33 -29.78
CA PHE D 103 5.35 40.67 -30.25
C PHE D 103 5.81 42.04 -29.74
N ASN D 104 7.08 42.13 -29.31
CA ASN D 104 7.62 43.41 -28.87
C ASN D 104 7.81 44.41 -30.01
N MET D 105 7.97 45.68 -29.65
CA MET D 105 8.01 46.74 -30.64
C MET D 105 9.21 46.61 -31.58
N ALA D 106 10.29 46.00 -31.11
CA ALA D 106 11.43 45.74 -31.98
C ALA D 106 11.03 44.87 -33.18
N GLU D 107 10.31 43.78 -32.93
CA GLU D 107 9.83 42.90 -34.00
C GLU D 107 8.98 43.67 -35.00
N TRP D 108 8.04 44.45 -34.48
CA TRP D 108 7.13 45.24 -35.30
C TRP D 108 7.89 46.31 -36.07
N TRP D 109 8.91 46.91 -35.43
CA TRP D 109 9.73 47.91 -36.08
C TRP D 109 10.36 47.34 -37.35
N LEU D 110 10.86 46.11 -37.26
CA LEU D 110 11.45 45.44 -38.40
C LEU D 110 10.45 45.19 -39.51
N ALA D 111 9.20 44.96 -39.14
CA ALA D 111 8.17 44.64 -40.11
C ALA D 111 7.56 45.89 -40.74
N VAL D 112 7.25 46.90 -39.93
CA VAL D 112 6.40 48.02 -40.38
C VAL D 112 6.95 49.44 -40.14
N GLY D 113 8.14 49.52 -39.54
CA GLY D 113 8.80 50.81 -39.33
C GLY D 113 9.17 51.50 -40.63
N SER D 118 14.93 55.81 -36.63
CA SER D 118 15.80 54.76 -36.11
C SER D 118 15.06 53.87 -35.10
N PHE D 119 15.66 52.72 -34.77
CA PHE D 119 15.03 51.78 -33.82
C PHE D 119 14.74 52.42 -32.46
N SER D 120 15.80 52.93 -31.79
CA SER D 120 15.63 53.51 -30.46
C SER D 120 14.63 54.66 -30.48
N GLU D 121 14.67 55.44 -31.55
CA GLU D 121 13.79 56.59 -31.67
C GLU D 121 12.32 56.19 -31.80
N ALA D 122 12.04 55.17 -32.60
CA ALA D 122 10.68 54.68 -32.80
C ALA D 122 10.11 53.96 -31.57
N CYS D 123 10.96 53.22 -30.85
CA CYS D 123 10.50 52.29 -29.82
C CYS D 123 10.56 52.77 -28.36
N TYR D 124 11.33 53.82 -28.08
CA TYR D 124 11.60 54.21 -26.70
C TYR D 124 11.33 55.67 -26.42
N LEU D 125 10.55 55.95 -25.38
CA LEU D 125 10.28 57.31 -24.94
C LEU D 125 11.59 57.96 -24.53
N THR D 126 12.43 57.17 -23.86
CA THR D 126 13.72 57.63 -23.35
C THR D 126 14.61 58.30 -24.40
N HIS D 127 14.49 57.88 -25.66
CA HIS D 127 15.24 58.48 -26.75
C HIS D 127 14.96 59.99 -26.86
N ARG D 128 13.70 60.37 -26.79
CA ARG D 128 13.32 61.75 -26.88
C ARG D 128 13.82 62.55 -25.68
N LEU D 129 13.66 61.96 -24.49
CA LEU D 129 14.07 62.59 -23.26
C LEU D 129 15.56 62.91 -23.29
N CYS D 130 16.34 61.98 -23.83
CA CYS D 130 17.78 62.18 -23.98
C CYS D 130 18.11 63.28 -24.98
N GLU D 131 17.48 63.24 -26.15
CA GLU D 131 17.69 64.26 -27.18
C GLU D 131 17.32 65.66 -26.70
N ALA D 132 16.26 65.76 -25.91
CA ALA D 132 15.80 67.05 -25.39
C ALA D 132 16.39 67.37 -24.01
N LYS D 133 17.29 66.50 -23.55
CA LYS D 133 18.02 66.68 -22.27
C LYS D 133 17.12 66.88 -21.05
N ARG D 134 16.03 66.10 -20.99
CA ARG D 134 15.07 66.21 -19.90
C ARG D 134 15.48 65.48 -18.63
N ALA D 135 14.90 65.91 -17.52
CA ALA D 135 14.97 65.17 -16.27
C ALA D 135 13.88 64.11 -16.28
N PRO D 136 14.07 63.00 -15.54
CA PRO D 136 13.00 62.01 -15.46
C PRO D 136 11.90 62.40 -14.46
N ARG D 137 12.00 63.59 -13.89
CA ARG D 137 10.99 64.06 -12.95
C ARG D 137 10.47 65.44 -13.30
N MET D 138 9.19 65.67 -13.00
CA MET D 138 8.59 67.01 -13.03
C MET D 138 9.12 67.77 -11.82
N LEU D 139 8.95 69.09 -11.83
CA LEU D 139 9.44 69.92 -10.74
C LEU D 139 8.81 69.59 -9.37
N ASP D 140 7.57 69.09 -9.39
CA ASP D 140 6.91 68.64 -8.16
C ASP D 140 7.42 67.26 -7.67
N GLY D 141 8.39 66.68 -8.39
CA GLY D 141 9.02 65.45 -7.96
C GLY D 141 8.39 64.16 -8.46
N SER D 142 7.26 64.28 -9.18
CA SER D 142 6.57 63.11 -9.71
C SER D 142 7.34 62.50 -10.88
N LEU D 143 7.33 61.18 -10.95
CA LEU D 143 7.99 60.44 -12.02
C LEU D 143 7.28 60.66 -13.35
N PHE D 144 8.04 60.72 -14.45
CA PHE D 144 7.43 61.01 -15.77
C PHE D 144 6.43 59.95 -16.22
N ALA D 145 6.72 58.69 -15.92
CA ALA D 145 5.83 57.58 -16.20
C ALA D 145 4.43 57.88 -15.68
N GLU D 159 6.26 48.81 -9.99
CA GLU D 159 5.80 50.20 -10.01
C GLU D 159 6.00 50.78 -11.44
N GLN D 160 5.83 52.09 -11.60
CA GLN D 160 6.23 52.79 -12.83
C GLN D 160 7.75 53.00 -12.90
N ARG D 161 8.42 52.82 -11.77
CA ARG D 161 9.90 52.94 -11.68
C ARG D 161 10.64 51.77 -12.37
N ALA D 162 10.00 50.61 -12.44
CA ALA D 162 10.56 49.42 -13.12
C ALA D 162 10.44 49.51 -14.66
N GLN D 163 9.38 50.17 -15.12
CA GLN D 163 9.10 50.33 -16.55
C GLN D 163 10.14 51.24 -17.24
N PHE D 164 10.61 52.25 -16.50
CA PHE D 164 11.73 53.11 -16.91
C PHE D 164 12.80 53.17 -15.79
N PRO D 165 13.59 52.08 -15.63
CA PRO D 165 14.51 51.92 -14.52
C PRO D 165 15.81 52.77 -14.65
N TYR D 166 15.63 54.10 -14.71
CA TYR D 166 16.76 55.01 -14.88
C TYR D 166 17.74 54.93 -13.70
N ALA D 167 19.01 55.22 -13.99
CA ALA D 167 20.07 55.15 -12.99
C ALA D 167 20.69 56.52 -12.82
N TYR D 168 21.93 56.55 -12.36
CA TYR D 168 22.55 57.78 -11.92
C TYR D 168 24.01 57.92 -12.35
N HIS D 169 24.45 59.17 -12.37
CA HIS D 169 25.84 59.55 -12.40
C HIS D 169 26.12 60.17 -11.05
N PHE D 170 27.31 59.94 -10.51
CA PHE D 170 27.74 60.65 -9.30
C PHE D 170 29.25 60.78 -9.18
N ASP D 171 29.69 61.74 -8.37
CA ASP D 171 31.10 61.95 -8.09
C ASP D 171 31.61 60.82 -7.22
N ALA D 172 32.68 60.16 -7.69
CA ALA D 172 33.25 58.99 -7.00
C ALA D 172 33.81 59.31 -5.60
N ASP D 173 34.45 60.47 -5.46
CA ASP D 173 34.93 60.92 -4.16
C ASP D 173 33.76 61.08 -3.19
N GLU D 174 32.72 61.76 -3.66
CA GLU D 174 31.62 62.18 -2.80
C GLU D 174 30.80 60.99 -2.31
N VAL D 175 30.56 60.02 -3.19
CA VAL D 175 29.77 58.86 -2.79
C VAL D 175 30.45 58.05 -1.68
N ALA D 176 31.75 57.81 -1.80
CA ALA D 176 32.55 57.18 -0.73
C ALA D 176 32.47 57.99 0.57
N ARG D 177 32.62 59.31 0.44
CA ARG D 177 32.59 60.22 1.59
C ARG D 177 31.20 60.14 2.26
N TYR D 178 30.16 60.20 1.44
CA TYR D 178 28.78 60.14 1.90
C TYR D 178 28.41 58.82 2.58
N LEU D 179 28.76 57.70 1.94
CA LEU D 179 28.49 56.38 2.51
C LEU D 179 29.28 56.06 3.78
N SER D 180 30.54 56.51 3.86
CA SER D 180 31.32 56.33 5.09
C SER D 180 30.66 57.02 6.28
N GLU D 181 30.07 58.19 6.02
CA GLU D 181 29.34 58.91 7.06
C GLU D 181 28.09 58.14 7.48
N TYR D 182 27.37 57.61 6.50
CA TYR D 182 26.18 56.78 6.74
C TYR D 182 26.52 55.60 7.64
N ALA D 183 27.50 54.81 7.21
CA ALA D 183 27.98 53.64 7.95
C ALA D 183 28.52 53.97 9.36
N ILE D 184 29.35 55.01 9.46
CA ILE D 184 29.93 55.40 10.74
C ILE D 184 28.84 55.89 11.69
N ALA D 185 27.88 56.66 11.18
CA ALA D 185 26.74 57.09 11.98
C ALA D 185 25.98 55.88 12.55
N ARG D 186 26.08 54.75 11.86
CA ARG D 186 25.37 53.53 12.26
C ARG D 186 26.20 52.52 13.05
N GLY D 187 27.40 52.92 13.47
CA GLY D 187 28.20 52.11 14.38
C GLY D 187 29.32 51.31 13.75
N VAL D 188 29.59 51.51 12.46
CA VAL D 188 30.80 50.93 11.86
C VAL D 188 32.08 51.55 12.48
N ARG D 189 32.95 50.69 13.00
CA ARG D 189 34.25 51.11 13.53
C ARG D 189 35.16 51.38 12.32
N HIS D 190 35.76 52.57 12.31
CA HIS D 190 36.60 53.03 11.22
C HIS D 190 38.03 53.10 11.68
N VAL D 191 38.91 52.40 10.97
CA VAL D 191 40.34 52.47 11.24
C VAL D 191 41.09 52.92 9.99
N VAL D 192 41.85 54.00 10.10
CA VAL D 192 42.71 54.46 9.00
C VAL D 192 44.13 53.99 9.24
N ASP D 193 44.52 52.94 8.54
CA ASP D 193 45.84 52.34 8.71
C ASP D 193 46.15 51.43 7.53
N ASP D 194 47.41 51.03 7.40
CA ASP D 194 47.81 50.06 6.40
C ASP D 194 47.84 48.68 7.03
N VAL D 195 47.23 47.73 6.35
CA VAL D 195 47.39 46.32 6.67
C VAL D 195 48.73 45.88 6.08
N GLN D 196 49.61 45.40 6.95
CA GLN D 196 50.94 44.98 6.57
C GLN D 196 51.07 43.48 6.41
N HIS D 197 50.28 42.75 7.19
CA HIS D 197 50.29 41.28 7.18
C HIS D 197 48.87 40.76 7.43
N VAL D 198 48.50 39.68 6.73
CA VAL D 198 47.25 38.99 6.98
C VAL D 198 47.57 37.67 7.67
N GLY D 199 47.13 37.54 8.93
CA GLY D 199 47.29 36.29 9.68
C GLY D 199 46.34 35.20 9.19
N GLN D 200 46.81 33.96 9.28
CA GLN D 200 46.01 32.77 8.91
C GLN D 200 46.12 31.75 10.04
N ASP D 201 45.05 31.01 10.30
CA ASP D 201 45.09 29.95 11.33
C ASP D 201 45.55 28.66 10.70
N GLU D 202 45.57 27.57 11.47
CA GLU D 202 46.15 26.32 10.98
C GLU D 202 45.35 25.65 9.86
N ARG D 203 44.20 26.23 9.53
CA ARG D 203 43.38 25.74 8.43
C ARG D 203 43.43 26.63 7.19
N GLY D 204 44.19 27.71 7.27
CA GLY D 204 44.35 28.64 6.17
C GLY D 204 43.25 29.68 6.14
N TRP D 205 42.41 29.68 7.17
CA TRP D 205 41.39 30.69 7.32
C TRP D 205 42.04 31.95 7.84
N ILE D 206 41.51 33.10 7.48
CA ILE D 206 42.06 34.36 7.97
C ILE D 206 41.71 34.54 9.43
N SER D 207 42.71 34.83 10.26
CA SER D 207 42.53 35.05 11.71
C SER D 207 42.53 36.52 12.09
N GLY D 208 43.22 37.34 11.30
CA GLY D 208 43.29 38.77 11.58
C GLY D 208 44.08 39.51 10.52
N VAL D 209 43.91 40.82 10.48
CA VAL D 209 44.76 41.68 9.67
C VAL D 209 45.63 42.49 10.63
N HIS D 210 46.93 42.52 10.36
CA HIS D 210 47.91 43.25 11.19
C HIS D 210 48.23 44.60 10.58
N THR D 211 47.94 45.65 11.35
CA THR D 211 48.11 47.01 10.88
C THR D 211 49.39 47.64 11.43
N LYS D 212 49.84 48.68 10.75
CA LYS D 212 51.08 49.37 11.09
C LYS D 212 51.02 49.99 12.49
N GLN D 213 49.85 50.52 12.89
CA GLN D 213 49.76 51.27 14.17
C GLN D 213 48.62 50.86 15.13
N HIS D 214 47.72 49.98 14.68
CA HIS D 214 46.54 49.59 15.48
C HIS D 214 46.54 48.10 15.89
N GLY D 215 47.69 47.43 15.76
CA GLY D 215 47.81 46.00 16.03
C GLY D 215 46.96 45.11 15.15
N GLU D 216 46.56 43.97 15.72
CA GLU D 216 45.77 43.00 15.00
C GLU D 216 44.26 43.27 15.09
N ILE D 217 43.59 43.29 13.94
CA ILE D 217 42.15 43.41 13.92
C ILE D 217 41.52 42.11 13.40
N SER D 218 40.79 41.45 14.28
CA SER D 218 40.22 40.14 14.00
C SER D 218 38.71 40.22 13.85
N GLY D 219 38.15 39.17 13.27
CA GLY D 219 36.71 39.01 13.21
C GLY D 219 36.38 37.66 12.60
N ASP D 220 35.10 37.38 12.43
CA ASP D 220 34.66 36.09 11.93
C ASP D 220 34.72 36.00 10.41
N LEU D 221 34.24 37.07 9.76
CA LEU D 221 34.21 37.17 8.31
C LEU D 221 35.04 38.37 7.85
N PHE D 222 35.86 38.15 6.84
CA PHE D 222 36.65 39.21 6.21
C PHE D 222 36.15 39.53 4.82
N VAL D 223 35.96 40.82 4.54
CA VAL D 223 35.57 41.25 3.22
C VAL D 223 36.75 41.98 2.54
N ASP D 224 37.24 41.40 1.45
CA ASP D 224 38.33 41.99 0.67
C ASP D 224 37.83 43.07 -0.30
N CYS D 225 38.05 44.33 0.06
CA CYS D 225 37.68 45.45 -0.79
C CYS D 225 38.92 46.27 -1.16
N THR D 226 40.03 45.57 -1.41
CA THR D 226 41.33 46.21 -1.64
C THR D 226 41.58 46.59 -3.11
N GLY D 227 40.58 46.40 -3.98
CA GLY D 227 40.76 46.75 -5.39
C GLY D 227 41.56 45.71 -6.15
N PHE D 228 42.14 46.10 -7.28
CA PHE D 228 42.81 45.16 -8.17
C PHE D 228 43.85 44.28 -7.44
N ARG D 229 44.47 44.90 -6.46
CA ARG D 229 45.41 44.29 -5.54
C ARG D 229 45.02 42.89 -5.04
N GLY D 230 43.75 42.74 -4.62
CA GLY D 230 43.25 41.47 -4.08
C GLY D 230 44.10 40.93 -2.95
N LEU D 231 44.28 41.76 -1.93
CA LEU D 231 45.24 41.49 -0.88
C LEU D 231 44.92 40.23 -0.06
N LEU D 232 43.64 40.02 0.25
CA LEU D 232 43.27 38.83 0.98
C LEU D 232 43.01 37.67 0.01
N ILE D 233 42.09 37.88 -0.93
CA ILE D 233 41.58 36.81 -1.80
C ILE D 233 42.66 36.22 -2.74
N ASN D 234 43.54 37.08 -3.27
CA ASN D 234 44.61 36.64 -4.17
C ASN D 234 46.00 36.54 -3.52
N GLN D 235 46.40 37.58 -2.81
CA GLN D 235 47.77 37.56 -2.28
C GLN D 235 47.94 36.70 -1.07
N THR D 236 46.88 36.52 -0.28
CA THR D 236 46.93 35.68 0.92
C THR D 236 46.37 34.28 0.67
N LEU D 237 45.18 34.20 0.08
CA LEU D 237 44.47 32.92 -0.03
C LEU D 237 44.82 32.12 -1.28
N GLY D 238 45.51 32.74 -2.22
CA GLY D 238 45.93 32.03 -3.40
C GLY D 238 44.79 31.81 -4.36
N GLY D 239 43.77 32.65 -4.27
CA GLY D 239 42.66 32.58 -5.23
C GLY D 239 43.18 32.77 -6.63
N ARG D 240 42.66 32.00 -7.59
CA ARG D 240 43.06 32.13 -8.97
C ARG D 240 42.21 33.12 -9.72
N PHE D 241 42.89 34.02 -10.42
CA PHE D 241 42.22 35.01 -11.26
C PHE D 241 42.19 34.56 -12.70
N GLN D 242 41.02 34.63 -13.30
CA GLN D 242 40.83 34.25 -14.67
C GLN D 242 40.73 35.51 -15.48
N SER D 243 41.72 35.70 -16.36
CA SER D 243 41.78 36.84 -17.25
C SER D 243 40.81 36.74 -18.42
N PHE D 244 40.25 37.89 -18.86
CA PHE D 244 39.42 37.94 -20.07
C PHE D 244 40.14 38.61 -21.26
N SER D 245 41.45 38.79 -21.15
CA SER D 245 42.21 39.53 -22.18
C SER D 245 42.16 38.90 -23.56
N ASP D 246 41.99 37.58 -23.62
CA ASP D 246 41.89 36.88 -24.90
C ASP D 246 40.66 37.33 -25.72
N VAL D 247 39.57 37.73 -25.07
CA VAL D 247 38.37 38.14 -25.81
C VAL D 247 38.06 39.63 -25.65
N LEU D 248 38.57 40.25 -24.58
CA LEU D 248 38.37 41.68 -24.31
C LEU D 248 39.71 42.34 -23.91
N PRO D 249 40.52 42.71 -24.91
CA PRO D 249 41.91 43.10 -24.68
C PRO D 249 42.14 44.45 -24.00
N ASN D 250 41.12 45.31 -23.92
CA ASN D 250 41.29 46.60 -23.27
C ASN D 250 41.88 46.45 -21.87
N ASN D 251 43.06 47.04 -21.65
CA ASN D 251 43.74 46.77 -20.39
C ASN D 251 44.14 48.01 -19.61
N ARG D 252 43.87 49.18 -20.19
CA ARG D 252 44.24 50.43 -19.53
C ARG D 252 43.20 51.50 -19.76
N ALA D 253 43.30 52.55 -18.95
CA ALA D 253 42.43 53.70 -19.08
C ALA D 253 43.20 54.96 -18.74
N VAL D 254 42.78 56.07 -19.31
CA VAL D 254 43.27 57.36 -18.87
C VAL D 254 42.07 58.25 -18.64
N ALA D 255 42.01 58.84 -17.44
CA ALA D 255 40.86 59.61 -16.99
C ALA D 255 41.17 61.08 -16.71
N LEU D 256 40.14 61.90 -16.87
CA LEU D 256 40.19 63.32 -16.62
C LEU D 256 38.91 63.78 -15.91
N ARG D 257 39.01 64.92 -15.24
CA ARG D 257 37.86 65.58 -14.63
C ARG D 257 37.73 66.93 -15.29
N VAL D 258 36.80 67.01 -16.24
CA VAL D 258 36.69 68.17 -17.14
C VAL D 258 35.48 69.01 -16.81
N PRO D 259 35.70 70.29 -16.44
CA PRO D 259 34.58 71.19 -16.19
C PRO D 259 33.81 71.48 -17.48
N ARG D 260 32.49 71.57 -17.36
CA ARG D 260 31.65 71.92 -18.49
C ARG D 260 31.72 73.43 -18.63
N GLU D 261 31.88 73.93 -19.86
CA GLU D 261 31.86 75.38 -20.09
C GLU D 261 30.53 75.97 -19.62
N ASN D 262 29.44 75.27 -19.93
CA ASN D 262 28.10 75.62 -19.48
C ASN D 262 27.52 74.50 -18.61
N ASP D 263 27.42 74.75 -17.29
CA ASP D 263 26.89 73.75 -16.36
C ASP D 263 25.45 73.38 -16.68
N GLU D 264 24.67 74.38 -17.10
CA GLU D 264 23.26 74.17 -17.50
C GLU D 264 23.08 73.18 -18.66
N ASP D 265 24.11 73.01 -19.48
CA ASP D 265 24.06 72.10 -20.63
C ASP D 265 24.42 70.66 -20.22
N MET D 266 23.46 69.98 -19.58
CA MET D 266 23.75 68.75 -18.89
C MET D 266 22.92 67.60 -19.49
N ARG D 267 23.62 66.58 -19.97
CA ARG D 267 22.97 65.43 -20.59
C ARG D 267 22.60 64.38 -19.54
N PRO D 268 21.35 63.87 -19.62
CA PRO D 268 20.89 62.81 -18.73
C PRO D 268 21.25 61.42 -19.24
N TYR D 269 22.50 61.27 -19.68
CA TYR D 269 23.01 59.98 -20.16
C TYR D 269 24.53 59.99 -20.23
N THR D 270 25.10 58.80 -20.16
CA THR D 270 26.50 58.56 -20.42
C THR D 270 26.69 58.48 -21.93
N THR D 271 27.84 58.93 -22.42
CA THR D 271 28.19 58.75 -23.82
C THR D 271 29.37 57.77 -23.91
N ALA D 272 29.24 56.78 -24.78
CA ALA D 272 30.34 55.89 -25.11
C ALA D 272 30.69 56.12 -26.57
N THR D 273 31.82 56.76 -26.80
CA THR D 273 32.23 57.14 -28.14
C THR D 273 33.37 56.22 -28.56
N ALA D 274 33.20 55.52 -29.66
CA ALA D 274 34.29 54.70 -30.19
C ALA D 274 35.44 55.58 -30.70
N MET D 275 36.66 55.24 -30.27
CA MET D 275 37.87 56.00 -30.64
C MET D 275 38.75 55.10 -31.53
N SER D 276 39.98 55.50 -31.77
CA SER D 276 40.82 54.79 -32.73
C SER D 276 41.31 53.44 -32.21
N ALA D 277 41.48 53.31 -30.89
CA ALA D 277 42.04 52.11 -30.28
C ALA D 277 41.32 51.75 -28.99
N GLY D 278 40.04 52.09 -28.95
CA GLY D 278 39.19 51.77 -27.81
C GLY D 278 37.98 52.68 -27.86
N TRP D 279 37.56 53.15 -26.68
CA TRP D 279 36.38 54.01 -26.60
C TRP D 279 36.51 54.94 -25.39
N MET D 280 35.71 56.00 -25.41
CA MET D 280 35.80 57.07 -24.43
C MET D 280 34.46 57.27 -23.74
N TRP D 281 34.47 57.43 -22.43
CA TRP D 281 33.25 57.73 -21.70
C TRP D 281 33.10 59.22 -21.44
N THR D 282 31.86 59.71 -21.44
CA THR D 282 31.53 61.05 -20.96
C THR D 282 30.41 60.89 -19.96
N ILE D 283 30.65 61.33 -18.74
CA ILE D 283 29.69 61.19 -17.66
C ILE D 283 29.42 62.58 -17.08
N PRO D 284 28.26 63.16 -17.42
CA PRO D 284 27.95 64.50 -16.90
C PRO D 284 27.53 64.49 -15.43
N LEU D 285 28.31 65.16 -14.58
CA LEU D 285 27.97 65.34 -13.17
C LEU D 285 27.40 66.74 -12.97
N PHE D 286 27.00 67.05 -11.74
CA PHE D 286 26.37 68.35 -11.49
C PHE D 286 27.31 69.53 -11.77
N LYS D 287 28.57 69.40 -11.33
CA LYS D 287 29.55 70.49 -11.45
C LYS D 287 30.50 70.35 -12.64
N ARG D 288 30.67 69.13 -13.13
CA ARG D 288 31.72 68.81 -14.11
C ARG D 288 31.35 67.56 -14.90
N ASP D 289 32.16 67.26 -15.91
CA ASP D 289 32.08 65.99 -16.61
C ASP D 289 33.16 65.05 -16.08
N GLY D 290 32.92 63.75 -16.19
CA GLY D 290 33.98 62.76 -16.02
C GLY D 290 34.27 62.23 -17.42
N ASN D 291 35.56 62.11 -17.74
CA ASN D 291 35.98 61.63 -19.06
C ASN D 291 37.11 60.64 -18.95
N GLY D 292 37.10 59.65 -19.84
CA GLY D 292 38.13 58.63 -19.88
C GLY D 292 38.21 57.92 -21.20
N TYR D 293 39.41 57.45 -21.55
CA TYR D 293 39.64 56.65 -22.74
C TYR D 293 40.06 55.27 -22.29
N VAL D 294 39.23 54.28 -22.60
CA VAL D 294 39.54 52.89 -22.35
C VAL D 294 40.17 52.33 -23.61
N TYR D 295 41.34 51.72 -23.47
CA TYR D 295 42.11 51.27 -24.63
C TYR D 295 42.91 50.00 -24.37
N SER D 296 43.44 49.43 -25.44
CA SER D 296 44.42 48.35 -25.36
C SER D 296 45.81 48.89 -25.69
N ASP D 297 46.78 48.64 -24.82
CA ASP D 297 48.15 49.13 -25.03
C ASP D 297 48.90 48.35 -26.10
N GLU D 298 48.26 47.30 -26.63
CA GLU D 298 48.80 46.61 -27.78
C GLU D 298 48.60 47.45 -29.04
N PHE D 299 47.65 48.39 -29.02
CA PHE D 299 47.38 49.21 -30.22
C PHE D 299 47.75 50.69 -30.14
N ILE D 300 47.85 51.19 -28.91
CA ILE D 300 48.17 52.61 -28.67
C ILE D 300 48.90 52.70 -27.33
N SER D 301 49.86 53.60 -27.24
CA SER D 301 50.65 53.81 -26.02
C SER D 301 49.86 54.67 -25.04
N PRO D 302 50.20 54.58 -23.73
CA PRO D 302 49.55 55.46 -22.74
C PRO D 302 49.57 56.96 -23.07
N GLU D 303 50.65 57.50 -23.62
CA GLU D 303 50.62 58.94 -23.96
C GLU D 303 49.87 59.26 -25.25
N GLU D 304 49.98 58.39 -26.26
CA GLU D 304 49.16 58.55 -27.46
C GLU D 304 47.69 58.62 -27.08
N ALA D 305 47.26 57.73 -26.17
CA ALA D 305 45.87 57.70 -25.69
C ALA D 305 45.52 58.98 -24.92
N GLU D 306 46.42 59.42 -24.05
CA GLU D 306 46.24 60.69 -23.33
C GLU D 306 46.14 61.85 -24.31
N ARG D 307 46.99 61.86 -25.33
CA ARG D 307 46.94 62.91 -26.36
C ARG D 307 45.62 62.87 -27.12
N GLU D 308 45.15 61.68 -27.47
CA GLU D 308 43.89 61.53 -28.21
C GLU D 308 42.68 61.95 -27.36
N LEU D 309 42.71 61.63 -26.07
CA LEU D 309 41.66 62.03 -25.14
C LEU D 309 41.61 63.55 -25.00
N ARG D 310 42.74 64.15 -24.63
CA ARG D 310 42.84 65.60 -24.40
C ARG D 310 42.38 66.39 -25.63
N SER D 311 42.77 65.90 -26.80
CA SER D 311 42.47 66.56 -28.07
C SER D 311 40.98 66.63 -28.34
N THR D 312 40.27 65.63 -27.83
CA THR D 312 38.86 65.47 -28.11
C THR D 312 38.00 66.24 -27.12
N VAL D 313 38.34 66.19 -25.84
CA VAL D 313 37.44 66.73 -24.82
C VAL D 313 37.99 67.94 -24.04
N ALA D 314 39.29 68.16 -24.08
CA ALA D 314 39.90 69.24 -23.31
C ALA D 314 41.10 69.91 -23.99
N PRO D 315 40.93 70.38 -25.24
CA PRO D 315 42.04 71.04 -25.93
C PRO D 315 42.68 72.15 -25.10
N GLY D 316 44.02 72.14 -25.03
CA GLY D 316 44.78 73.23 -24.40
C GLY D 316 44.72 73.31 -22.88
N ARG D 317 44.00 72.39 -22.26
CA ARG D 317 43.76 72.44 -20.81
C ARG D 317 44.73 71.54 -20.03
N ASP D 318 46.02 71.89 -20.11
CA ASP D 318 47.10 71.07 -19.54
C ASP D 318 47.22 71.14 -18.02
N ASP D 319 46.53 72.11 -17.43
CA ASP D 319 46.35 72.21 -15.98
C ASP D 319 45.58 71.01 -15.38
N LEU D 320 44.86 70.28 -16.23
CA LEU D 320 44.07 69.14 -15.79
C LEU D 320 44.92 67.89 -15.73
N GLU D 321 45.08 67.36 -14.51
CA GLU D 321 45.90 66.18 -14.27
C GLU D 321 45.20 64.90 -14.75
N ALA D 322 45.93 64.09 -15.51
CA ALA D 322 45.42 62.84 -16.05
C ALA D 322 45.67 61.71 -15.05
N ASN D 323 44.69 60.81 -14.92
CA ASN D 323 44.87 59.64 -14.07
C ASN D 323 45.02 58.42 -14.96
N HIS D 324 46.21 57.82 -15.00
CA HIS D 324 46.45 56.63 -15.79
C HIS D 324 46.21 55.41 -14.93
N ILE D 325 45.40 54.46 -15.44
CA ILE D 325 45.03 53.28 -14.68
C ILE D 325 45.36 52.01 -15.45
N GLN D 326 45.97 51.05 -14.78
CA GLN D 326 46.10 49.69 -15.32
C GLN D 326 44.94 48.85 -14.78
N MET D 327 44.16 48.26 -15.68
CA MET D 327 42.96 47.52 -15.30
C MET D 327 43.25 46.02 -15.23
N ARG D 328 42.65 45.34 -14.25
CA ARG D 328 42.74 43.88 -14.16
C ARG D 328 41.40 43.33 -14.59
N ILE D 329 41.35 42.81 -15.81
CA ILE D 329 40.10 42.40 -16.46
C ILE D 329 39.88 40.89 -16.39
N GLY D 330 38.79 40.51 -15.75
CA GLY D 330 38.46 39.11 -15.57
C GLY D 330 37.74 38.92 -14.25
N ARG D 331 37.85 37.73 -13.70
CA ARG D 331 37.28 37.46 -12.41
C ARG D 331 38.08 36.41 -11.69
N ASN D 332 38.04 36.47 -10.36
CA ASN D 332 38.42 35.35 -9.52
C ASN D 332 37.54 34.13 -9.82
N GLU D 333 38.15 32.94 -9.81
CA GLU D 333 37.40 31.67 -9.92
C GLU D 333 36.33 31.61 -8.84
N ARG D 334 36.76 31.93 -7.63
CA ARG D 334 35.87 31.98 -6.46
C ARG D 334 36.07 33.31 -5.74
N THR D 335 34.98 34.03 -5.49
CA THR D 335 35.12 35.31 -4.79
C THR D 335 34.99 35.10 -3.30
N TRP D 336 34.45 33.96 -2.91
CA TRP D 336 34.35 33.58 -1.51
C TRP D 336 35.17 32.31 -1.28
N ILE D 337 36.26 32.48 -0.53
CA ILE D 337 37.17 31.39 -0.14
C ILE D 337 37.35 31.42 1.39
N ASN D 338 37.16 30.26 2.03
CA ASN D 338 37.21 30.16 3.49
C ASN D 338 36.32 31.21 4.12
N ASN D 339 36.85 32.03 5.04
CA ASN D 339 36.10 33.11 5.64
C ASN D 339 36.34 34.49 5.02
N CYS D 340 36.64 34.51 3.72
CA CYS D 340 36.89 35.76 3.06
C CYS D 340 36.07 35.92 1.77
N VAL D 341 35.38 37.06 1.64
CA VAL D 341 34.62 37.36 0.43
C VAL D 341 35.16 38.62 -0.21
N ALA D 342 35.53 38.51 -1.48
CA ALA D 342 35.96 39.66 -2.28
C ALA D 342 34.75 40.40 -2.85
N VAL D 343 34.75 41.72 -2.73
CA VAL D 343 33.70 42.57 -3.27
C VAL D 343 34.37 43.74 -3.98
N GLY D 344 33.93 44.04 -5.19
CA GLY D 344 34.50 45.13 -5.98
C GLY D 344 35.59 44.65 -6.93
N LEU D 345 36.54 45.53 -7.20
CA LEU D 345 37.59 45.27 -8.15
C LEU D 345 38.49 44.10 -7.74
N SER D 346 38.48 43.78 -6.45
CA SER D 346 39.23 42.60 -5.96
C SER D 346 38.59 41.29 -6.41
N ALA D 347 37.28 41.31 -6.62
CA ALA D 347 36.55 40.12 -7.06
C ALA D 347 36.66 39.86 -8.56
N ALA D 348 36.53 40.93 -9.35
CA ALA D 348 36.30 40.87 -10.81
C ALA D 348 36.23 42.27 -11.39
N PHE D 349 36.42 42.40 -12.70
CA PHE D 349 36.23 43.67 -13.39
C PHE D 349 36.19 43.46 -14.89
N VAL D 350 35.26 44.15 -15.53
CA VAL D 350 35.26 44.28 -16.98
C VAL D 350 35.29 45.79 -17.31
N GLU D 351 35.78 46.15 -18.50
CA GLU D 351 35.82 47.56 -18.90
C GLU D 351 34.45 48.19 -18.76
N PRO D 352 34.39 49.47 -18.40
CA PRO D 352 33.10 50.07 -17.99
C PRO D 352 32.12 50.39 -19.12
N LEU D 353 32.12 49.58 -20.17
CA LEU D 353 31.34 49.91 -21.37
C LEU D 353 29.85 49.91 -21.12
N GLU D 354 29.40 49.10 -20.16
CA GLU D 354 27.99 49.08 -19.73
C GLU D 354 27.74 49.39 -18.25
N SER D 355 28.68 50.11 -17.61
CA SER D 355 28.57 50.56 -16.22
C SER D 355 28.15 49.49 -15.23
N THR D 356 29.00 48.47 -15.07
CA THR D 356 28.63 47.29 -14.29
C THR D 356 29.41 47.12 -12.99
N GLY D 357 30.46 47.90 -12.80
CA GLY D 357 31.31 47.77 -11.61
C GLY D 357 30.56 47.93 -10.31
N ILE D 358 29.74 48.96 -10.24
CA ILE D 358 28.97 49.24 -9.04
C ILE D 358 27.79 48.28 -8.86
N PHE D 359 27.22 47.83 -9.97
CA PHE D 359 26.24 46.74 -9.98
C PHE D 359 26.83 45.45 -9.39
N PHE D 360 28.04 45.08 -9.83
CA PHE D 360 28.73 43.89 -9.30
C PHE D 360 28.90 43.97 -7.79
N ILE D 361 29.18 45.16 -7.29
CA ILE D 361 29.32 45.39 -5.86
C ILE D 361 27.97 45.17 -5.17
N GLN D 362 26.95 45.88 -5.63
CA GLN D 362 25.63 45.78 -5.04
C GLN D 362 25.15 44.34 -5.01
N HIS D 363 25.27 43.65 -6.14
CA HIS D 363 24.77 42.29 -6.22
C HIS D 363 25.56 41.34 -5.33
N ALA D 364 26.89 41.50 -5.34
CA ALA D 364 27.76 40.77 -4.43
C ALA D 364 27.32 40.92 -2.98
N ILE D 365 26.94 42.14 -2.59
CA ILE D 365 26.59 42.44 -1.19
C ILE D 365 25.20 41.94 -0.83
N GLU D 366 24.25 42.16 -1.74
CA GLU D 366 22.90 41.61 -1.59
C GLU D 366 22.96 40.09 -1.44
N GLN D 367 23.79 39.44 -2.24
CA GLN D 367 23.82 37.99 -2.20
C GLN D 367 24.62 37.48 -1.01
N LEU D 368 25.50 38.33 -0.49
CA LEU D 368 26.25 38.00 0.71
C LEU D 368 25.32 37.97 1.92
N VAL D 369 24.39 38.93 1.99
CA VAL D 369 23.40 38.94 3.04
C VAL D 369 22.54 37.68 2.94
N LYS D 370 22.12 37.30 1.73
CA LYS D 370 21.30 36.09 1.53
C LYS D 370 22.06 34.82 1.84
N HIS D 371 23.36 34.83 1.55
CA HIS D 371 24.20 33.67 1.77
C HIS D 371 25.04 33.82 3.03
N PHE D 372 24.63 34.72 3.92
CA PHE D 372 25.35 34.98 5.13
C PHE D 372 25.55 33.69 5.93
N PRO D 373 26.78 33.47 6.40
CA PRO D 373 27.13 32.25 7.11
C PRO D 373 26.58 32.23 8.53
N GLY D 374 26.24 31.03 9.01
CA GLY D 374 25.96 30.79 10.42
C GLY D 374 27.26 30.37 11.09
N GLU D 375 27.21 30.06 12.39
CA GLU D 375 28.44 29.62 13.06
C GLU D 375 28.97 28.32 12.43
N ARG D 376 28.05 27.51 11.92
CA ARG D 376 28.39 26.36 11.08
C ARG D 376 28.46 26.81 9.63
N TRP D 377 29.69 26.94 9.17
CA TRP D 377 29.98 27.28 7.79
C TRP D 377 29.52 26.17 6.83
N ASP D 378 28.90 26.56 5.73
CA ASP D 378 28.19 25.65 4.83
C ASP D 378 28.79 25.78 3.44
N PRO D 379 29.63 24.81 3.08
CA PRO D 379 30.32 24.86 1.82
C PRO D 379 29.35 24.87 0.63
N VAL D 380 28.20 24.23 0.78
CA VAL D 380 27.23 24.20 -0.30
C VAL D 380 26.63 25.59 -0.51
N LEU D 381 26.29 26.30 0.57
CA LEU D 381 25.77 27.66 0.46
C LEU D 381 26.83 28.58 -0.17
N ILE D 382 28.07 28.47 0.30
CA ILE D 382 29.19 29.24 -0.25
C ILE D 382 29.38 28.97 -1.74
N SER D 383 29.33 27.69 -2.10
CA SER D 383 29.45 27.28 -3.51
C SER D 383 28.33 27.88 -4.41
N ALA D 384 27.13 28.00 -3.85
CA ALA D 384 26.03 28.60 -4.57
C ALA D 384 26.26 30.08 -4.76
N TYR D 385 26.84 30.74 -3.74
CA TYR D 385 27.22 32.15 -3.83
C TYR D 385 28.24 32.34 -4.96
N ASN D 386 29.28 31.54 -4.95
CA ASN D 386 30.32 31.59 -5.99
C ASN D 386 29.78 31.38 -7.41
N GLU D 387 28.81 30.50 -7.56
CA GLU D 387 28.20 30.27 -8.89
C GLU D 387 27.49 31.51 -9.42
N ARG D 388 26.68 32.13 -8.57
CA ARG D 388 26.02 33.39 -8.90
C ARG D 388 27.02 34.48 -9.31
N MET D 389 28.13 34.63 -8.58
CA MET D 389 29.10 35.71 -8.88
C MET D 389 29.81 35.45 -10.19
N ALA D 390 30.18 34.19 -10.43
CA ALA D 390 30.72 33.75 -11.69
C ALA D 390 29.77 34.03 -12.88
N HIS D 391 28.49 33.65 -12.74
CA HIS D 391 27.49 33.87 -13.82
C HIS D 391 27.26 35.35 -14.09
N MET D 392 27.25 36.13 -13.01
CA MET D 392 27.03 37.56 -13.09
C MET D 392 28.08 38.19 -14.02
N VAL D 393 29.33 37.82 -13.82
CA VAL D 393 30.38 38.43 -14.59
C VAL D 393 30.49 37.82 -15.97
N ASP D 394 30.38 36.49 -16.06
CA ASP D 394 30.43 35.83 -17.35
C ASP D 394 29.35 36.29 -18.31
N GLY D 395 28.16 36.58 -17.78
CA GLY D 395 27.04 37.09 -18.60
C GLY D 395 27.36 38.44 -19.23
N VAL D 396 27.96 39.31 -18.44
CA VAL D 396 28.32 40.66 -18.89
C VAL D 396 29.48 40.59 -19.88
N LYS D 397 30.45 39.74 -19.58
CA LYS D 397 31.59 39.52 -20.47
C LYS D 397 31.06 39.20 -21.88
N GLU D 398 30.12 38.27 -21.94
CA GLU D 398 29.59 37.84 -23.22
C GLU D 398 28.84 38.97 -23.93
N PHE D 399 28.07 39.72 -23.17
CA PHE D 399 27.35 40.87 -23.65
C PHE D 399 28.28 41.96 -24.20
N LEU D 400 29.45 42.13 -23.57
CA LEU D 400 30.41 43.13 -24.02
C LEU D 400 31.13 42.74 -25.30
N VAL D 401 31.48 41.46 -25.44
CA VAL D 401 32.10 40.99 -26.68
C VAL D 401 31.15 41.23 -27.85
N LEU D 402 29.84 41.09 -27.60
CA LEU D 402 28.80 41.40 -28.58
C LEU D 402 28.85 42.84 -29.05
N HIS D 403 29.25 43.77 -28.18
CA HIS D 403 29.45 45.15 -28.61
C HIS D 403 30.53 45.27 -29.69
N TYR D 404 31.67 44.62 -29.44
CA TYR D 404 32.79 44.67 -30.39
C TYR D 404 32.50 43.88 -31.67
N LYS D 405 31.66 42.85 -31.56
CA LYS D 405 31.31 42.08 -32.74
C LYS D 405 30.28 42.79 -33.59
N GLY D 406 29.46 43.63 -32.97
CA GLY D 406 28.43 44.38 -33.68
C GLY D 406 28.93 45.68 -34.31
N ALA D 407 30.02 46.21 -33.76
CA ALA D 407 30.63 47.44 -34.25
C ALA D 407 31.04 47.17 -35.67
N GLN D 408 30.52 47.95 -36.60
CA GLN D 408 30.86 47.71 -37.98
C GLN D 408 32.10 48.45 -38.50
N ARG D 409 32.58 49.46 -37.76
CA ARG D 409 33.79 50.23 -38.18
C ARG D 409 35.03 49.34 -38.27
N GLU D 410 35.86 49.62 -39.27
CA GLU D 410 37.02 48.77 -39.56
C GLU D 410 38.20 49.59 -39.99
N ASP D 411 38.37 50.75 -39.38
CA ASP D 411 39.28 51.79 -39.91
C ASP D 411 40.69 51.79 -39.32
N THR D 412 40.90 51.06 -38.22
CA THR D 412 42.24 50.99 -37.62
C THR D 412 42.60 49.53 -37.33
N PRO D 413 43.92 49.22 -37.16
CA PRO D 413 44.32 47.89 -36.72
C PRO D 413 43.46 47.32 -35.58
N TYR D 414 43.12 48.18 -34.62
CA TYR D 414 42.30 47.83 -33.45
C TYR D 414 40.92 47.31 -33.88
N TRP D 415 40.24 48.05 -34.75
CA TRP D 415 38.86 47.67 -35.13
C TRP D 415 38.86 46.47 -36.07
N LYS D 416 39.87 46.39 -36.93
CA LYS D 416 40.11 45.20 -37.73
C LYS D 416 40.28 43.94 -36.89
N ALA D 417 41.06 44.03 -35.80
CA ALA D 417 41.35 42.89 -34.94
C ALA D 417 40.14 42.46 -34.11
N ALA D 418 39.32 43.44 -33.70
CA ALA D 418 38.10 43.17 -32.95
C ALA D 418 37.17 42.28 -33.76
N LYS D 419 37.17 42.48 -35.07
CA LYS D 419 36.27 41.72 -35.97
C LYS D 419 36.58 40.21 -35.97
N THR D 420 37.85 39.84 -35.84
CA THR D 420 38.26 38.43 -35.96
C THR D 420 38.64 37.79 -34.64
N ARG D 421 38.71 38.58 -33.57
CA ARG D 421 39.12 38.06 -32.27
C ARG D 421 38.23 36.91 -31.81
N ALA D 422 38.82 35.97 -31.08
CA ALA D 422 38.07 34.86 -30.50
C ALA D 422 36.92 35.35 -29.59
N MET D 423 35.89 34.52 -29.46
CA MET D 423 34.68 34.85 -28.69
C MET D 423 34.49 33.84 -27.56
N PRO D 424 33.78 34.25 -26.48
CA PRO D 424 33.37 33.26 -25.47
C PRO D 424 32.42 32.22 -26.07
N ASP D 425 32.36 31.05 -25.43
CA ASP D 425 31.43 30.00 -25.82
C ASP D 425 30.02 30.55 -25.73
N GLY D 426 29.23 30.26 -26.76
CA GLY D 426 27.82 30.58 -26.72
C GLY D 426 27.48 31.76 -27.58
N LEU D 427 28.43 32.66 -27.79
CA LEU D 427 28.19 33.88 -28.56
C LEU D 427 28.02 33.63 -30.05
N ALA D 428 28.81 32.69 -30.59
CA ALA D 428 28.67 32.35 -32.01
C ALA D 428 27.22 32.00 -32.28
N ARG D 429 26.63 31.11 -31.47
CA ARG D 429 25.22 30.77 -31.58
C ARG D 429 24.30 32.00 -31.53
N LYS D 430 24.56 32.92 -30.58
CA LYS D 430 23.71 34.12 -30.46
C LYS D 430 23.81 35.00 -31.71
N LEU D 431 24.99 35.06 -32.31
CA LEU D 431 25.17 35.75 -33.57
C LEU D 431 24.50 35.05 -34.75
N GLU D 432 24.59 33.72 -34.85
CA GLU D 432 23.84 33.03 -35.92
C GLU D 432 22.35 33.31 -35.76
N LEU D 433 21.84 33.24 -34.52
CA LEU D 433 20.39 33.47 -34.25
C LEU D 433 19.96 34.85 -34.70
N SER D 434 20.75 35.84 -34.28
CA SER D 434 20.48 37.26 -34.48
C SER D 434 20.44 37.72 -35.93
N ALA D 435 21.15 37.00 -36.80
CA ALA D 435 21.11 37.26 -38.24
C ALA D 435 19.82 36.71 -38.84
N SER D 436 19.14 35.83 -38.09
CA SER D 436 17.87 35.21 -38.52
C SER D 436 16.67 35.93 -37.92
N HIS D 437 16.72 36.16 -36.62
CA HIS D 437 15.61 36.76 -35.88
C HIS D 437 16.12 37.32 -34.54
N LEU D 438 15.27 38.02 -33.79
CA LEU D 438 15.71 38.65 -32.54
C LEU D 438 15.94 37.66 -31.40
N LEU D 439 16.94 37.96 -30.58
CA LEU D 439 17.20 37.18 -29.38
C LEU D 439 16.07 37.43 -28.40
N ASP D 440 15.83 36.47 -27.53
CA ASP D 440 14.77 36.60 -26.53
C ASP D 440 15.18 36.03 -25.16
N GLU D 441 14.23 35.93 -24.24
CA GLU D 441 14.50 35.45 -22.88
C GLU D 441 15.17 34.07 -22.87
N GLN D 442 14.82 33.22 -23.85
CA GLN D 442 15.38 31.88 -23.95
C GLN D 442 16.77 31.80 -24.64
N THR D 443 17.20 32.84 -25.34
CA THR D 443 18.44 32.73 -26.12
C THR D 443 19.54 33.70 -25.72
N ILE D 444 19.24 34.64 -24.83
CA ILE D 444 20.31 35.45 -24.26
C ILE D 444 20.98 34.59 -23.21
N TYR D 445 22.03 35.11 -22.58
CA TYR D 445 22.67 34.42 -21.48
C TYR D 445 21.62 34.09 -20.37
N PRO D 446 21.46 32.81 -20.00
CA PRO D 446 20.31 32.35 -19.20
C PRO D 446 20.39 32.61 -17.69
N TYR D 447 21.57 32.94 -17.14
CA TYR D 447 21.65 33.23 -15.72
C TYR D 447 21.71 34.73 -15.44
N TYR D 448 21.44 35.11 -14.20
CA TYR D 448 21.33 36.52 -13.86
C TYR D 448 22.63 37.26 -14.05
N HIS D 449 22.57 38.35 -14.82
CA HIS D 449 23.76 39.16 -15.13
C HIS D 449 23.37 40.61 -15.26
N GLY D 450 22.30 41.02 -14.58
CA GLY D 450 21.85 42.42 -14.62
C GLY D 450 21.01 42.75 -15.84
N PHE D 451 21.45 42.36 -17.03
CA PHE D 451 20.78 42.77 -18.26
C PHE D 451 19.61 41.89 -18.66
N GLU D 452 18.62 42.50 -19.29
CA GLU D 452 17.44 41.79 -19.77
C GLU D 452 17.49 41.74 -21.29
N THR D 453 16.51 41.05 -21.85
CA THR D 453 16.38 40.89 -23.30
C THR D 453 16.45 42.19 -24.08
N TYR D 454 15.68 43.21 -23.70
CA TYR D 454 15.68 44.46 -24.48
C TYR D 454 17.11 45.02 -24.68
N SER D 455 17.96 44.87 -23.67
CA SER D 455 19.35 45.35 -23.76
C SER D 455 20.15 44.61 -24.82
N TRP D 456 20.04 43.29 -24.83
CA TRP D 456 20.66 42.48 -25.87
C TRP D 456 20.14 42.87 -27.26
N ILE D 457 18.84 43.04 -27.39
CA ILE D 457 18.21 43.41 -28.67
C ILE D 457 18.66 44.80 -29.14
N THR D 458 18.63 45.75 -28.21
CA THR D 458 18.89 47.14 -28.49
C THR D 458 20.31 47.34 -29.03
N MET D 459 21.26 46.68 -28.39
CA MET D 459 22.65 46.73 -28.82
C MET D 459 22.81 46.12 -30.21
N ASN D 460 22.22 44.96 -30.46
CA ASN D 460 22.26 44.35 -31.79
C ASN D 460 21.72 45.29 -32.88
N LEU D 461 20.52 45.83 -32.65
CA LEU D 461 19.87 46.67 -33.65
C LEU D 461 20.59 47.99 -33.86
N GLY D 462 21.08 48.59 -32.77
CA GLY D 462 21.80 49.85 -32.86
C GLY D 462 23.15 49.71 -33.57
N LEU D 463 23.88 48.65 -33.22
CA LEU D 463 25.20 48.38 -33.83
C LEU D 463 25.10 47.88 -35.28
N GLY D 464 24.01 47.19 -35.61
CA GLY D 464 23.77 46.77 -37.00
C GLY D 464 23.71 45.27 -37.23
N ILE D 465 23.48 44.50 -36.17
CA ILE D 465 23.24 43.08 -36.29
C ILE D 465 21.72 42.90 -36.32
N VAL D 466 21.19 42.71 -37.51
CA VAL D 466 19.79 42.90 -37.81
C VAL D 466 19.28 41.67 -38.56
N PRO D 467 18.11 41.12 -38.15
CA PRO D 467 17.61 39.97 -38.88
C PRO D 467 17.51 40.30 -40.36
N GLU D 468 17.86 39.32 -41.20
CA GLU D 468 17.83 39.47 -42.65
C GLU D 468 16.45 39.95 -43.09
N ARG D 469 15.39 39.36 -42.53
CA ARG D 469 14.02 39.76 -42.83
C ARG D 469 13.20 39.88 -41.54
N PRO D 470 12.03 40.54 -41.62
CA PRO D 470 11.10 40.60 -40.47
C PRO D 470 10.61 39.19 -40.09
N ARG D 471 10.01 39.05 -38.91
CA ARG D 471 9.50 37.75 -38.54
C ARG D 471 8.27 37.39 -39.37
N PRO D 472 8.32 36.22 -40.04
CA PRO D 472 7.31 35.91 -41.06
C PRO D 472 5.87 35.93 -40.55
N ALA D 473 5.67 35.56 -39.29
CA ALA D 473 4.34 35.59 -38.66
C ALA D 473 3.65 36.94 -38.78
N LEU D 474 4.42 38.02 -38.68
CA LEU D 474 3.88 39.37 -38.76
C LEU D 474 3.18 39.70 -40.07
N LEU D 475 3.57 39.04 -41.17
CA LEU D 475 2.91 39.27 -42.45
C LEU D 475 1.48 38.74 -42.47
N HIS D 476 1.20 37.77 -41.60
CA HIS D 476 -0.15 37.21 -41.47
C HIS D 476 -1.03 37.98 -40.49
N MET D 477 -0.52 39.07 -39.97
CA MET D 477 -1.21 39.76 -38.88
C MET D 477 -1.57 41.21 -39.22
N ASP D 478 -2.61 41.71 -38.56
CA ASP D 478 -3.04 43.11 -38.73
C ASP D 478 -1.97 44.05 -38.15
N PRO D 479 -1.40 44.94 -38.98
CA PRO D 479 -0.36 45.82 -38.49
C PRO D 479 -0.91 47.04 -37.75
N ALA D 480 -2.22 47.25 -37.80
CA ALA D 480 -2.85 48.46 -37.25
C ALA D 480 -2.57 48.73 -35.76
N PRO D 481 -2.74 47.70 -34.89
CA PRO D 481 -2.46 47.90 -33.47
C PRO D 481 -1.02 48.36 -33.17
N ALA D 482 -0.05 47.86 -33.94
CA ALA D 482 1.34 48.21 -33.70
C ALA D 482 1.66 49.61 -34.22
N LEU D 483 1.09 49.95 -35.37
CA LEU D 483 1.23 51.28 -35.93
C LEU D 483 0.60 52.34 -35.02
N ALA D 484 -0.51 51.97 -34.39
CA ALA D 484 -1.19 52.85 -33.43
C ALA D 484 -0.33 52.98 -32.17
N GLU D 485 0.51 51.98 -31.90
CA GLU D 485 1.38 52.04 -30.75
C GLU D 485 2.58 52.93 -31.05
N PHE D 486 3.12 52.85 -32.26
CA PHE D 486 4.24 53.69 -32.65
C PHE D 486 3.86 55.14 -32.57
N GLU D 487 2.65 55.45 -33.06
CA GLU D 487 2.09 56.79 -32.98
C GLU D 487 1.90 57.22 -31.53
N ARG D 488 1.37 56.31 -30.70
CA ARG D 488 1.14 56.61 -29.30
C ARG D 488 2.44 57.00 -28.62
N LEU D 489 3.50 56.25 -28.92
CA LEU D 489 4.84 56.54 -28.38
C LEU D 489 5.34 57.91 -28.84
N ARG D 490 5.13 58.20 -30.12
CA ARG D 490 5.59 59.46 -30.71
C ARG D 490 4.91 60.65 -30.05
N ARG D 491 3.63 60.49 -29.73
CA ARG D 491 2.81 61.54 -29.13
C ARG D 491 3.09 61.71 -27.65
N GLU D 492 3.25 60.60 -26.94
CA GLU D 492 3.65 60.63 -25.52
C GLU D 492 5.02 61.30 -25.37
N GLY D 493 5.93 61.03 -26.32
CA GLY D 493 7.24 61.66 -26.38
C GLY D 493 7.17 63.17 -26.54
N ASP D 494 6.37 63.62 -27.51
CA ASP D 494 6.09 65.03 -27.76
C ASP D 494 5.65 65.73 -26.47
N GLU D 495 4.72 65.11 -25.76
CA GLU D 495 4.11 65.70 -24.57
C GLU D 495 5.07 65.76 -23.39
N LEU D 496 5.96 64.79 -23.32
CA LEU D 496 6.88 64.69 -22.20
C LEU D 496 7.98 65.73 -22.26
N ILE D 497 8.54 65.95 -23.45
CA ILE D 497 9.63 66.92 -23.61
C ILE D 497 9.12 68.36 -23.46
N ALA D 498 7.83 68.55 -23.70
CA ALA D 498 7.19 69.84 -23.48
C ALA D 498 6.90 70.10 -22.00
N ALA D 499 6.67 69.04 -21.24
CA ALA D 499 6.24 69.17 -19.84
C ALA D 499 7.36 69.02 -18.81
N LEU D 500 8.39 68.25 -19.15
CA LEU D 500 9.49 67.99 -18.23
C LEU D 500 10.50 69.13 -18.21
N PRO D 501 11.10 69.40 -17.04
CA PRO D 501 12.19 70.36 -16.99
C PRO D 501 13.47 69.72 -17.52
N SER D 502 14.51 70.51 -17.76
CA SER D 502 15.81 69.96 -18.17
C SER D 502 16.47 69.19 -17.04
N CYS D 503 17.47 68.39 -17.38
CA CYS D 503 18.21 67.60 -16.40
C CYS D 503 18.79 68.53 -15.32
N TYR D 504 19.45 69.60 -15.75
CA TYR D 504 20.04 70.55 -14.81
C TYR D 504 18.99 71.30 -13.99
N GLU D 505 17.95 71.79 -14.66
CA GLU D 505 16.87 72.52 -13.99
C GLU D 505 16.33 71.75 -12.79
N TYR D 506 15.98 70.48 -12.97
CA TYR D 506 15.42 69.70 -11.87
C TYR D 506 16.43 69.52 -10.74
N LEU D 507 17.67 69.18 -11.10
CA LEU D 507 18.72 68.96 -10.12
C LEU D 507 19.01 70.24 -9.33
N ALA D 508 19.01 71.39 -10.00
CA ALA D 508 19.14 72.68 -9.32
C ALA D 508 18.07 72.86 -8.25
N SER D 509 16.83 72.52 -8.59
CA SER D 509 15.69 72.73 -7.68
C SER D 509 15.73 71.87 -6.41
N ILE D 510 16.53 70.81 -6.40
CA ILE D 510 16.63 69.91 -5.24
C ILE D 510 17.95 70.02 -4.47
N GLN D 511 18.83 70.92 -4.93
CA GLN D 511 20.11 71.14 -4.26
C GLN D 511 19.87 71.80 -2.90
CL CL E . 0.26 15.10 -18.58
PA FAD F . -4.63 11.34 -29.62
O1A FAD F . -4.16 9.90 -29.64
O2A FAD F . -5.74 11.59 -28.67
O5B FAD F . -5.10 11.75 -31.11
C5B FAD F . -4.69 11.09 -32.27
C4B FAD F . -5.57 11.54 -33.43
O4B FAD F . -4.93 11.19 -34.65
C3B FAD F . -6.93 10.87 -33.46
O3B FAD F . -7.87 11.83 -33.91
C2B FAD F . -6.75 9.78 -34.48
O2B FAD F . -7.93 9.50 -35.18
C1B FAD F . -5.81 10.49 -35.46
N9A FAD F . -5.13 9.58 -36.41
C8A FAD F . -4.25 8.58 -36.11
N7A FAD F . -3.90 8.01 -37.27
C5A FAD F . -4.54 8.62 -38.29
C6A FAD F . -4.54 8.43 -39.67
N6A FAD F . -3.98 7.34 -40.24
N1A FAD F . -5.31 9.25 -40.45
C2A FAD F . -6.11 10.23 -39.91
N3A FAD F . -6.09 10.41 -38.54
C4A FAD F . -5.32 9.62 -37.76
N1 FAD F . -2.39 15.71 -20.40
C2 FAD F . -2.74 16.71 -19.52
O2 FAD F . -2.59 17.87 -19.84
N3 FAD F . -3.28 16.39 -18.31
C4 FAD F . -3.42 15.08 -17.94
O4 FAD F . -3.89 14.86 -16.83
C4X FAD F . -3.04 14.05 -18.80
N5 FAD F . -3.18 12.71 -18.47
C5X FAD F . -2.81 11.73 -19.35
C6 FAD F . -2.90 10.40 -18.99
C7 FAD F . -2.51 9.41 -19.86
C7M FAD F . -2.68 7.98 -19.43
C8 FAD F . -2.02 9.75 -21.11
C8M FAD F . -1.58 8.68 -22.06
C9 FAD F . -1.90 11.07 -21.48
C9A FAD F . -2.29 12.08 -20.61
N10 FAD F . -2.17 13.43 -20.95
C10 FAD F . -2.53 14.39 -20.05
C1' FAD F . -1.94 13.87 -22.37
C2' FAD F . -3.22 14.11 -23.18
O2' FAD F . -3.98 12.93 -23.33
C3' FAD F . -2.83 14.65 -24.56
O3' FAD F . -1.93 15.72 -24.36
C4' FAD F . -4.03 15.12 -25.37
O4' FAD F . -5.10 14.20 -25.28
C5' FAD F . -3.66 15.22 -26.85
O5' FAD F . -3.56 13.92 -27.44
P FAD F . -3.19 13.83 -28.98
O1P FAD F . -4.13 14.77 -29.72
O2P FAD F . -1.75 14.25 -29.21
O3P FAD F . -3.32 12.27 -29.36
CL CL G . 7.57 34.81 -26.05
N TRP H . -5.08 -25.16 14.16
CA TRP H . -4.14 -24.19 14.82
C TRP H . -4.76 -22.77 14.91
O TRP H . -4.16 -21.76 15.28
CB TRP H . -2.76 -24.23 14.10
CG TRP H . -2.73 -23.62 12.67
CD1 TRP H . -3.79 -23.36 11.85
CD2 TRP H . -1.55 -23.23 11.94
NE1 TRP H . -3.35 -22.82 10.66
CE2 TRP H . -1.99 -22.72 10.69
CE3 TRP H . -0.17 -23.25 12.22
CZ2 TRP H . -1.09 -22.21 9.72
CZ3 TRP H . 0.71 -22.76 11.25
CH2 TRP H . 0.25 -22.25 10.01
OXT TRP H . -5.95 -22.60 14.64
CL CL I . 8.21 -25.53 17.43
PA FAD J . 14.20 -23.48 28.20
O1A FAD J . 15.57 -24.13 27.98
O2A FAD J . 14.11 -22.17 27.40
O5B FAD J . 14.09 -23.18 29.79
C5B FAD J . 14.92 -23.89 30.71
C4B FAD J . 14.79 -23.26 32.09
O4B FAD J . 15.15 -24.19 33.10
C3B FAD J . 15.73 -22.09 32.26
O3B FAD J . 15.07 -21.15 33.07
C2B FAD J . 16.85 -22.64 33.11
O2B FAD J . 17.44 -21.65 33.91
C1B FAD J . 16.08 -23.59 33.99
N9A FAD J . 16.94 -24.60 34.61
C8A FAD J . 17.64 -25.61 33.99
N7A FAD J . 18.31 -26.33 34.95
C5A FAD J . 18.05 -25.77 36.16
C6A FAD J . 18.46 -26.06 37.46
N6A FAD J . 19.52 -26.86 37.67
N1A FAD J . 18.02 -25.28 38.52
C2A FAD J . 17.16 -24.22 38.30
N3A FAD J . 16.76 -23.93 37.01
C4A FAD J . 17.19 -24.68 35.95
N1 FAD J . 8.29 -22.95 19.57
C2 FAD J . 7.26 -22.25 18.94
O2 FAD J . 6.09 -22.21 19.39
N3 FAD J . 7.55 -21.55 17.79
C4 FAD J . 8.81 -21.54 17.25
O4 FAD J . 8.99 -20.89 16.20
C4X FAD J . 9.85 -22.25 17.88
N5 FAD J . 11.13 -22.28 17.38
C5X FAD J . 12.14 -23.01 18.01
C6 FAD J . 13.42 -23.00 17.46
C7 FAD J . 14.43 -23.73 18.09
C7M FAD J . 15.80 -23.73 17.49
C8 FAD J . 14.19 -24.43 19.27
C8M FAD J . 15.34 -25.17 19.91
C9 FAD J . 12.90 -24.42 19.83
C9A FAD J . 11.86 -23.70 19.19
N10 FAD J . 10.56 -23.67 19.70
C10 FAD J . 9.57 -22.95 19.05
C1' FAD J . 10.22 -24.13 21.10
C2' FAD J . 10.42 -23.01 22.15
O2' FAD J . 11.77 -22.60 22.21
C3' FAD J . 9.95 -23.53 23.54
O3' FAD J . 8.67 -24.12 23.41
C4' FAD J . 9.92 -22.46 24.62
O4' FAD J . 11.10 -21.66 24.51
C5' FAD J . 9.88 -23.12 26.02
O5' FAD J . 11.13 -23.73 26.29
P FAD J . 11.43 -24.40 27.74
O1P FAD J . 10.91 -23.40 28.79
O2P FAD J . 10.72 -25.75 27.80
O3P FAD J . 13.06 -24.59 27.83
CL CL K . -11.34 -30.17 26.85
CL CL L . -32.77 -48.28 14.38
PA FAD M . -37.19 -53.30 3.85
O1A FAD M . -37.25 -54.76 4.23
O2A FAD M . -38.25 -52.46 4.49
O5B FAD M . -37.28 -53.16 2.25
C5B FAD M . -36.97 -54.25 1.42
C4B FAD M . -37.46 -53.98 0.02
O4B FAD M . -36.83 -54.87 -0.88
C3B FAD M . -38.95 -54.25 -0.11
O3B FAD M . -39.40 -53.24 -0.98
C2B FAD M . -39.03 -55.58 -0.80
O2B FAD M . -40.22 -55.77 -1.56
C1B FAD M . -37.80 -55.48 -1.70
N9A FAD M . -37.34 -56.78 -2.20
C8A FAD M . -36.85 -57.84 -1.49
N7A FAD M . -36.56 -58.83 -2.35
C5A FAD M . -36.86 -58.43 -3.61
C6A FAD M . -36.76 -59.04 -4.86
N6A FAD M . -36.52 -60.36 -4.95
N1A FAD M . -37.14 -58.32 -5.97
C2A FAD M . -37.63 -57.05 -5.89
N3A FAD M . -37.73 -56.46 -4.65
C4A FAD M . -37.35 -57.13 -3.53
N1 FAD M . -34.83 -47.25 12.07
C2 FAD M . -34.93 -45.97 12.59
O2 FAD M . -34.34 -45.03 12.05
N3 FAD M . -35.68 -45.75 13.71
C4 FAD M . -36.34 -46.81 14.34
O4 FAD M . -36.99 -46.58 15.36
C4X FAD M . -36.23 -48.11 13.82
N5 FAD M . -36.87 -49.18 14.41
C5X FAD M . -36.74 -50.45 13.89
C6 FAD M . -37.38 -51.51 14.53
C7 FAD M . -37.27 -52.80 14.01
C7M FAD M . -37.97 -53.92 14.70
C8 FAD M . -36.52 -53.03 12.85
C8M FAD M . -36.40 -54.43 12.28
C9 FAD M . -35.90 -51.95 12.21
C9A FAD M . -35.99 -50.66 12.74
N10 FAD M . -35.36 -49.58 12.13
C10 FAD M . -35.47 -48.32 12.68
C1' FAD M . -34.80 -49.71 10.74
C2' FAD M . -35.79 -49.33 9.62
O2' FAD M . -36.91 -50.20 9.54
C3' FAD M . -35.06 -49.35 8.28
O3' FAD M . -33.90 -48.54 8.41
C4' FAD M . -35.92 -48.84 7.12
O4' FAD M . -37.23 -49.36 7.20
C5' FAD M . -35.32 -49.24 5.77
O5' FAD M . -35.49 -50.65 5.57
P FAD M . -35.05 -51.34 4.19
O1P FAD M . -35.57 -50.46 3.08
O2P FAD M . -33.56 -51.49 4.15
O3P FAD M . -35.71 -52.80 4.25
S SO4 N . -13.70 -61.56 1.97
O1 SO4 N . -13.79 -60.43 2.94
O2 SO4 N . -14.48 -62.74 2.41
O3 SO4 N . -14.06 -61.10 0.63
O4 SO4 N . -12.33 -62.10 1.94
CL CL O . -18.00 -34.85 4.28
CL CL P . 32.07 49.40 -14.90
PA FAD Q . 39.49 50.86 -4.92
O1A FAD Q . 40.90 50.80 -5.51
O2A FAD Q . 38.82 52.18 -5.29
O5B FAD Q . 39.64 50.73 -3.31
C5B FAD Q . 40.79 50.16 -2.74
C4B FAD Q . 40.76 50.41 -1.25
O4B FAD Q . 41.58 49.46 -0.61
C3B FAD Q . 41.33 51.77 -0.89
O3B FAD Q . 40.55 52.31 0.15
C2B FAD Q . 42.71 51.45 -0.40
O2B FAD Q . 43.18 52.40 0.54
C1B FAD Q . 42.44 50.12 0.27
N9A FAD Q . 43.64 49.33 0.50
C8A FAD Q . 44.44 48.74 -0.44
N7A FAD Q . 45.44 48.09 0.22
C5A FAD Q . 45.29 48.27 1.56
C6A FAD Q . 46.03 47.84 2.66
N6A FAD Q . 47.29 47.41 2.50
N1A FAD Q . 45.59 48.20 3.92
C2A FAD Q . 44.47 48.99 4.08
N3A FAD Q . 43.74 49.41 2.99
C4A FAD Q . 44.15 49.06 1.74
N1 FAD Q . 32.03 51.28 -12.29
C2 FAD Q . 30.76 51.75 -12.57
O2 FAD Q . 29.79 51.31 -11.95
N3 FAD Q . 30.57 52.73 -13.53
C4 FAD Q . 31.67 53.25 -14.22
O4 FAD Q . 31.47 54.12 -15.08
C4X FAD Q . 32.96 52.78 -13.94
N5 FAD Q . 34.08 53.27 -14.61
C5X FAD Q . 35.34 52.78 -14.32
C6 FAD Q . 36.44 53.29 -15.02
C7 FAD Q . 37.71 52.80 -14.74
C7M FAD Q . 38.89 53.36 -15.49
C8 FAD Q . 37.91 51.82 -13.77
C8M FAD Q . 39.29 51.31 -13.46
C9 FAD Q . 36.81 51.33 -13.06
C9A FAD Q . 35.51 51.80 -13.34
N10 FAD Q . 34.40 51.31 -12.65
C10 FAD Q . 33.13 51.79 -12.96
C1' FAD Q . 34.54 50.47 -11.40
C2' FAD Q . 34.61 51.32 -10.12
O2' FAD Q . 35.79 52.11 -10.12
C3' FAD Q . 34.58 50.40 -8.88
O3' FAD Q . 33.53 49.47 -9.02
C4' FAD Q . 34.42 51.18 -7.57
O4' FAD Q . 35.22 52.36 -7.59
C5' FAD Q . 34.86 50.32 -6.39
O5' FAD Q . 36.27 50.17 -6.37
P FAD Q . 37.00 49.30 -5.23
O1P FAD Q . 36.49 49.76 -3.86
O2P FAD Q . 36.74 47.83 -5.46
O3P FAD Q . 38.61 49.59 -5.40
CL CL R . 17.04 36.46 -4.62
#